data_2KQS
#
_entry.id   2KQS
#
loop_
_entity.id
_entity.type
_entity.pdbx_description
1 polymer 'Small ubiquitin-related modifier 1'
2 polymer 'Death domain-associated protein 6'
#
loop_
_entity_poly.entity_id
_entity_poly.type
_entity_poly.pdbx_seq_one_letter_code
_entity_poly.pdbx_strand_id
1 'polypeptide(L)'
;GSMSDQEAKPSTEDLGDKKEGEYIKLKVIGQDSSEIHFKVKMTTHLKKLKESYCQRQGVPMNSLRFLFEGQRIADNHTPK
ELGMEEEDVIEVYQEQTGG
;
A
2 'polypeptide(L)' GSKTSVATQCDPEEIIVLSDSD B
#
# COMPACT_ATOMS: atom_id res chain seq x y z
N MET A 3 -21.71 4.30 0.66
CA MET A 3 -23.08 4.83 0.84
C MET A 3 -23.61 4.47 2.22
N SER A 4 -23.59 5.45 3.11
CA SER A 4 -24.11 5.29 4.46
C SER A 4 -25.36 6.14 4.57
N ASP A 5 -25.16 7.45 4.56
CA ASP A 5 -26.25 8.38 4.38
C ASP A 5 -26.05 9.08 3.04
N GLN A 6 -24.84 9.57 2.83
CA GLN A 6 -24.48 10.19 1.56
C GLN A 6 -23.23 9.54 0.97
N GLU A 7 -22.06 10.08 1.28
CA GLU A 7 -20.83 9.69 0.60
C GLU A 7 -19.83 9.02 1.55
N ALA A 8 -20.33 8.17 2.43
CA ALA A 8 -19.46 7.50 3.39
C ALA A 8 -19.74 6.01 3.42
N LYS A 9 -18.74 5.22 3.79
CA LYS A 9 -18.91 3.80 4.02
C LYS A 9 -19.20 3.53 5.51
N PRO A 10 -20.29 2.81 5.81
CA PRO A 10 -20.69 2.51 7.18
C PRO A 10 -20.13 1.18 7.68
N SER A 11 -18.82 1.08 7.73
CA SER A 11 -18.17 -0.15 8.14
C SER A 11 -17.34 0.05 9.40
N THR A 12 -17.13 1.31 9.78
CA THR A 12 -16.26 1.65 10.90
C THR A 12 -16.86 1.21 12.23
N GLU A 13 -18.17 1.07 12.27
CA GLU A 13 -18.85 0.68 13.51
C GLU A 13 -19.03 -0.84 13.59
N ASP A 14 -18.24 -1.56 12.80
CA ASP A 14 -18.20 -3.01 12.86
C ASP A 14 -16.76 -3.49 13.02
N LEU A 15 -15.93 -3.13 12.04
CA LEU A 15 -14.51 -3.45 12.09
C LEU A 15 -13.72 -2.35 12.79
N GLY A 16 -12.49 -2.65 13.16
CA GLY A 16 -11.64 -1.65 13.77
C GLY A 16 -10.95 -2.15 15.01
N ASP A 17 -10.37 -3.33 14.90
CA ASP A 17 -9.76 -4.00 16.05
C ASP A 17 -8.27 -3.67 16.16
N LYS A 18 -7.74 -3.02 15.14
CA LYS A 18 -6.30 -2.72 15.08
C LYS A 18 -5.93 -1.57 16.03
N LYS A 19 -5.86 -0.34 15.53
CA LYS A 19 -5.61 0.79 16.41
C LYS A 19 -6.83 1.72 16.44
N GLU A 20 -6.84 2.75 15.61
CA GLU A 20 -7.98 3.65 15.57
C GLU A 20 -8.98 3.19 14.53
N GLY A 21 -9.82 2.26 14.95
CA GLY A 21 -10.79 1.73 14.04
C GLY A 21 -10.09 1.07 12.88
N GLU A 22 -10.32 1.56 11.68
CA GLU A 22 -9.62 1.04 10.52
C GLU A 22 -9.14 2.14 9.58
N TYR A 23 -8.03 1.84 8.94
CA TYR A 23 -7.46 2.67 7.89
C TYR A 23 -7.99 2.22 6.54
N ILE A 24 -7.32 2.59 5.47
CA ILE A 24 -7.77 2.24 4.13
C ILE A 24 -6.66 1.48 3.41
N LYS A 25 -7.05 0.50 2.64
CA LYS A 25 -6.12 -0.40 1.99
C LYS A 25 -6.09 -0.16 0.50
N LEU A 26 -4.92 -0.14 -0.08
CA LEU A 26 -4.80 0.00 -1.52
C LEU A 26 -4.33 -1.30 -2.13
N LYS A 27 -4.69 -1.48 -3.38
CA LYS A 27 -4.30 -2.66 -4.13
C LYS A 27 -3.13 -2.31 -5.02
N VAL A 28 -1.94 -2.75 -4.66
CA VAL A 28 -0.77 -2.43 -5.45
C VAL A 28 -0.51 -3.52 -6.48
N ILE A 29 -0.48 -3.13 -7.73
CA ILE A 29 -0.18 -4.03 -8.82
C ILE A 29 1.28 -3.89 -9.23
N GLY A 30 2.05 -4.93 -9.05
CA GLY A 30 3.45 -4.87 -9.42
C GLY A 30 3.65 -5.37 -10.83
N GLN A 31 4.79 -5.05 -11.42
CA GLN A 31 5.10 -5.48 -12.77
C GLN A 31 5.37 -6.97 -12.81
N ASP A 32 5.58 -7.55 -11.63
CA ASP A 32 5.75 -8.99 -11.49
C ASP A 32 4.41 -9.65 -11.26
N SER A 33 3.34 -8.85 -11.39
CA SER A 33 1.95 -9.30 -11.22
C SER A 33 1.63 -9.52 -9.75
N SER A 34 2.62 -9.30 -8.90
CA SER A 34 2.42 -9.32 -7.46
C SER A 34 1.44 -8.21 -7.06
N GLU A 35 0.35 -8.57 -6.42
CA GLU A 35 -0.60 -7.57 -5.96
C GLU A 35 -0.62 -7.60 -4.44
N ILE A 36 -0.29 -6.47 -3.82
CA ILE A 36 -0.19 -6.42 -2.37
C ILE A 36 -1.19 -5.43 -1.81
N HIS A 37 -1.75 -5.77 -0.67
CA HIS A 37 -2.74 -4.93 -0.01
C HIS A 37 -2.07 -4.12 1.10
N PHE A 38 -2.10 -2.80 0.98
CA PHE A 38 -1.49 -1.94 2.00
C PHE A 38 -2.53 -1.13 2.74
N LYS A 39 -2.53 -1.24 4.07
CA LYS A 39 -3.42 -0.46 4.90
C LYS A 39 -2.70 0.79 5.41
N VAL A 40 -2.92 1.88 4.70
CA VAL A 40 -2.36 3.18 5.04
C VAL A 40 -3.47 4.10 5.51
N LYS A 41 -3.13 5.14 6.24
CA LYS A 41 -4.13 6.09 6.67
C LYS A 41 -4.56 6.96 5.50
N MET A 42 -5.79 7.46 5.54
CA MET A 42 -6.34 8.29 4.46
C MET A 42 -5.35 9.31 3.94
N THR A 43 -4.58 9.90 4.85
CA THR A 43 -3.68 10.98 4.50
C THR A 43 -2.22 10.55 4.69
N THR A 44 -1.93 9.30 4.31
CA THR A 44 -0.58 8.75 4.41
C THR A 44 0.21 9.03 3.13
N HIS A 45 1.48 9.46 3.27
CA HIS A 45 2.34 9.65 2.10
C HIS A 45 2.35 8.39 1.28
N LEU A 46 1.84 8.46 0.08
CA LEU A 46 1.80 7.31 -0.76
C LEU A 46 3.19 6.94 -1.19
N LYS A 47 4.20 7.79 -0.90
CA LYS A 47 5.58 7.45 -1.16
C LYS A 47 5.94 6.23 -0.38
N LYS A 48 5.49 6.23 0.86
CA LYS A 48 5.79 5.17 1.79
C LYS A 48 5.28 3.87 1.20
N LEU A 49 4.06 3.91 0.69
CA LEU A 49 3.47 2.79 -0.03
C LEU A 49 4.38 2.34 -1.17
N LYS A 50 4.89 3.29 -1.93
CA LYS A 50 5.73 3.01 -3.07
C LYS A 50 7.03 2.35 -2.60
N GLU A 51 7.61 2.94 -1.56
CA GLU A 51 8.87 2.49 -1.01
C GLU A 51 8.74 1.13 -0.38
N SER A 52 7.65 0.88 0.34
CA SER A 52 7.45 -0.41 0.97
C SER A 52 7.54 -1.52 -0.07
N TYR A 53 6.79 -1.35 -1.17
CA TYR A 53 6.84 -2.32 -2.27
C TYR A 53 8.29 -2.48 -2.76
N CYS A 54 8.87 -1.37 -3.19
CA CYS A 54 10.16 -1.38 -3.87
C CYS A 54 11.26 -1.86 -2.96
N GLN A 55 11.30 -1.28 -1.77
CA GLN A 55 12.35 -1.55 -0.81
C GLN A 55 12.44 -3.04 -0.46
N ARG A 56 11.32 -3.63 -0.07
CA ARG A 56 11.37 -5.01 0.42
C ARG A 56 11.55 -5.97 -0.73
N GLN A 57 11.08 -5.57 -1.90
CA GLN A 57 11.20 -6.40 -3.09
C GLN A 57 12.50 -6.14 -3.85
N GLY A 58 13.33 -5.24 -3.32
CA GLY A 58 14.65 -5.01 -3.89
C GLY A 58 14.62 -4.17 -5.16
N VAL A 59 13.88 -3.09 -5.13
CA VAL A 59 13.74 -2.20 -6.28
C VAL A 59 14.20 -0.79 -5.89
N PRO A 60 14.86 -0.06 -6.81
CA PRO A 60 15.19 1.34 -6.58
C PRO A 60 14.00 2.24 -6.89
N MET A 61 13.76 3.20 -6.01
CA MET A 61 12.60 4.07 -6.11
C MET A 61 12.59 4.88 -7.41
N ASN A 62 13.75 5.04 -8.04
CA ASN A 62 13.82 5.83 -9.27
C ASN A 62 13.45 4.99 -10.48
N SER A 63 13.28 3.69 -10.29
CA SER A 63 12.96 2.81 -11.39
C SER A 63 11.46 2.48 -11.43
N LEU A 64 10.73 2.82 -10.37
CA LEU A 64 9.33 2.44 -10.31
C LEU A 64 8.43 3.59 -9.90
N ARG A 65 7.30 3.68 -10.59
CA ARG A 65 6.28 4.67 -10.30
C ARG A 65 4.97 3.99 -9.94
N PHE A 66 4.33 4.48 -8.88
CA PHE A 66 3.04 3.94 -8.45
C PHE A 66 1.95 4.92 -8.82
N LEU A 67 0.88 4.41 -9.42
CA LEU A 67 -0.18 5.26 -9.92
C LEU A 67 -1.55 4.77 -9.53
N PHE A 68 -2.48 5.68 -9.38
CA PHE A 68 -3.87 5.33 -9.14
C PHE A 68 -4.66 5.42 -10.44
N GLU A 69 -4.94 4.26 -11.04
CA GLU A 69 -5.67 4.19 -12.29
C GLU A 69 -4.93 4.96 -13.39
N GLY A 70 -3.61 4.91 -13.34
CA GLY A 70 -2.79 5.63 -14.30
C GLY A 70 -2.45 7.05 -13.85
N GLN A 71 -2.78 7.37 -12.60
CA GLN A 71 -2.47 8.69 -12.07
C GLN A 71 -1.20 8.65 -11.25
N ARG A 72 -0.17 9.35 -11.73
CA ARG A 72 1.14 9.35 -11.10
C ARG A 72 1.07 9.80 -9.65
N ILE A 73 1.40 8.88 -8.74
CA ILE A 73 1.45 9.20 -7.33
C ILE A 73 2.74 9.94 -6.99
N ALA A 74 2.61 11.05 -6.29
CA ALA A 74 3.77 11.81 -5.83
C ALA A 74 4.12 11.40 -4.41
N ASP A 75 5.27 11.80 -3.92
CA ASP A 75 5.71 11.33 -2.60
C ASP A 75 4.81 11.82 -1.49
N ASN A 76 4.41 13.07 -1.57
CA ASN A 76 3.63 13.67 -0.50
C ASN A 76 2.14 13.62 -0.81
N HIS A 77 1.77 12.78 -1.75
CA HIS A 77 0.37 12.62 -2.11
C HIS A 77 -0.20 11.40 -1.42
N THR A 78 -1.45 11.50 -0.99
CA THR A 78 -2.10 10.43 -0.25
C THR A 78 -3.41 10.06 -0.93
N PRO A 79 -4.02 8.91 -0.61
CA PRO A 79 -5.30 8.52 -1.19
C PRO A 79 -6.36 9.62 -1.02
N LYS A 80 -6.33 10.27 0.15
CA LYS A 80 -7.28 11.33 0.47
C LYS A 80 -7.19 12.45 -0.57
N GLU A 81 -5.96 12.84 -0.90
CA GLU A 81 -5.72 13.95 -1.80
C GLU A 81 -6.07 13.56 -3.24
N LEU A 82 -5.77 12.33 -3.60
CA LEU A 82 -5.96 11.88 -4.97
C LEU A 82 -7.42 11.51 -5.23
N GLY A 83 -8.17 11.36 -4.14
CA GLY A 83 -9.59 11.08 -4.25
C GLY A 83 -9.90 9.60 -4.25
N MET A 84 -9.05 8.83 -3.59
CA MET A 84 -9.26 7.40 -3.45
C MET A 84 -9.82 7.10 -2.07
N GLU A 85 -10.23 5.85 -1.88
CA GLU A 85 -10.76 5.40 -0.61
C GLU A 85 -10.21 4.03 -0.30
N GLU A 86 -10.75 3.36 0.70
CA GLU A 86 -10.38 2.00 0.98
C GLU A 86 -10.59 1.12 -0.26
N GLU A 87 -9.64 0.23 -0.48
CA GLU A 87 -9.74 -0.81 -1.50
C GLU A 87 -9.52 -0.26 -2.91
N ASP A 88 -8.95 0.94 -3.01
CA ASP A 88 -8.61 1.49 -4.32
C ASP A 88 -7.37 0.82 -4.88
N VAL A 89 -7.14 1.00 -6.17
CA VAL A 89 -6.11 0.25 -6.88
C VAL A 89 -4.99 1.18 -7.37
N ILE A 90 -3.75 0.70 -7.24
CA ILE A 90 -2.57 1.43 -7.66
C ILE A 90 -1.68 0.51 -8.51
N GLU A 91 -1.30 0.97 -9.70
CA GLU A 91 -0.48 0.18 -10.60
C GLU A 91 0.96 0.63 -10.53
N VAL A 92 1.86 -0.30 -10.74
CA VAL A 92 3.28 -0.01 -10.79
C VAL A 92 3.76 -0.02 -12.22
N TYR A 93 4.45 1.02 -12.58
CA TYR A 93 5.03 1.16 -13.91
C TYR A 93 6.46 1.62 -13.75
N GLN A 94 7.22 1.55 -14.82
CA GLN A 94 8.65 1.83 -14.73
C GLN A 94 8.91 3.32 -14.88
N GLU A 95 9.62 3.88 -13.90
CA GLU A 95 9.97 5.28 -13.88
C GLU A 95 11.11 5.59 -14.85
N GLN A 96 12.21 4.89 -14.65
CA GLN A 96 13.39 5.03 -15.49
C GLN A 96 13.89 3.65 -15.88
N THR A 97 15.15 3.59 -16.32
CA THR A 97 15.80 2.31 -16.59
C THR A 97 15.74 1.40 -15.35
N GLY A 98 15.64 0.10 -15.60
CA GLY A 98 15.59 -0.88 -14.52
C GLY A 98 16.79 -0.79 -13.60
N GLY A 99 16.63 -1.32 -12.39
CA GLY A 99 17.68 -1.25 -11.39
C GLY A 99 18.02 -2.61 -10.86
N LYS B 3 -17.62 -31.02 8.19
CA LYS B 3 -17.73 -31.60 6.83
C LYS B 3 -16.79 -30.90 5.87
N THR B 4 -16.54 -29.64 6.12
CA THR B 4 -15.65 -28.85 5.27
C THR B 4 -14.20 -29.05 5.68
N SER B 5 -13.31 -29.05 4.71
CA SER B 5 -11.90 -29.25 4.98
C SER B 5 -11.11 -28.09 4.38
N VAL B 6 -10.03 -27.70 5.02
CA VAL B 6 -9.23 -26.59 4.52
C VAL B 6 -8.10 -27.11 3.65
N ALA B 7 -7.87 -26.43 2.54
CA ALA B 7 -6.80 -26.81 1.61
C ALA B 7 -5.76 -25.71 1.57
N THR B 8 -4.50 -26.08 1.55
CA THR B 8 -3.43 -25.11 1.53
C THR B 8 -3.27 -24.54 0.14
N GLN B 9 -3.04 -23.23 0.07
CA GLN B 9 -2.91 -22.54 -1.21
C GLN B 9 -1.46 -22.15 -1.44
N CYS B 10 -1.17 -21.77 -2.66
CA CYS B 10 0.14 -21.30 -3.03
C CYS B 10 0.14 -19.78 -3.00
N ASP B 11 1.15 -19.21 -2.38
CA ASP B 11 1.20 -17.77 -2.18
C ASP B 11 2.39 -17.15 -2.91
N PRO B 12 2.12 -16.06 -3.64
CA PRO B 12 3.14 -15.31 -4.36
C PRO B 12 3.81 -14.26 -3.47
N GLU B 13 4.26 -13.17 -4.07
CA GLU B 13 4.92 -12.10 -3.33
C GLU B 13 4.05 -11.55 -2.22
N GLU B 14 4.58 -11.55 -1.01
CA GLU B 14 3.91 -10.92 0.10
C GLU B 14 4.72 -9.74 0.60
N ILE B 15 4.24 -8.55 0.32
CA ILE B 15 4.86 -7.35 0.81
C ILE B 15 4.12 -6.88 2.05
N ILE B 16 4.84 -6.34 3.01
CA ILE B 16 4.22 -5.85 4.23
C ILE B 16 3.83 -4.40 4.09
N VAL B 17 3.02 -3.91 5.01
CA VAL B 17 2.61 -2.53 4.98
C VAL B 17 3.29 -1.75 6.11
N LEU B 18 3.41 -0.47 5.87
CA LEU B 18 4.02 0.48 6.79
C LEU B 18 3.02 0.93 7.84
N SER B 19 3.52 1.68 8.82
CA SER B 19 2.69 2.16 9.89
C SER B 19 1.98 3.44 9.46
N ASP B 20 0.77 3.63 9.97
CA ASP B 20 -0.15 4.63 9.47
C ASP B 20 0.22 6.04 9.85
N SER B 21 -0.08 6.96 8.94
CA SER B 21 0.08 8.38 9.14
C SER B 21 -1.20 8.95 9.75
N ASP B 22 -1.27 10.28 9.89
CA ASP B 22 -2.50 10.95 10.31
C ASP B 22 -2.83 10.64 11.77
N MET A 3 -15.39 -20.31 -5.88
CA MET A 3 -15.06 -18.95 -5.40
C MET A 3 -16.31 -18.26 -4.86
N SER A 4 -16.73 -18.67 -3.68
CA SER A 4 -17.90 -18.08 -3.03
C SER A 4 -17.47 -17.21 -1.85
N ASP A 5 -16.22 -17.39 -1.43
CA ASP A 5 -15.66 -16.68 -0.27
C ASP A 5 -15.26 -15.26 -0.63
N GLN A 6 -15.09 -15.00 -1.90
CA GLN A 6 -14.55 -13.73 -2.36
C GLN A 6 -15.63 -12.77 -2.83
N GLU A 7 -16.80 -12.84 -2.20
CA GLU A 7 -17.85 -11.87 -2.44
C GLU A 7 -17.83 -10.83 -1.33
N ALA A 8 -17.57 -11.28 -0.13
CA ALA A 8 -17.50 -10.41 1.03
C ALA A 8 -16.22 -9.57 1.02
N LYS A 9 -16.22 -8.52 1.82
CA LYS A 9 -15.10 -7.60 1.87
C LYS A 9 -13.88 -8.22 2.54
N PRO A 10 -12.76 -8.32 1.80
CA PRO A 10 -11.49 -8.75 2.34
C PRO A 10 -10.72 -7.53 2.85
N SER A 11 -11.47 -6.61 3.43
CA SER A 11 -10.92 -5.36 3.92
C SER A 11 -11.10 -5.21 5.42
N THR A 12 -11.91 -6.07 6.02
CA THR A 12 -12.20 -5.99 7.45
C THR A 12 -10.99 -6.46 8.27
N GLU A 13 -10.60 -7.71 8.08
CA GLU A 13 -9.42 -8.25 8.74
C GLU A 13 -8.17 -7.88 7.96
N ASP A 14 -8.35 -6.95 7.04
CA ASP A 14 -7.28 -6.44 6.21
C ASP A 14 -6.58 -5.29 6.94
N LEU A 15 -7.24 -4.78 7.97
CA LEU A 15 -6.68 -3.73 8.79
C LEU A 15 -6.16 -4.27 10.12
N GLY A 16 -5.40 -3.46 10.84
CA GLY A 16 -4.90 -3.89 12.13
C GLY A 16 -3.45 -4.34 12.06
N ASP A 17 -2.60 -3.52 11.46
CA ASP A 17 -1.18 -3.85 11.34
C ASP A 17 -0.45 -3.57 12.65
N LYS A 18 -0.60 -2.36 13.17
CA LYS A 18 0.03 -2.00 14.42
C LYS A 18 -1.00 -1.68 15.50
N LYS A 19 -1.56 -0.48 15.47
CA LYS A 19 -2.54 -0.10 16.46
C LYS A 19 -3.96 -0.18 15.90
N GLU A 20 -4.45 0.94 15.38
CA GLU A 20 -5.83 1.05 14.96
C GLU A 20 -6.11 2.43 14.40
N GLY A 21 -7.37 2.67 14.12
CA GLY A 21 -7.80 3.91 13.56
C GLY A 21 -8.41 3.60 12.23
N GLU A 22 -9.14 4.52 11.65
CA GLU A 22 -9.68 4.18 10.35
C GLU A 22 -8.73 4.60 9.27
N TYR A 23 -8.19 3.61 8.63
CA TYR A 23 -7.29 3.79 7.52
C TYR A 23 -7.74 2.95 6.34
N ILE A 24 -7.07 3.12 5.22
CA ILE A 24 -7.53 2.55 3.98
C ILE A 24 -6.45 1.73 3.31
N LYS A 25 -6.88 0.75 2.55
CA LYS A 25 -5.97 -0.13 1.86
C LYS A 25 -6.01 0.13 0.37
N LEU A 26 -4.86 0.17 -0.26
CA LEU A 26 -4.82 0.25 -1.71
C LEU A 26 -4.36 -1.09 -2.27
N LYS A 27 -4.71 -1.34 -3.51
CA LYS A 27 -4.39 -2.57 -4.19
C LYS A 27 -3.25 -2.28 -5.14
N VAL A 28 -2.04 -2.70 -4.80
CA VAL A 28 -0.90 -2.41 -5.64
C VAL A 28 -0.65 -3.56 -6.60
N ILE A 29 -0.55 -3.22 -7.87
CA ILE A 29 -0.23 -4.18 -8.91
C ILE A 29 1.25 -4.10 -9.24
N GLY A 30 1.94 -5.22 -9.15
CA GLY A 30 3.35 -5.22 -9.47
C GLY A 30 3.59 -5.66 -10.91
N GLN A 31 4.71 -5.23 -11.48
CA GLN A 31 5.12 -5.67 -12.80
C GLN A 31 5.48 -7.16 -12.78
N ASP A 32 5.66 -7.67 -11.57
CA ASP A 32 5.91 -9.09 -11.36
C ASP A 32 4.59 -9.83 -11.21
N SER A 33 3.49 -9.07 -11.25
CA SER A 33 2.14 -9.58 -11.01
C SER A 33 1.93 -9.86 -9.52
N SER A 34 2.92 -9.49 -8.73
CA SER A 34 2.78 -9.45 -7.28
C SER A 34 1.83 -8.33 -6.89
N GLU A 35 0.66 -8.68 -6.39
CA GLU A 35 -0.34 -7.69 -6.03
C GLU A 35 -0.50 -7.69 -4.50
N ILE A 36 -0.33 -6.55 -3.88
CA ILE A 36 -0.35 -6.48 -2.43
C ILE A 36 -1.25 -5.38 -1.90
N HIS A 37 -1.92 -5.69 -0.80
CA HIS A 37 -2.75 -4.73 -0.09
C HIS A 37 -1.89 -3.89 0.85
N PHE A 38 -1.97 -2.59 0.74
CA PHE A 38 -1.32 -1.73 1.73
C PHE A 38 -2.35 -0.94 2.53
N LYS A 39 -2.29 -1.06 3.84
CA LYS A 39 -3.16 -0.29 4.71
C LYS A 39 -2.47 0.98 5.16
N VAL A 40 -2.76 2.06 4.46
CA VAL A 40 -2.20 3.37 4.79
C VAL A 40 -3.30 4.26 5.35
N LYS A 41 -2.92 5.25 6.14
CA LYS A 41 -3.89 6.17 6.69
C LYS A 41 -4.35 7.15 5.61
N MET A 42 -5.57 7.65 5.73
CA MET A 42 -6.17 8.50 4.71
C MET A 42 -5.22 9.55 4.17
N THR A 43 -4.44 10.17 5.05
CA THR A 43 -3.60 11.29 4.66
C THR A 43 -2.12 10.89 4.80
N THR A 44 -1.82 9.65 4.47
CA THR A 44 -0.47 9.12 4.60
C THR A 44 0.32 9.31 3.30
N HIS A 45 1.60 9.66 3.41
CA HIS A 45 2.44 9.81 2.22
C HIS A 45 2.36 8.53 1.41
N LEU A 46 1.82 8.61 0.22
CA LEU A 46 1.75 7.45 -0.62
C LEU A 46 3.13 7.03 -1.06
N LYS A 47 4.16 7.85 -0.77
CA LYS A 47 5.51 7.45 -1.01
C LYS A 47 5.83 6.21 -0.23
N LYS A 48 5.34 6.19 1.00
CA LYS A 48 5.58 5.10 1.91
C LYS A 48 5.07 3.82 1.30
N LEU A 49 3.86 3.89 0.76
CA LEU A 49 3.27 2.79 0.00
C LEU A 49 4.22 2.35 -1.12
N LYS A 50 4.74 3.33 -1.85
CA LYS A 50 5.63 3.06 -2.96
C LYS A 50 6.90 2.38 -2.46
N GLU A 51 7.48 2.94 -1.41
CA GLU A 51 8.74 2.48 -0.89
C GLU A 51 8.60 1.10 -0.27
N SER A 52 7.52 0.85 0.46
CA SER A 52 7.33 -0.46 1.08
C SER A 52 7.41 -1.56 0.02
N TYR A 53 6.64 -1.40 -1.07
CA TYR A 53 6.69 -2.35 -2.18
C TYR A 53 8.10 -2.42 -2.76
N CYS A 54 8.60 -1.26 -3.16
CA CYS A 54 9.84 -1.15 -3.94
C CYS A 54 11.03 -1.66 -3.14
N GLN A 55 11.09 -1.24 -1.90
CA GLN A 55 12.16 -1.60 -0.99
C GLN A 55 12.26 -3.11 -0.81
N ARG A 56 11.14 -3.74 -0.42
CA ARG A 56 11.18 -5.15 -0.07
C ARG A 56 11.33 -6.00 -1.33
N GLN A 57 10.83 -5.49 -2.44
CA GLN A 57 10.89 -6.22 -3.70
C GLN A 57 12.28 -6.09 -4.34
N GLY A 58 13.18 -5.37 -3.68
CA GLY A 58 14.52 -5.20 -4.20
C GLY A 58 14.56 -4.30 -5.42
N VAL A 59 13.81 -3.21 -5.36
CA VAL A 59 13.72 -2.27 -6.47
C VAL A 59 14.23 -0.90 -6.02
N PRO A 60 14.90 -0.15 -6.90
CA PRO A 60 15.26 1.23 -6.63
C PRO A 60 14.09 2.17 -6.90
N MET A 61 13.86 3.11 -5.98
CA MET A 61 12.67 3.96 -6.04
C MET A 61 12.63 4.83 -7.29
N ASN A 62 13.76 4.98 -7.97
CA ASN A 62 13.81 5.82 -9.16
C ASN A 62 13.41 5.01 -10.39
N SER A 63 13.29 3.71 -10.23
CA SER A 63 12.99 2.83 -11.34
C SER A 63 11.53 2.38 -11.33
N LEU A 64 10.77 2.74 -10.30
CA LEU A 64 9.38 2.32 -10.22
C LEU A 64 8.46 3.46 -9.82
N ARG A 65 7.31 3.53 -10.47
CA ARG A 65 6.30 4.51 -10.11
C ARG A 65 4.98 3.82 -9.77
N PHE A 66 4.27 4.41 -8.82
CA PHE A 66 2.98 3.90 -8.39
C PHE A 66 1.90 4.88 -8.81
N LEU A 67 0.86 4.38 -9.46
CA LEU A 67 -0.16 5.24 -10.01
C LEU A 67 -1.56 4.77 -9.68
N PHE A 68 -2.49 5.70 -9.65
CA PHE A 68 -3.90 5.39 -9.49
C PHE A 68 -4.54 5.36 -10.87
N GLU A 69 -4.47 4.17 -11.48
CA GLU A 69 -5.02 3.91 -12.80
C GLU A 69 -4.44 4.85 -13.84
N GLY A 70 -3.16 5.17 -13.69
CA GLY A 70 -2.51 6.06 -14.62
C GLY A 70 -2.24 7.42 -14.03
N GLN A 71 -2.59 7.61 -12.76
CA GLN A 71 -2.32 8.86 -12.08
C GLN A 71 -1.03 8.75 -11.29
N ARG A 72 0.00 9.45 -11.74
CA ARG A 72 1.30 9.42 -11.09
C ARG A 72 1.20 9.86 -9.63
N ILE A 73 1.49 8.94 -8.71
CA ILE A 73 1.48 9.26 -7.28
C ILE A 73 2.75 10.00 -6.88
N ALA A 74 2.59 11.09 -6.13
CA ALA A 74 3.72 11.86 -5.65
C ALA A 74 4.05 11.45 -4.22
N ASP A 75 5.20 11.86 -3.70
CA ASP A 75 5.62 11.41 -2.37
C ASP A 75 4.68 11.87 -1.28
N ASN A 76 4.22 13.11 -1.35
CA ASN A 76 3.40 13.65 -0.28
C ASN A 76 1.94 13.64 -0.66
N HIS A 77 1.61 12.83 -1.64
CA HIS A 77 0.23 12.69 -2.07
C HIS A 77 -0.37 11.48 -1.40
N THR A 78 -1.61 11.61 -0.96
CA THR A 78 -2.25 10.57 -0.18
C THR A 78 -3.58 10.21 -0.83
N PRO A 79 -4.18 9.06 -0.51
CA PRO A 79 -5.47 8.68 -1.07
C PRO A 79 -6.54 9.73 -0.80
N LYS A 80 -6.44 10.37 0.36
CA LYS A 80 -7.36 11.43 0.76
C LYS A 80 -7.35 12.55 -0.28
N GLU A 81 -6.14 12.93 -0.68
CA GLU A 81 -5.96 14.02 -1.65
C GLU A 81 -6.37 13.59 -3.04
N LEU A 82 -5.92 12.41 -3.41
CA LEU A 82 -6.14 11.89 -4.77
C LEU A 82 -7.60 11.50 -4.99
N GLY A 83 -8.32 11.31 -3.90
CA GLY A 83 -9.73 10.96 -3.97
C GLY A 83 -9.95 9.47 -4.04
N MET A 84 -9.00 8.71 -3.52
CA MET A 84 -9.15 7.26 -3.44
C MET A 84 -9.56 6.85 -2.04
N GLU A 85 -9.95 5.61 -1.89
CA GLU A 85 -10.43 5.11 -0.60
C GLU A 85 -9.97 3.68 -0.38
N GLU A 86 -10.48 3.05 0.66
CA GLU A 86 -10.17 1.66 0.96
C GLU A 86 -10.48 0.78 -0.24
N GLU A 87 -9.57 -0.16 -0.49
CA GLU A 87 -9.64 -1.16 -1.56
C GLU A 87 -9.51 -0.55 -2.94
N ASP A 88 -8.99 0.69 -2.99
CA ASP A 88 -8.75 1.35 -4.26
C ASP A 88 -7.53 0.73 -4.93
N VAL A 89 -7.34 0.98 -6.21
CA VAL A 89 -6.31 0.26 -6.96
C VAL A 89 -5.19 1.18 -7.48
N ILE A 90 -3.97 0.70 -7.32
CA ILE A 90 -2.77 1.39 -7.79
C ILE A 90 -1.91 0.42 -8.61
N GLU A 91 -1.41 0.88 -9.75
CA GLU A 91 -0.61 0.03 -10.61
C GLU A 91 0.82 0.54 -10.64
N VAL A 92 1.76 -0.39 -10.76
CA VAL A 92 3.16 -0.06 -10.80
C VAL A 92 3.70 -0.12 -12.23
N TYR A 93 4.49 0.88 -12.57
CA TYR A 93 5.10 0.99 -13.88
C TYR A 93 6.53 1.44 -13.68
N GLN A 94 7.36 1.28 -14.70
CA GLN A 94 8.77 1.58 -14.57
C GLN A 94 9.03 3.07 -14.74
N GLU A 95 9.78 3.63 -13.79
CA GLU A 95 10.06 5.06 -13.77
C GLU A 95 11.19 5.43 -14.73
N GLN A 96 12.35 4.82 -14.53
CA GLN A 96 13.50 5.03 -15.38
C GLN A 96 14.08 3.69 -15.78
N THR A 97 15.35 3.67 -16.18
CA THR A 97 16.05 2.42 -16.46
C THR A 97 15.97 1.48 -15.26
N GLY A 98 15.80 0.19 -15.53
CA GLY A 98 15.73 -0.79 -14.47
C GLY A 98 17.01 -0.92 -13.68
N GLY A 99 16.92 -1.60 -12.54
CA GLY A 99 18.04 -1.76 -11.66
C GLY A 99 18.42 -3.22 -11.53
N LYS B 3 -1.78 -33.75 -23.91
CA LYS B 3 -2.15 -32.34 -24.14
C LYS B 3 -1.63 -31.47 -23.01
N THR B 4 -2.16 -30.25 -22.92
CA THR B 4 -1.80 -29.34 -21.85
C THR B 4 -2.19 -29.90 -20.48
N SER B 5 -1.41 -29.55 -19.46
CA SER B 5 -1.69 -29.97 -18.10
C SER B 5 -1.78 -28.76 -17.18
N VAL B 6 -2.68 -28.81 -16.22
CA VAL B 6 -2.89 -27.69 -15.32
C VAL B 6 -1.89 -27.75 -14.16
N ALA B 7 -1.34 -26.59 -13.82
CA ALA B 7 -0.42 -26.48 -12.71
C ALA B 7 -1.05 -25.68 -11.57
N THR B 8 -0.32 -25.51 -10.48
CA THR B 8 -0.83 -24.74 -9.37
C THR B 8 -0.72 -23.24 -9.66
N GLN B 9 -1.22 -22.43 -8.74
CA GLN B 9 -1.27 -21.00 -8.93
C GLN B 9 -0.09 -20.32 -8.24
N CYS B 10 0.19 -19.09 -8.64
CA CYS B 10 1.14 -18.28 -7.92
C CYS B 10 0.42 -17.60 -6.77
N ASP B 11 1.10 -17.44 -5.65
CA ASP B 11 0.48 -16.89 -4.46
C ASP B 11 0.86 -15.42 -4.36
N PRO B 12 -0.05 -14.58 -3.84
CA PRO B 12 0.20 -13.17 -3.66
C PRO B 12 1.37 -12.94 -2.72
N GLU B 13 2.45 -12.50 -3.32
CA GLU B 13 3.70 -12.24 -2.63
C GLU B 13 3.48 -11.44 -1.36
N GLU B 14 4.18 -11.80 -0.31
CA GLU B 14 4.08 -11.07 0.94
C GLU B 14 4.87 -9.79 0.88
N ILE B 15 4.16 -8.69 0.76
CA ILE B 15 4.74 -7.40 0.98
C ILE B 15 4.04 -6.79 2.19
N ILE B 16 4.81 -6.34 3.16
CA ILE B 16 4.24 -5.80 4.37
C ILE B 16 3.93 -4.32 4.20
N VAL B 17 3.19 -3.77 5.14
CA VAL B 17 2.82 -2.39 5.08
C VAL B 17 3.40 -1.63 6.27
N LEU B 18 3.36 -0.32 6.17
CA LEU B 18 3.86 0.56 7.21
C LEU B 18 2.83 0.73 8.32
N SER B 19 3.27 1.38 9.39
CA SER B 19 2.45 1.55 10.58
C SER B 19 1.52 2.74 10.40
N ASP B 20 0.50 2.83 11.25
CA ASP B 20 -0.54 3.82 11.04
C ASP B 20 -0.05 5.22 11.36
N SER B 21 -0.25 6.09 10.39
CA SER B 21 0.15 7.48 10.49
C SER B 21 -1.10 8.35 10.61
N ASP B 22 -0.92 9.67 10.57
CA ASP B 22 -2.02 10.63 10.67
C ASP B 22 -2.66 10.59 12.05
N MET A 3 -9.70 7.49 33.96
CA MET A 3 -9.58 6.58 35.12
C MET A 3 -10.48 5.38 34.91
N SER A 4 -9.88 4.20 34.85
CA SER A 4 -10.63 2.98 34.63
C SER A 4 -11.20 2.45 35.94
N ASP A 5 -10.35 1.76 36.71
CA ASP A 5 -10.74 1.26 38.01
C ASP A 5 -10.10 2.13 39.07
N GLN A 6 -8.77 2.26 38.99
CA GLN A 6 -8.03 3.15 39.86
C GLN A 6 -7.44 4.31 39.05
N GLU A 7 -6.25 4.11 38.50
CA GLU A 7 -5.59 5.15 37.73
C GLU A 7 -5.56 4.80 36.25
N ALA A 8 -4.78 3.78 35.91
CA ALA A 8 -4.54 3.44 34.52
C ALA A 8 -5.03 2.04 34.21
N LYS A 9 -5.80 1.91 33.13
CA LYS A 9 -6.22 0.61 32.65
C LYS A 9 -5.03 -0.18 32.08
N PRO A 10 -4.85 -1.43 32.54
CA PRO A 10 -3.77 -2.31 32.06
C PRO A 10 -4.11 -2.95 30.72
N SER A 11 -4.88 -2.22 29.93
CA SER A 11 -5.34 -2.70 28.64
C SER A 11 -4.72 -1.84 27.53
N THR A 12 -3.52 -1.35 27.78
CA THR A 12 -2.81 -0.52 26.82
C THR A 12 -2.20 -1.37 25.71
N GLU A 13 -2.06 -2.66 26.02
CA GLU A 13 -1.47 -3.60 25.08
C GLU A 13 -2.48 -4.05 24.04
N ASP A 14 -3.72 -3.60 24.21
CA ASP A 14 -4.80 -3.95 23.30
C ASP A 14 -4.96 -2.89 22.21
N LEU A 15 -3.86 -2.29 21.81
CA LEU A 15 -3.88 -1.26 20.78
C LEU A 15 -4.18 -1.89 19.42
N GLY A 16 -4.91 -1.15 18.60
CA GLY A 16 -5.29 -1.65 17.29
C GLY A 16 -6.77 -1.48 17.05
N ASP A 17 -7.55 -2.01 17.98
CA ASP A 17 -9.00 -1.81 17.98
C ASP A 17 -9.35 -0.39 18.41
N LYS A 18 -8.96 -0.05 19.62
CA LYS A 18 -9.27 1.24 20.21
C LYS A 18 -8.14 2.24 20.00
N LYS A 19 -7.18 1.86 19.16
CA LYS A 19 -6.04 2.72 18.84
C LYS A 19 -6.53 4.03 18.23
N GLU A 20 -7.09 3.91 17.03
CA GLU A 20 -7.66 5.06 16.33
C GLU A 20 -8.84 4.59 15.50
N GLY A 21 -9.29 5.41 14.57
CA GLY A 21 -10.39 5.02 13.70
C GLY A 21 -9.96 3.96 12.68
N GLU A 22 -10.43 4.11 11.47
CA GLU A 22 -10.14 3.14 10.43
C GLU A 22 -9.25 3.75 9.35
N TYR A 23 -8.24 3.00 8.97
CA TYR A 23 -7.38 3.36 7.85
C TYR A 23 -7.85 2.65 6.58
N ILE A 24 -7.19 2.90 5.47
CA ILE A 24 -7.68 2.46 4.16
C ILE A 24 -6.62 1.67 3.40
N LYS A 25 -7.08 0.78 2.55
CA LYS A 25 -6.19 -0.15 1.85
C LYS A 25 -6.07 0.20 0.37
N LEU A 26 -4.88 0.08 -0.18
CA LEU A 26 -4.74 0.19 -1.62
C LEU A 26 -4.20 -1.13 -2.17
N LYS A 27 -4.62 -1.46 -3.37
CA LYS A 27 -4.23 -2.69 -4.02
C LYS A 27 -3.13 -2.42 -5.03
N VAL A 28 -1.91 -2.82 -4.72
CA VAL A 28 -0.78 -2.53 -5.59
C VAL A 28 -0.56 -3.65 -6.60
N ILE A 29 -0.47 -3.27 -7.86
CA ILE A 29 -0.16 -4.18 -8.93
C ILE A 29 1.31 -4.05 -9.32
N GLY A 30 2.08 -5.09 -9.05
CA GLY A 30 3.48 -5.05 -9.37
C GLY A 30 3.74 -5.49 -10.79
N GLN A 31 4.89 -5.09 -11.34
CA GLN A 31 5.28 -5.47 -12.70
C GLN A 31 5.58 -6.97 -12.79
N ASP A 32 5.59 -7.63 -11.64
CA ASP A 32 5.74 -9.08 -11.58
C ASP A 32 4.37 -9.74 -11.43
N SER A 33 3.33 -8.99 -11.77
CA SER A 33 1.94 -9.45 -11.74
C SER A 33 1.43 -9.71 -10.32
N SER A 34 2.36 -9.78 -9.37
CA SER A 34 2.01 -9.91 -7.97
C SER A 34 1.28 -8.66 -7.50
N GLU A 35 0.31 -8.85 -6.61
CA GLU A 35 -0.48 -7.75 -6.11
C GLU A 35 -0.43 -7.76 -4.59
N ILE A 36 -0.39 -6.58 -3.96
CA ILE A 36 -0.29 -6.51 -2.52
C ILE A 36 -1.32 -5.54 -1.95
N HIS A 37 -1.88 -5.90 -0.81
CA HIS A 37 -2.84 -5.05 -0.11
C HIS A 37 -2.13 -4.24 0.97
N PHE A 38 -2.21 -2.91 0.88
CA PHE A 38 -1.61 -2.07 1.91
C PHE A 38 -2.66 -1.25 2.64
N LYS A 39 -2.66 -1.35 3.96
CA LYS A 39 -3.57 -0.56 4.78
C LYS A 39 -2.85 0.65 5.37
N VAL A 40 -3.01 1.78 4.70
CA VAL A 40 -2.40 3.04 5.11
C VAL A 40 -3.49 3.99 5.59
N LYS A 41 -3.12 4.96 6.40
CA LYS A 41 -4.09 5.94 6.87
C LYS A 41 -4.48 6.86 5.71
N MET A 42 -5.69 7.39 5.76
CA MET A 42 -6.23 8.24 4.68
C MET A 42 -5.21 9.24 4.16
N THR A 43 -4.54 9.92 5.08
CA THR A 43 -3.68 11.02 4.72
C THR A 43 -2.20 10.60 4.78
N THR A 44 -1.94 9.35 4.40
CA THR A 44 -0.60 8.77 4.49
C THR A 44 0.18 9.00 3.20
N HIS A 45 1.43 9.45 3.35
CA HIS A 45 2.30 9.68 2.20
C HIS A 45 2.36 8.43 1.37
N LEU A 46 1.88 8.50 0.16
CA LEU A 46 1.81 7.33 -0.69
C LEU A 46 3.19 6.93 -1.13
N LYS A 47 4.20 7.78 -0.86
CA LYS A 47 5.58 7.41 -1.10
C LYS A 47 5.94 6.25 -0.24
N LYS A 48 5.43 6.29 0.98
CA LYS A 48 5.68 5.24 1.94
C LYS A 48 5.19 3.92 1.36
N LEU A 49 3.97 3.95 0.81
CA LEU A 49 3.41 2.83 0.07
C LEU A 49 4.34 2.38 -1.04
N LYS A 50 4.86 3.35 -1.79
CA LYS A 50 5.75 3.06 -2.90
C LYS A 50 7.01 2.39 -2.39
N GLU A 51 7.58 2.95 -1.33
CA GLU A 51 8.82 2.46 -0.80
C GLU A 51 8.63 1.09 -0.17
N SER A 52 7.52 0.86 0.53
CA SER A 52 7.26 -0.44 1.13
C SER A 52 7.42 -1.53 0.06
N TYR A 53 6.73 -1.35 -1.06
CA TYR A 53 6.84 -2.27 -2.19
C TYR A 53 8.29 -2.35 -2.68
N CYS A 54 8.80 -1.19 -3.06
CA CYS A 54 10.06 -1.07 -3.78
C CYS A 54 11.23 -1.55 -2.92
N GLN A 55 11.25 -1.10 -1.69
CA GLN A 55 12.29 -1.42 -0.74
C GLN A 55 12.38 -2.92 -0.50
N ARG A 56 11.27 -3.56 -0.14
CA ARG A 56 11.33 -4.96 0.26
C ARG A 56 11.61 -5.85 -0.94
N GLN A 57 11.19 -5.40 -2.11
CA GLN A 57 11.38 -6.18 -3.32
C GLN A 57 12.74 -5.90 -3.97
N GLY A 58 13.55 -5.07 -3.33
CA GLY A 58 14.90 -4.82 -3.82
C GLY A 58 14.91 -3.98 -5.09
N VAL A 59 14.12 -2.93 -5.10
CA VAL A 59 14.00 -2.05 -6.26
C VAL A 59 14.45 -0.64 -5.87
N PRO A 60 15.10 0.10 -6.77
CA PRO A 60 15.39 1.52 -6.53
C PRO A 60 14.15 2.37 -6.81
N MET A 61 13.92 3.34 -5.95
CA MET A 61 12.67 4.10 -5.99
C MET A 61 12.53 4.91 -7.28
N ASN A 62 13.67 5.21 -7.91
CA ASN A 62 13.66 6.01 -9.14
C ASN A 62 13.36 5.15 -10.35
N SER A 63 13.19 3.85 -10.12
CA SER A 63 12.88 2.93 -11.20
C SER A 63 11.39 2.57 -11.21
N LEU A 64 10.65 2.90 -10.16
CA LEU A 64 9.26 2.50 -10.07
C LEU A 64 8.33 3.64 -9.66
N ARG A 65 7.22 3.74 -10.37
CA ARG A 65 6.18 4.70 -10.04
C ARG A 65 4.89 3.96 -9.71
N PHE A 66 4.12 4.55 -8.81
CA PHE A 66 2.86 3.97 -8.41
C PHE A 66 1.73 4.88 -8.85
N LEU A 67 0.69 4.30 -9.44
CA LEU A 67 -0.40 5.07 -9.99
C LEU A 67 -1.75 4.53 -9.56
N PHE A 68 -2.72 5.42 -9.42
CA PHE A 68 -4.09 5.01 -9.13
C PHE A 68 -4.90 5.04 -10.41
N GLU A 69 -5.12 3.86 -11.00
CA GLU A 69 -5.83 3.72 -12.26
C GLU A 69 -5.23 4.65 -13.31
N GLY A 70 -3.90 4.69 -13.35
CA GLY A 70 -3.20 5.52 -14.31
C GLY A 70 -2.88 6.90 -13.79
N GLN A 71 -3.09 7.13 -12.50
CA GLN A 71 -2.79 8.44 -11.90
C GLN A 71 -1.44 8.40 -11.22
N ARG A 72 -0.49 9.13 -11.77
CA ARG A 72 0.85 9.18 -11.22
C ARG A 72 0.82 9.67 -9.77
N ILE A 73 1.19 8.80 -8.84
CA ILE A 73 1.24 9.14 -7.42
C ILE A 73 2.49 9.95 -7.13
N ALA A 74 2.31 11.10 -6.52
CA ALA A 74 3.44 11.92 -6.12
C ALA A 74 3.89 11.48 -4.75
N ASP A 75 5.18 11.56 -4.48
CA ASP A 75 5.74 10.97 -3.28
C ASP A 75 5.05 11.50 -2.01
N ASN A 76 4.78 12.79 -1.98
CA ASN A 76 4.16 13.41 -0.81
C ASN A 76 2.66 13.56 -0.98
N HIS A 77 2.09 12.76 -1.87
CA HIS A 77 0.63 12.70 -2.04
C HIS A 77 0.06 11.49 -1.31
N THR A 78 -1.20 11.56 -0.90
CA THR A 78 -1.85 10.44 -0.21
C THR A 78 -3.15 10.11 -0.93
N PRO A 79 -3.77 8.92 -0.71
CA PRO A 79 -5.03 8.58 -1.36
C PRO A 79 -6.09 9.63 -1.08
N LYS A 80 -6.05 10.16 0.13
CA LYS A 80 -6.97 11.18 0.58
C LYS A 80 -6.90 12.41 -0.35
N GLU A 81 -5.68 12.87 -0.64
CA GLU A 81 -5.47 14.00 -1.54
C GLU A 81 -5.81 13.66 -2.99
N LEU A 82 -5.59 12.41 -3.38
CA LEU A 82 -5.77 11.99 -4.76
C LEU A 82 -7.23 11.62 -5.05
N GLY A 83 -8.07 11.75 -4.03
CA GLY A 83 -9.48 11.45 -4.18
C GLY A 83 -9.74 9.96 -4.32
N MET A 84 -8.85 9.16 -3.76
CA MET A 84 -9.03 7.71 -3.76
C MET A 84 -9.54 7.26 -2.42
N GLU A 85 -10.09 6.07 -2.38
CA GLU A 85 -10.82 5.59 -1.22
C GLU A 85 -10.29 4.23 -0.79
N GLU A 86 -10.75 3.74 0.36
CA GLU A 86 -10.36 2.42 0.84
C GLU A 86 -10.55 1.36 -0.24
N GLU A 87 -9.52 0.56 -0.38
CA GLU A 87 -9.51 -0.59 -1.27
C GLU A 87 -9.37 -0.19 -2.74
N ASP A 88 -8.89 1.03 -2.98
CA ASP A 88 -8.60 1.48 -4.34
C ASP A 88 -7.38 0.75 -4.89
N VAL A 89 -7.22 0.79 -6.19
CA VAL A 89 -6.18 0.01 -6.87
C VAL A 89 -5.07 0.94 -7.38
N ILE A 90 -3.83 0.49 -7.22
CA ILE A 90 -2.66 1.23 -7.65
C ILE A 90 -1.75 0.32 -8.48
N GLU A 91 -1.38 0.77 -9.68
CA GLU A 91 -0.53 -0.02 -10.56
C GLU A 91 0.90 0.50 -10.49
N VAL A 92 1.84 -0.41 -10.65
CA VAL A 92 3.25 -0.07 -10.68
C VAL A 92 3.77 -0.02 -12.11
N TYR A 93 4.50 1.03 -12.42
CA TYR A 93 5.10 1.22 -13.72
C TYR A 93 6.55 1.66 -13.51
N GLN A 94 7.33 1.64 -14.56
CA GLN A 94 8.74 1.97 -14.45
C GLN A 94 8.96 3.49 -14.55
N GLU A 95 9.59 4.05 -13.52
CA GLU A 95 9.87 5.49 -13.46
C GLU A 95 10.95 5.84 -14.46
N GLN A 96 12.03 5.07 -14.41
CA GLN A 96 13.14 5.22 -15.33
C GLN A 96 13.64 3.83 -15.70
N THR A 97 14.87 3.75 -16.19
CA THR A 97 15.53 2.46 -16.41
C THR A 97 15.41 1.55 -15.19
N GLY A 98 15.21 0.26 -15.44
CA GLY A 98 15.15 -0.71 -14.37
C GLY A 98 16.50 -0.96 -13.72
N GLY A 99 16.51 -1.79 -12.70
CA GLY A 99 17.74 -2.04 -11.97
C GLY A 99 18.37 -3.35 -12.37
N LYS B 3 13.53 -30.39 -27.54
CA LYS B 3 14.36 -29.35 -28.21
C LYS B 3 14.35 -28.07 -27.41
N THR B 4 13.16 -27.69 -26.97
CA THR B 4 12.96 -26.48 -26.21
C THR B 4 12.85 -26.79 -24.72
N SER B 5 13.12 -25.80 -23.89
CA SER B 5 12.96 -25.93 -22.46
C SER B 5 12.01 -24.86 -21.93
N VAL B 6 11.15 -25.23 -20.99
CA VAL B 6 10.23 -24.27 -20.41
C VAL B 6 10.83 -23.68 -19.13
N ALA B 7 10.69 -22.37 -18.98
CA ALA B 7 11.16 -21.70 -17.78
C ALA B 7 10.11 -21.76 -16.68
N THR B 8 10.61 -21.87 -15.44
CA THR B 8 9.76 -21.92 -14.27
C THR B 8 8.86 -20.69 -14.19
N GLN B 9 7.69 -20.85 -13.58
CA GLN B 9 6.70 -19.79 -13.52
C GLN B 9 7.03 -18.82 -12.39
N CYS B 10 6.35 -17.70 -12.38
CA CYS B 10 6.64 -16.62 -11.45
C CYS B 10 5.98 -16.86 -10.10
N ASP B 11 6.57 -16.27 -9.07
CA ASP B 11 6.08 -16.45 -7.69
C ASP B 11 5.21 -15.27 -7.30
N PRO B 12 4.23 -15.51 -6.42
CA PRO B 12 3.35 -14.46 -5.91
C PRO B 12 4.01 -13.69 -4.77
N GLU B 13 4.48 -12.52 -5.10
CA GLU B 13 5.19 -11.68 -4.15
C GLU B 13 4.26 -11.02 -3.16
N GLU B 14 4.59 -11.19 -1.91
CA GLU B 14 3.81 -10.58 -0.83
C GLU B 14 4.65 -9.54 -0.11
N ILE B 15 4.05 -8.39 0.14
CA ILE B 15 4.75 -7.27 0.74
C ILE B 15 4.01 -6.83 2.01
N ILE B 16 4.73 -6.25 2.97
CA ILE B 16 4.11 -5.76 4.19
C ILE B 16 3.73 -4.28 4.03
N VAL B 17 3.00 -3.76 5.01
CA VAL B 17 2.54 -2.39 4.95
C VAL B 17 3.20 -1.53 6.04
N LEU B 18 3.05 -0.22 5.90
CA LEU B 18 3.60 0.77 6.82
C LEU B 18 2.73 0.88 8.08
N SER B 19 3.22 1.65 9.04
CA SER B 19 2.49 1.91 10.26
C SER B 19 1.54 3.09 10.04
N ASP B 20 0.69 3.35 11.03
CA ASP B 20 -0.38 4.34 10.88
C ASP B 20 0.17 5.76 10.89
N SER B 21 -0.34 6.57 9.99
CA SER B 21 -0.05 8.00 9.98
C SER B 21 -1.31 8.75 10.41
N ASP B 22 -1.23 10.09 10.44
CA ASP B 22 -2.40 10.95 10.69
C ASP B 22 -2.97 10.72 12.08
N MET A 3 -8.37 -19.18 22.35
CA MET A 3 -8.82 -18.08 21.47
C MET A 3 -7.79 -16.94 21.49
N SER A 4 -6.54 -17.30 21.62
CA SER A 4 -5.47 -16.34 21.74
C SER A 4 -4.91 -15.95 20.37
N ASP A 5 -4.29 -16.91 19.70
CA ASP A 5 -3.61 -16.62 18.43
C ASP A 5 -4.04 -17.57 17.32
N GLN A 6 -3.51 -18.79 17.37
CA GLN A 6 -3.66 -19.73 16.26
C GLN A 6 -4.83 -20.68 16.46
N GLU A 7 -5.68 -20.42 17.44
CA GLU A 7 -6.91 -21.19 17.62
C GLU A 7 -8.07 -20.43 17.02
N ALA A 8 -7.80 -19.20 16.61
CA ALA A 8 -8.84 -18.32 16.11
C ALA A 8 -9.03 -18.49 14.61
N LYS A 9 -10.11 -17.91 14.11
CA LYS A 9 -10.41 -17.93 12.68
C LYS A 9 -9.65 -16.81 11.98
N PRO A 10 -9.44 -16.93 10.66
CA PRO A 10 -8.76 -15.93 9.84
C PRO A 10 -9.63 -14.69 9.63
N SER A 11 -10.27 -14.27 10.70
CA SER A 11 -11.21 -13.18 10.67
C SER A 11 -10.69 -12.03 11.54
N THR A 12 -9.37 -11.97 11.68
CA THR A 12 -8.70 -11.03 12.55
C THR A 12 -8.77 -9.59 12.01
N GLU A 13 -9.05 -9.45 10.72
CA GLU A 13 -9.06 -8.14 10.06
C GLU A 13 -10.33 -7.35 10.40
N ASP A 14 -10.94 -7.67 11.54
CA ASP A 14 -12.13 -6.97 12.00
C ASP A 14 -11.77 -5.95 13.08
N LEU A 15 -10.58 -6.11 13.65
CA LEU A 15 -10.10 -5.21 14.70
C LEU A 15 -9.44 -3.96 14.11
N GLY A 16 -8.95 -3.08 14.99
CA GLY A 16 -8.42 -1.81 14.53
C GLY A 16 -9.29 -0.66 14.98
N ASP A 17 -10.42 -1.02 15.56
CA ASP A 17 -11.46 -0.08 15.99
C ASP A 17 -11.01 0.70 17.22
N LYS A 18 -10.76 -0.02 18.28
CA LYS A 18 -10.37 0.55 19.56
C LYS A 18 -8.91 0.97 19.58
N LYS A 19 -8.28 0.96 18.42
CA LYS A 19 -6.89 1.37 18.32
C LYS A 19 -6.79 2.83 17.91
N GLU A 20 -7.12 3.11 16.65
CA GLU A 20 -7.06 4.46 16.11
C GLU A 20 -8.22 4.68 15.14
N GLY A 21 -8.14 5.72 14.34
CA GLY A 21 -9.17 6.00 13.36
C GLY A 21 -9.18 4.97 12.24
N GLU A 22 -10.13 5.09 11.32
CA GLU A 22 -10.27 4.14 10.24
C GLU A 22 -9.24 4.42 9.15
N TYR A 23 -8.64 3.37 8.64
CA TYR A 23 -7.68 3.49 7.56
C TYR A 23 -8.10 2.66 6.36
N ILE A 24 -7.37 2.81 5.27
CA ILE A 24 -7.82 2.31 3.97
C ILE A 24 -6.77 1.42 3.32
N LYS A 25 -7.27 0.47 2.53
CA LYS A 25 -6.44 -0.52 1.88
C LYS A 25 -6.30 -0.23 0.40
N LEU A 26 -5.11 -0.33 -0.13
CA LEU A 26 -4.94 -0.21 -1.56
C LEU A 26 -4.56 -1.55 -2.16
N LYS A 27 -4.83 -1.69 -3.44
CA LYS A 27 -4.48 -2.86 -4.20
C LYS A 27 -3.25 -2.52 -5.05
N VAL A 28 -2.08 -3.00 -4.67
CA VAL A 28 -0.89 -2.65 -5.39
C VAL A 28 -0.55 -3.74 -6.42
N ILE A 29 -0.39 -3.31 -7.66
CA ILE A 29 0.01 -4.21 -8.73
C ILE A 29 1.46 -3.96 -9.09
N GLY A 30 2.30 -4.96 -8.98
CA GLY A 30 3.68 -4.80 -9.37
C GLY A 30 3.93 -5.36 -10.75
N GLN A 31 5.06 -5.00 -11.34
CA GLN A 31 5.42 -5.51 -12.67
C GLN A 31 5.78 -6.98 -12.57
N ASP A 32 6.04 -7.42 -11.35
CA ASP A 32 6.31 -8.81 -11.07
C ASP A 32 4.99 -9.58 -10.97
N SER A 33 3.88 -8.85 -11.14
CA SER A 33 2.53 -9.40 -11.01
C SER A 33 2.21 -9.69 -9.55
N SER A 34 3.14 -9.32 -8.68
CA SER A 34 2.91 -9.39 -7.26
C SER A 34 1.93 -8.31 -6.86
N GLU A 35 0.78 -8.73 -6.32
CA GLU A 35 -0.26 -7.79 -5.95
C GLU A 35 -0.50 -7.89 -4.46
N ILE A 36 -0.47 -6.76 -3.78
CA ILE A 36 -0.48 -6.75 -2.32
C ILE A 36 -1.56 -5.83 -1.79
N HIS A 37 -2.19 -6.24 -0.70
CA HIS A 37 -3.12 -5.39 0.02
C HIS A 37 -2.30 -4.43 0.89
N PHE A 38 -2.70 -3.18 0.99
CA PHE A 38 -1.90 -2.19 1.70
C PHE A 38 -2.81 -1.36 2.59
N LYS A 39 -2.52 -1.28 3.88
CA LYS A 39 -3.36 -0.51 4.79
C LYS A 39 -2.66 0.76 5.23
N VAL A 40 -3.04 1.87 4.63
CA VAL A 40 -2.48 3.17 4.95
C VAL A 40 -3.55 4.08 5.52
N LYS A 41 -3.14 5.07 6.28
CA LYS A 41 -4.07 6.07 6.76
C LYS A 41 -4.42 7.04 5.64
N MET A 42 -5.63 7.60 5.71
CA MET A 42 -6.16 8.48 4.68
C MET A 42 -5.11 9.45 4.14
N THR A 43 -4.44 10.14 5.04
CA THR A 43 -3.57 11.23 4.63
C THR A 43 -2.09 10.84 4.81
N THR A 44 -1.77 9.57 4.54
CA THR A 44 -0.40 9.07 4.72
C THR A 44 0.37 9.21 3.42
N HIS A 45 1.66 9.55 3.50
CA HIS A 45 2.49 9.65 2.31
C HIS A 45 2.37 8.38 1.49
N LEU A 46 1.84 8.49 0.28
CA LEU A 46 1.72 7.33 -0.57
C LEU A 46 3.08 6.91 -1.06
N LYS A 47 4.11 7.73 -0.80
CA LYS A 47 5.46 7.34 -1.12
C LYS A 47 5.85 6.14 -0.30
N LYS A 48 5.36 6.13 0.93
CA LYS A 48 5.65 5.04 1.84
C LYS A 48 5.13 3.74 1.24
N LEU A 49 3.92 3.82 0.68
CA LEU A 49 3.34 2.72 -0.08
C LEU A 49 4.28 2.29 -1.22
N LYS A 50 4.79 3.29 -1.94
CA LYS A 50 5.68 3.04 -3.06
C LYS A 50 6.95 2.36 -2.56
N GLU A 51 7.50 2.89 -1.48
CA GLU A 51 8.74 2.40 -0.93
C GLU A 51 8.53 1.02 -0.35
N SER A 52 7.41 0.77 0.31
CA SER A 52 7.16 -0.55 0.88
C SER A 52 7.34 -1.64 -0.19
N TYR A 53 6.65 -1.48 -1.32
CA TYR A 53 6.77 -2.44 -2.41
C TYR A 53 8.20 -2.46 -2.92
N CYS A 54 8.68 -1.30 -3.31
CA CYS A 54 9.94 -1.16 -4.03
C CYS A 54 11.12 -1.61 -3.18
N GLN A 55 11.13 -1.15 -1.94
CA GLN A 55 12.20 -1.44 -1.00
C GLN A 55 12.35 -2.94 -0.76
N ARG A 56 11.27 -3.61 -0.38
CA ARG A 56 11.40 -5.00 0.02
C ARG A 56 11.50 -5.91 -1.20
N GLN A 57 10.97 -5.43 -2.32
CA GLN A 57 11.06 -6.17 -3.57
C GLN A 57 12.43 -5.98 -4.25
N GLY A 58 13.31 -5.22 -3.60
CA GLY A 58 14.66 -5.02 -4.12
C GLY A 58 14.69 -4.18 -5.37
N VAL A 59 13.94 -3.09 -5.35
CA VAL A 59 13.82 -2.19 -6.49
C VAL A 59 14.32 -0.80 -6.09
N PRO A 60 14.97 -0.06 -6.99
CA PRO A 60 15.32 1.34 -6.72
C PRO A 60 14.11 2.24 -6.95
N MET A 61 13.86 3.13 -6.00
CA MET A 61 12.66 3.96 -6.02
C MET A 61 12.56 4.83 -7.28
N ASN A 62 13.70 5.07 -7.92
CA ASN A 62 13.73 5.90 -9.13
C ASN A 62 13.41 5.10 -10.37
N SER A 63 13.18 3.81 -10.19
CA SER A 63 12.88 2.94 -11.31
C SER A 63 11.40 2.55 -11.34
N LEU A 64 10.66 2.85 -10.28
CA LEU A 64 9.27 2.42 -10.21
C LEU A 64 8.33 3.55 -9.81
N ARG A 65 7.22 3.61 -10.53
CA ARG A 65 6.19 4.59 -10.27
C ARG A 65 4.89 3.89 -9.90
N PHE A 66 4.21 4.42 -8.90
CA PHE A 66 2.93 3.88 -8.48
C PHE A 66 1.85 4.85 -8.87
N LEU A 67 0.78 4.34 -9.45
CA LEU A 67 -0.25 5.21 -9.99
C LEU A 67 -1.65 4.78 -9.58
N PHE A 68 -2.54 5.76 -9.56
CA PHE A 68 -3.96 5.53 -9.33
C PHE A 68 -4.66 5.45 -10.69
N GLU A 69 -4.68 4.23 -11.20
CA GLU A 69 -5.31 3.87 -12.48
C GLU A 69 -4.96 4.88 -13.58
N GLY A 70 -3.68 5.25 -13.64
CA GLY A 70 -3.23 6.18 -14.65
C GLY A 70 -2.81 7.53 -14.08
N GLN A 71 -2.81 7.66 -12.76
CA GLN A 71 -2.39 8.90 -12.13
C GLN A 71 -1.10 8.68 -11.34
N ARG A 72 -0.02 9.31 -11.80
CA ARG A 72 1.29 9.20 -11.15
C ARG A 72 1.22 9.68 -9.70
N ILE A 73 1.42 8.77 -8.76
CA ILE A 73 1.39 9.12 -7.35
C ILE A 73 2.61 9.94 -6.99
N ALA A 74 2.38 11.09 -6.39
CA ALA A 74 3.47 11.93 -5.95
C ALA A 74 3.87 11.51 -4.55
N ASP A 75 5.13 11.64 -4.26
CA ASP A 75 5.72 11.11 -3.04
C ASP A 75 5.13 11.74 -1.79
N ASN A 76 4.62 12.97 -1.90
CA ASN A 76 3.98 13.63 -0.77
C ASN A 76 2.46 13.57 -0.88
N HIS A 77 1.96 12.74 -1.79
CA HIS A 77 0.51 12.63 -2.02
C HIS A 77 -0.06 11.44 -1.30
N THR A 78 -1.35 11.48 -1.00
CA THR A 78 -2.01 10.42 -0.26
C THR A 78 -3.32 10.05 -0.93
N PRO A 79 -3.92 8.89 -0.61
CA PRO A 79 -5.22 8.50 -1.17
C PRO A 79 -6.26 9.59 -0.92
N LYS A 80 -6.15 10.20 0.25
CA LYS A 80 -7.02 11.27 0.67
C LYS A 80 -6.97 12.44 -0.33
N GLU A 81 -5.76 12.82 -0.73
CA GLU A 81 -5.59 13.97 -1.62
C GLU A 81 -6.04 13.64 -3.02
N LEU A 82 -5.61 12.46 -3.45
CA LEU A 82 -5.82 12.01 -4.82
C LEU A 82 -7.29 11.66 -5.10
N GLY A 83 -8.10 11.65 -4.06
CA GLY A 83 -9.51 11.39 -4.23
C GLY A 83 -9.83 9.91 -4.31
N MET A 84 -9.00 9.11 -3.67
CA MET A 84 -9.23 7.68 -3.61
C MET A 84 -9.76 7.29 -2.24
N GLU A 85 -10.16 6.05 -2.10
CA GLU A 85 -10.77 5.59 -0.85
C GLU A 85 -10.29 4.20 -0.50
N GLU A 86 -10.81 3.66 0.59
CA GLU A 86 -10.51 2.29 0.98
C GLU A 86 -10.72 1.32 -0.17
N GLU A 87 -9.74 0.46 -0.35
CA GLU A 87 -9.77 -0.62 -1.33
C GLU A 87 -9.54 -0.13 -2.76
N ASP A 88 -8.93 1.04 -2.88
CA ASP A 88 -8.60 1.58 -4.20
C ASP A 88 -7.44 0.78 -4.80
N VAL A 89 -7.21 0.91 -6.10
CA VAL A 89 -6.20 0.11 -6.78
C VAL A 89 -5.10 0.99 -7.38
N ILE A 90 -3.86 0.58 -7.17
CA ILE A 90 -2.69 1.31 -7.62
C ILE A 90 -1.78 0.39 -8.42
N GLU A 91 -1.36 0.85 -9.59
CA GLU A 91 -0.59 0.03 -10.51
C GLU A 91 0.84 0.53 -10.59
N VAL A 92 1.77 -0.39 -10.76
CA VAL A 92 3.18 -0.06 -10.85
C VAL A 92 3.65 -0.05 -12.29
N TYR A 93 4.42 0.97 -12.62
CA TYR A 93 5.02 1.11 -13.93
C TYR A 93 6.45 1.57 -13.72
N GLN A 94 7.25 1.55 -14.76
CA GLN A 94 8.66 1.89 -14.64
C GLN A 94 8.88 3.40 -14.74
N GLU A 95 9.60 3.94 -13.77
CA GLU A 95 9.93 5.37 -13.69
C GLU A 95 11.05 5.71 -14.66
N GLN A 96 12.17 5.04 -14.48
CA GLN A 96 13.33 5.22 -15.34
C GLN A 96 13.85 3.84 -15.75
N THR A 97 15.13 3.77 -16.12
CA THR A 97 15.77 2.50 -16.41
C THR A 97 15.47 1.47 -15.32
N GLY A 98 15.01 0.30 -15.73
CA GLY A 98 14.61 -0.71 -14.77
C GLY A 98 15.78 -1.46 -14.18
N GLY A 99 16.07 -1.17 -12.92
CA GLY A 99 17.04 -1.96 -12.17
C GLY A 99 16.56 -3.37 -11.92
N LYS B 3 -24.70 -24.26 -0.34
CA LYS B 3 -23.96 -25.43 0.19
C LYS B 3 -22.59 -25.55 -0.46
N THR B 4 -22.23 -24.58 -1.27
CA THR B 4 -20.98 -24.64 -1.99
C THR B 4 -19.95 -23.71 -1.38
N SER B 5 -18.79 -24.26 -1.05
CA SER B 5 -17.71 -23.50 -0.45
C SER B 5 -16.70 -23.09 -1.51
N VAL B 6 -15.74 -22.27 -1.11
CA VAL B 6 -14.72 -21.80 -2.03
C VAL B 6 -13.46 -22.64 -1.85
N ALA B 7 -12.67 -22.75 -2.90
CA ALA B 7 -11.43 -23.49 -2.83
C ALA B 7 -10.34 -22.53 -2.37
N THR B 8 -9.47 -22.99 -1.49
CA THR B 8 -8.44 -22.14 -0.92
C THR B 8 -7.58 -21.52 -2.03
N GLN B 9 -7.28 -20.24 -1.87
CA GLN B 9 -6.53 -19.52 -2.86
C GLN B 9 -5.14 -19.21 -2.34
N CYS B 10 -4.31 -18.68 -3.21
CA CYS B 10 -3.01 -18.20 -2.81
C CYS B 10 -2.84 -16.76 -3.23
N ASP B 11 -2.31 -15.96 -2.34
CA ASP B 11 -2.03 -14.57 -2.64
C ASP B 11 -0.58 -14.44 -3.04
N PRO B 12 -0.26 -13.42 -3.84
CA PRO B 12 1.11 -13.15 -4.29
C PRO B 12 2.06 -12.87 -3.13
N GLU B 13 3.22 -12.34 -3.46
CA GLU B 13 4.24 -12.05 -2.46
C GLU B 13 3.70 -11.12 -1.39
N GLU B 14 3.83 -11.54 -0.14
CA GLU B 14 3.33 -10.73 0.94
C GLU B 14 4.31 -9.61 1.26
N ILE B 15 4.01 -8.44 0.75
CA ILE B 15 4.75 -7.26 1.09
C ILE B 15 4.08 -6.59 2.27
N ILE B 16 4.85 -6.20 3.28
CA ILE B 16 4.27 -5.67 4.49
C ILE B 16 4.01 -4.19 4.39
N VAL B 17 2.86 -3.78 4.88
CA VAL B 17 2.50 -2.38 4.85
C VAL B 17 3.16 -1.64 6.01
N LEU B 18 3.13 -0.33 5.96
CA LEU B 18 3.71 0.50 6.99
C LEU B 18 2.76 0.62 8.18
N SER B 19 3.25 1.18 9.27
CA SER B 19 2.47 1.30 10.48
C SER B 19 1.62 2.57 10.44
N ASP B 20 0.82 2.79 11.47
CA ASP B 20 -0.23 3.81 11.40
C ASP B 20 0.36 5.21 11.48
N SER B 21 0.02 6.00 10.48
CA SER B 21 0.33 7.42 10.44
C SER B 21 -0.97 8.21 10.56
N ASP B 22 -0.89 9.54 10.41
CA ASP B 22 -2.08 10.39 10.36
C ASP B 22 -2.89 10.31 11.64
N MET A 3 -25.57 -12.87 6.78
CA MET A 3 -25.52 -11.78 7.78
C MET A 3 -26.21 -10.53 7.25
N SER A 4 -27.53 -10.54 7.27
CA SER A 4 -28.31 -9.38 6.83
C SER A 4 -28.32 -8.27 7.88
N ASP A 5 -29.35 -8.25 8.73
CA ASP A 5 -29.47 -7.23 9.77
C ASP A 5 -29.55 -7.89 11.14
N GLN A 6 -30.26 -9.01 11.18
CA GLN A 6 -30.38 -9.78 12.41
C GLN A 6 -29.15 -10.67 12.61
N GLU A 7 -28.58 -11.10 11.49
CA GLU A 7 -27.43 -12.00 11.51
C GLU A 7 -26.14 -11.22 11.66
N ALA A 8 -26.19 -9.94 11.32
CA ALA A 8 -25.04 -9.07 11.44
C ALA A 8 -25.24 -8.12 12.60
N LYS A 9 -24.36 -8.19 13.58
CA LYS A 9 -24.51 -7.40 14.79
C LYS A 9 -24.17 -5.93 14.55
N PRO A 10 -25.18 -5.04 14.65
CA PRO A 10 -25.01 -3.62 14.41
C PRO A 10 -24.44 -2.90 15.61
N SER A 11 -23.61 -3.59 16.35
CA SER A 11 -22.98 -3.05 17.55
C SER A 11 -21.47 -3.02 17.37
N THR A 12 -21.01 -3.54 16.25
CA THR A 12 -19.59 -3.54 15.92
C THR A 12 -19.20 -2.22 15.27
N GLU A 13 -20.19 -1.35 15.13
CA GLU A 13 -20.00 -0.05 14.51
C GLU A 13 -19.28 0.92 15.44
N ASP A 14 -18.91 0.42 16.62
CA ASP A 14 -18.22 1.23 17.61
C ASP A 14 -16.71 1.06 17.46
N LEU A 15 -16.31 0.45 16.34
CA LEU A 15 -14.90 0.17 16.07
C LEU A 15 -14.16 1.46 15.68
N GLY A 16 -12.84 1.37 15.55
CA GLY A 16 -12.05 2.53 15.26
C GLY A 16 -11.95 3.44 16.46
N ASP A 17 -11.81 2.85 17.63
CA ASP A 17 -11.78 3.59 18.89
C ASP A 17 -10.54 3.25 19.70
N LYS A 18 -10.17 1.97 19.69
CA LYS A 18 -9.11 1.47 20.58
C LYS A 18 -7.76 2.08 20.26
N LYS A 19 -7.23 1.85 19.07
CA LYS A 19 -6.01 2.52 18.67
C LYS A 19 -6.38 3.85 18.05
N GLU A 20 -6.86 3.79 16.82
CA GLU A 20 -7.42 4.95 16.15
C GLU A 20 -8.54 4.50 15.24
N GLY A 21 -8.98 5.36 14.33
CA GLY A 21 -10.03 4.99 13.41
C GLY A 21 -9.57 3.98 12.38
N GLU A 22 -10.45 3.62 11.47
CA GLU A 22 -10.13 2.64 10.44
C GLU A 22 -9.32 3.28 9.33
N TYR A 23 -8.37 2.52 8.80
CA TYR A 23 -7.50 2.97 7.73
C TYR A 23 -8.08 2.52 6.40
N ILE A 24 -7.35 2.77 5.33
CA ILE A 24 -7.80 2.39 4.00
C ILE A 24 -6.75 1.57 3.29
N LYS A 25 -7.20 0.70 2.40
CA LYS A 25 -6.32 -0.26 1.75
C LYS A 25 -6.13 0.13 0.30
N LEU A 26 -4.93 -0.03 -0.20
CA LEU A 26 -4.72 0.10 -1.62
C LEU A 26 -4.24 -1.22 -2.19
N LYS A 27 -4.65 -1.50 -3.41
CA LYS A 27 -4.26 -2.70 -4.12
C LYS A 27 -3.10 -2.36 -5.04
N VAL A 28 -1.91 -2.77 -4.67
CA VAL A 28 -0.75 -2.48 -5.49
C VAL A 28 -0.52 -3.60 -6.49
N ILE A 29 -0.45 -3.23 -7.75
CA ILE A 29 -0.18 -4.17 -8.81
C ILE A 29 1.26 -4.04 -9.28
N GLY A 30 2.04 -5.10 -9.11
CA GLY A 30 3.42 -5.07 -9.53
C GLY A 30 3.57 -5.52 -10.97
N GLN A 31 4.67 -5.13 -11.60
CA GLN A 31 4.93 -5.49 -12.99
C GLN A 31 5.16 -6.99 -13.15
N ASP A 32 5.40 -7.67 -12.03
CA ASP A 32 5.55 -9.12 -12.03
C ASP A 32 4.25 -9.79 -11.63
N SER A 33 3.17 -9.01 -11.65
CA SER A 33 1.82 -9.49 -11.34
C SER A 33 1.64 -9.79 -9.85
N SER A 34 2.64 -9.44 -9.05
CA SER A 34 2.52 -9.53 -7.61
C SER A 34 1.64 -8.38 -7.10
N GLU A 35 0.59 -8.71 -6.39
CA GLU A 35 -0.37 -7.72 -5.95
C GLU A 35 -0.46 -7.72 -4.42
N ILE A 36 -0.32 -6.54 -3.82
CA ILE A 36 -0.24 -6.45 -2.37
C ILE A 36 -1.27 -5.46 -1.83
N HIS A 37 -1.84 -5.78 -0.67
CA HIS A 37 -2.85 -4.95 -0.04
C HIS A 37 -2.20 -4.13 1.09
N PHE A 38 -2.32 -2.80 1.03
CA PHE A 38 -1.73 -1.93 2.06
C PHE A 38 -2.80 -1.16 2.82
N LYS A 39 -2.77 -1.22 4.15
CA LYS A 39 -3.67 -0.44 4.97
C LYS A 39 -2.97 0.79 5.55
N VAL A 40 -3.15 1.92 4.86
CA VAL A 40 -2.56 3.20 5.24
C VAL A 40 -3.66 4.16 5.67
N LYS A 41 -3.29 5.21 6.40
CA LYS A 41 -4.27 6.20 6.81
C LYS A 41 -4.69 7.07 5.63
N MET A 42 -5.89 7.62 5.69
CA MET A 42 -6.43 8.42 4.59
C MET A 42 -5.42 9.45 4.09
N THR A 43 -4.72 10.08 5.01
CA THR A 43 -3.81 11.15 4.66
C THR A 43 -2.36 10.69 4.80
N THR A 44 -2.12 9.44 4.45
CA THR A 44 -0.78 8.85 4.54
C THR A 44 0.00 9.08 3.25
N HIS A 45 1.26 9.53 3.38
CA HIS A 45 2.13 9.72 2.21
C HIS A 45 2.20 8.44 1.42
N LEU A 46 1.75 8.51 0.18
CA LEU A 46 1.72 7.35 -0.65
C LEU A 46 3.13 6.97 -1.09
N LYS A 47 4.13 7.82 -0.80
CA LYS A 47 5.51 7.48 -1.08
C LYS A 47 5.90 6.27 -0.27
N LYS A 48 5.48 6.29 0.98
CA LYS A 48 5.76 5.21 1.89
C LYS A 48 5.25 3.92 1.31
N LEU A 49 4.02 3.97 0.80
CA LEU A 49 3.43 2.84 0.09
C LEU A 49 4.33 2.38 -1.07
N LYS A 50 4.79 3.36 -1.84
CA LYS A 50 5.64 3.08 -2.98
C LYS A 50 6.92 2.39 -2.51
N GLU A 51 7.47 2.92 -1.43
CA GLU A 51 8.73 2.42 -0.92
C GLU A 51 8.57 1.05 -0.29
N SER A 52 7.47 0.79 0.44
CA SER A 52 7.27 -0.54 1.02
C SER A 52 7.45 -1.61 -0.04
N TYR A 53 6.73 -1.47 -1.16
CA TYR A 53 6.85 -2.45 -2.23
C TYR A 53 8.26 -2.46 -2.79
N CYS A 54 8.73 -1.29 -3.23
CA CYS A 54 9.96 -1.16 -3.97
C CYS A 54 11.16 -1.60 -3.13
N GLN A 55 11.17 -1.15 -1.89
CA GLN A 55 12.25 -1.42 -0.96
C GLN A 55 12.42 -2.91 -0.70
N ARG A 56 11.33 -3.59 -0.32
CA ARG A 56 11.46 -4.98 0.09
C ARG A 56 11.65 -5.87 -1.13
N GLN A 57 11.19 -5.37 -2.26
CA GLN A 57 11.28 -6.11 -3.52
C GLN A 57 12.68 -6.01 -4.12
N GLY A 58 13.53 -5.15 -3.55
CA GLY A 58 14.87 -4.97 -4.05
C GLY A 58 14.90 -4.11 -5.29
N VAL A 59 14.12 -3.04 -5.26
CA VAL A 59 13.99 -2.13 -6.39
C VAL A 59 14.43 -0.73 -5.96
N PRO A 60 15.09 0.04 -6.83
CA PRO A 60 15.39 1.44 -6.57
C PRO A 60 14.17 2.31 -6.90
N MET A 61 13.89 3.27 -6.02
CA MET A 61 12.66 4.05 -6.11
C MET A 61 12.57 4.85 -7.42
N ASN A 62 13.71 5.07 -8.06
CA ASN A 62 13.74 5.84 -9.30
C ASN A 62 13.45 4.94 -10.50
N SER A 63 13.24 3.66 -10.25
CA SER A 63 12.95 2.72 -11.31
C SER A 63 11.47 2.34 -11.34
N LEU A 64 10.72 2.66 -10.30
CA LEU A 64 9.32 2.25 -10.24
C LEU A 64 8.41 3.39 -9.82
N ARG A 65 7.30 3.50 -10.53
CA ARG A 65 6.28 4.50 -10.21
C ARG A 65 4.97 3.81 -9.83
N PHE A 66 4.29 4.37 -8.85
CA PHE A 66 3.01 3.85 -8.41
C PHE A 66 1.93 4.81 -8.82
N LEU A 67 0.87 4.29 -9.43
CA LEU A 67 -0.17 5.14 -9.97
C LEU A 67 -1.56 4.68 -9.57
N PHE A 68 -2.46 5.64 -9.47
CA PHE A 68 -3.86 5.36 -9.20
C PHE A 68 -4.63 5.40 -10.52
N GLU A 69 -4.80 4.19 -11.08
CA GLU A 69 -5.41 4.02 -12.39
C GLU A 69 -4.77 4.92 -13.43
N GLY A 70 -3.45 4.98 -13.43
CA GLY A 70 -2.74 5.79 -14.39
C GLY A 70 -2.36 7.14 -13.83
N GLN A 71 -2.65 7.39 -12.56
CA GLN A 71 -2.31 8.66 -11.94
C GLN A 71 -0.99 8.55 -11.23
N ARG A 72 0.01 9.26 -11.75
CA ARG A 72 1.33 9.26 -11.16
C ARG A 72 1.27 9.75 -9.71
N ILE A 73 1.48 8.84 -8.77
CA ILE A 73 1.42 9.20 -7.35
C ILE A 73 2.64 10.03 -6.98
N ALA A 74 2.40 11.16 -6.35
CA ALA A 74 3.48 11.99 -5.89
C ALA A 74 3.88 11.54 -4.49
N ASP A 75 5.15 11.65 -4.18
CA ASP A 75 5.68 11.15 -2.93
C ASP A 75 4.96 11.74 -1.72
N ASN A 76 4.60 13.01 -1.80
CA ASN A 76 3.95 13.69 -0.67
C ASN A 76 2.43 13.64 -0.78
N HIS A 77 1.93 12.84 -1.72
CA HIS A 77 0.49 12.76 -1.95
C HIS A 77 -0.10 11.53 -1.27
N THR A 78 -1.36 11.61 -0.86
CA THR A 78 -2.01 10.54 -0.13
C THR A 78 -3.33 10.16 -0.81
N PRO A 79 -3.93 9.00 -0.48
CA PRO A 79 -5.20 8.58 -1.06
C PRO A 79 -6.29 9.64 -0.89
N LYS A 80 -6.30 10.28 0.28
CA LYS A 80 -7.27 11.33 0.59
C LYS A 80 -7.19 12.43 -0.47
N GLU A 81 -5.98 12.82 -0.80
CA GLU A 81 -5.75 13.91 -1.73
C GLU A 81 -6.10 13.51 -3.16
N LEU A 82 -5.69 12.29 -3.52
CA LEU A 82 -5.81 11.82 -4.90
C LEU A 82 -7.24 11.37 -5.22
N GLY A 83 -8.09 11.38 -4.20
CA GLY A 83 -9.48 11.03 -4.39
C GLY A 83 -9.71 9.53 -4.39
N MET A 84 -8.90 8.81 -3.64
CA MET A 84 -9.06 7.37 -3.50
C MET A 84 -9.59 7.05 -2.12
N GLU A 85 -9.93 5.80 -1.90
CA GLU A 85 -10.51 5.37 -0.64
C GLU A 85 -10.09 3.94 -0.32
N GLU A 86 -10.74 3.34 0.67
CA GLU A 86 -10.43 1.97 1.06
C GLU A 86 -10.54 1.00 -0.11
N GLU A 87 -9.49 0.21 -0.27
CA GLU A 87 -9.42 -0.87 -1.25
C GLU A 87 -9.25 -0.35 -2.66
N ASP A 88 -8.77 0.89 -2.78
CA ASP A 88 -8.57 1.51 -4.09
C ASP A 88 -7.34 0.89 -4.75
N VAL A 89 -7.17 1.11 -6.04
CA VAL A 89 -6.18 0.36 -6.82
C VAL A 89 -5.03 1.23 -7.32
N ILE A 90 -3.82 0.71 -7.17
CA ILE A 90 -2.61 1.38 -7.61
C ILE A 90 -1.75 0.42 -8.45
N GLU A 91 -1.35 0.87 -9.63
CA GLU A 91 -0.60 0.05 -10.56
C GLU A 91 0.84 0.51 -10.63
N VAL A 92 1.76 -0.41 -10.83
CA VAL A 92 3.17 -0.10 -10.89
C VAL A 92 3.67 -0.08 -12.33
N TYR A 93 4.47 0.92 -12.62
CA TYR A 93 5.09 1.09 -13.92
C TYR A 93 6.53 1.51 -13.70
N GLN A 94 7.34 1.50 -14.74
CA GLN A 94 8.75 1.79 -14.60
C GLN A 94 9.01 3.29 -14.73
N GLU A 95 9.71 3.85 -13.74
CA GLU A 95 10.05 5.26 -13.70
C GLU A 95 11.18 5.55 -14.69
N GLN A 96 12.29 4.85 -14.50
CA GLN A 96 13.44 4.96 -15.39
C GLN A 96 13.93 3.57 -15.76
N THR A 97 15.16 3.47 -16.22
CA THR A 97 15.77 2.17 -16.52
C THR A 97 15.68 1.24 -15.29
N GLY A 98 15.58 -0.06 -15.58
CA GLY A 98 15.46 -1.05 -14.52
C GLY A 98 16.61 -1.04 -13.52
N GLY A 99 16.32 -1.51 -12.33
CA GLY A 99 17.31 -1.51 -11.26
C GLY A 99 17.98 -2.86 -11.14
N LYS B 3 -19.81 -29.00 -13.46
CA LYS B 3 -19.56 -28.23 -14.70
C LYS B 3 -18.58 -27.11 -14.45
N THR B 4 -18.62 -26.55 -13.26
CA THR B 4 -17.75 -25.44 -12.91
C THR B 4 -16.36 -25.94 -12.58
N SER B 5 -15.37 -25.38 -13.26
CA SER B 5 -14.00 -25.80 -13.08
C SER B 5 -13.20 -24.70 -12.37
N VAL B 6 -12.30 -25.11 -11.49
CA VAL B 6 -11.46 -24.19 -10.76
C VAL B 6 -9.99 -24.53 -10.97
N ALA B 7 -9.18 -23.50 -11.17
CA ALA B 7 -7.75 -23.67 -11.30
C ALA B 7 -7.06 -22.89 -10.20
N THR B 8 -6.08 -23.51 -9.57
CA THR B 8 -5.40 -22.87 -8.46
C THR B 8 -4.08 -22.26 -8.92
N GLN B 9 -3.78 -21.09 -8.43
CA GLN B 9 -2.49 -20.48 -8.66
C GLN B 9 -1.85 -20.07 -7.35
N CYS B 10 -0.54 -19.93 -7.39
CA CYS B 10 0.22 -19.56 -6.21
C CYS B 10 0.22 -18.05 -6.05
N ASP B 11 0.40 -17.61 -4.83
CA ASP B 11 0.40 -16.19 -4.52
C ASP B 11 1.82 -15.76 -4.30
N PRO B 12 2.26 -14.72 -5.02
CA PRO B 12 3.66 -14.34 -5.06
C PRO B 12 4.12 -13.62 -3.81
N GLU B 13 5.21 -12.89 -3.95
CA GLU B 13 5.82 -12.17 -2.83
C GLU B 13 4.83 -11.21 -2.18
N GLU B 14 4.82 -11.23 -0.86
CA GLU B 14 4.05 -10.29 -0.09
C GLU B 14 4.93 -9.12 0.35
N ILE B 15 4.39 -7.93 0.24
CA ILE B 15 5.03 -6.76 0.80
C ILE B 15 4.29 -6.42 2.08
N ILE B 16 4.99 -5.99 3.11
CA ILE B 16 4.34 -5.66 4.36
C ILE B 16 3.92 -4.20 4.34
N VAL B 17 2.80 -3.90 4.97
CA VAL B 17 2.35 -2.53 5.01
C VAL B 17 2.99 -1.82 6.19
N LEU B 18 3.15 -0.53 6.01
CA LEU B 18 3.69 0.34 7.01
C LEU B 18 2.62 0.76 7.98
N SER B 19 3.02 1.43 9.03
CA SER B 19 2.09 1.81 10.08
C SER B 19 1.36 3.07 9.63
N ASP B 20 0.07 3.13 9.92
CA ASP B 20 -0.81 4.11 9.32
C ASP B 20 -0.52 5.50 9.86
N SER B 21 -0.35 6.43 8.93
CA SER B 21 0.09 7.76 9.25
C SER B 21 -1.02 8.79 9.07
N ASP B 22 -1.46 9.38 10.18
CA ASP B 22 -2.39 10.51 10.16
C ASP B 22 -2.39 11.18 11.53
N MET A 3 -35.58 -3.77 23.49
CA MET A 3 -34.15 -3.95 23.15
C MET A 3 -33.49 -2.60 22.89
N SER A 4 -32.38 -2.34 23.57
CA SER A 4 -31.66 -1.08 23.40
C SER A 4 -30.20 -1.32 23.01
N ASP A 5 -29.70 -2.50 23.32
CA ASP A 5 -28.28 -2.81 23.13
C ASP A 5 -28.04 -3.70 21.93
N GLN A 6 -28.68 -4.87 21.95
CA GLN A 6 -28.46 -5.90 20.94
C GLN A 6 -29.07 -5.53 19.59
N GLU A 7 -29.51 -4.29 19.44
CA GLU A 7 -29.94 -3.80 18.14
C GLU A 7 -28.72 -3.59 17.26
N ALA A 8 -27.59 -3.27 17.88
CA ALA A 8 -26.32 -3.19 17.20
C ALA A 8 -25.45 -4.37 17.62
N LYS A 9 -25.36 -5.37 16.73
CA LYS A 9 -24.60 -6.59 16.98
C LYS A 9 -23.30 -6.34 17.75
N PRO A 10 -23.17 -6.92 18.95
CA PRO A 10 -21.97 -6.80 19.79
C PRO A 10 -20.81 -7.62 19.25
N SER A 11 -20.53 -7.45 17.97
CA SER A 11 -19.44 -8.15 17.32
C SER A 11 -18.71 -7.21 16.36
N THR A 12 -19.01 -5.92 16.44
CA THR A 12 -18.47 -4.95 15.49
C THR A 12 -18.00 -3.68 16.18
N GLU A 13 -18.96 -2.91 16.70
CA GLU A 13 -18.67 -1.62 17.33
C GLU A 13 -17.82 -1.77 18.59
N ASP A 14 -17.66 -3.01 19.02
CA ASP A 14 -16.96 -3.33 20.25
C ASP A 14 -15.46 -3.44 20.01
N LEU A 15 -15.06 -3.60 18.75
CA LEU A 15 -13.65 -3.77 18.41
C LEU A 15 -13.11 -2.54 17.68
N GLY A 16 -11.81 -2.52 17.46
CA GLY A 16 -11.19 -1.48 16.65
C GLY A 16 -10.91 -0.20 17.41
N ASP A 17 -11.94 0.35 18.03
CA ASP A 17 -11.88 1.67 18.66
C ASP A 17 -10.82 1.71 19.77
N LYS A 18 -10.52 0.56 20.35
CA LYS A 18 -9.57 0.45 21.44
C LYS A 18 -8.17 0.86 21.02
N LYS A 19 -7.84 0.69 19.75
CA LYS A 19 -6.52 1.05 19.26
C LYS A 19 -6.57 2.37 18.51
N GLU A 20 -7.32 2.40 17.42
CA GLU A 20 -7.49 3.61 16.63
C GLU A 20 -8.76 3.51 15.80
N GLY A 21 -8.91 4.39 14.83
CA GLY A 21 -10.00 4.29 13.89
C GLY A 21 -9.76 3.18 12.87
N GLU A 22 -9.76 3.53 11.60
CA GLU A 22 -9.53 2.56 10.55
C GLU A 22 -8.71 3.17 9.42
N TYR A 23 -7.94 2.33 8.75
CA TYR A 23 -7.13 2.76 7.63
C TYR A 23 -7.88 2.52 6.33
N ILE A 24 -7.20 2.77 5.23
CA ILE A 24 -7.74 2.45 3.91
C ILE A 24 -6.75 1.59 3.14
N LYS A 25 -7.30 0.69 2.34
CA LYS A 25 -6.54 -0.34 1.68
C LYS A 25 -6.29 0.02 0.22
N LEU A 26 -5.13 -0.32 -0.29
CA LEU A 26 -4.89 -0.19 -1.71
C LEU A 26 -4.49 -1.53 -2.28
N LYS A 27 -4.80 -1.71 -3.55
CA LYS A 27 -4.40 -2.88 -4.32
C LYS A 27 -3.18 -2.50 -5.15
N VAL A 28 -2.01 -2.98 -4.76
CA VAL A 28 -0.81 -2.61 -5.49
C VAL A 28 -0.45 -3.70 -6.50
N ILE A 29 -0.45 -3.31 -7.76
CA ILE A 29 -0.12 -4.21 -8.85
C ILE A 29 1.33 -4.02 -9.27
N GLY A 30 2.15 -5.02 -9.07
CA GLY A 30 3.54 -4.91 -9.47
C GLY A 30 3.76 -5.40 -10.89
N GLN A 31 4.87 -4.97 -11.50
CA GLN A 31 5.23 -5.43 -12.83
C GLN A 31 5.59 -6.92 -12.80
N ASP A 32 5.86 -7.40 -11.60
CA ASP A 32 6.13 -8.82 -11.38
C ASP A 32 4.83 -9.58 -11.22
N SER A 33 3.72 -8.86 -11.39
CA SER A 33 2.37 -9.43 -11.28
C SER A 33 2.01 -9.75 -9.84
N SER A 34 2.94 -9.49 -8.93
CA SER A 34 2.65 -9.58 -7.51
C SER A 34 1.70 -8.45 -7.13
N GLU A 35 0.64 -8.79 -6.43
CA GLU A 35 -0.36 -7.81 -6.04
C GLU A 35 -0.52 -7.83 -4.53
N ILE A 36 -0.32 -6.68 -3.90
CA ILE A 36 -0.28 -6.62 -2.45
C ILE A 36 -1.40 -5.75 -1.91
N HIS A 37 -1.97 -6.18 -0.79
CA HIS A 37 -2.91 -5.35 -0.05
C HIS A 37 -2.11 -4.37 0.81
N PHE A 38 -2.56 -3.14 0.89
CA PHE A 38 -1.84 -2.11 1.64
C PHE A 38 -2.83 -1.35 2.49
N LYS A 39 -2.59 -1.24 3.79
CA LYS A 39 -3.49 -0.50 4.66
C LYS A 39 -2.81 0.75 5.22
N VAL A 40 -3.05 1.86 4.54
CA VAL A 40 -2.46 3.14 4.91
C VAL A 40 -3.57 4.09 5.32
N LYS A 41 -3.24 5.10 6.09
CA LYS A 41 -4.23 6.07 6.49
C LYS A 41 -4.53 7.05 5.38
N MET A 42 -5.72 7.63 5.43
CA MET A 42 -6.17 8.60 4.43
C MET A 42 -5.06 9.54 4.01
N THR A 43 -4.34 10.07 4.98
CA THR A 43 -3.36 11.10 4.70
C THR A 43 -1.94 10.57 4.84
N THR A 44 -1.75 9.32 4.41
CA THR A 44 -0.45 8.68 4.46
C THR A 44 0.31 8.96 3.16
N HIS A 45 1.59 9.37 3.27
CA HIS A 45 2.40 9.62 2.10
C HIS A 45 2.44 8.37 1.25
N LEU A 46 1.91 8.48 0.05
CA LEU A 46 1.81 7.32 -0.81
C LEU A 46 3.16 6.94 -1.33
N LYS A 47 4.18 7.77 -1.09
CA LYS A 47 5.53 7.41 -1.41
C LYS A 47 5.94 6.24 -0.55
N LYS A 48 5.49 6.27 0.69
CA LYS A 48 5.79 5.21 1.65
C LYS A 48 5.25 3.90 1.10
N LEU A 49 4.04 3.97 0.56
CA LEU A 49 3.44 2.84 -0.13
C LEU A 49 4.35 2.34 -1.25
N LYS A 50 4.87 3.30 -2.02
CA LYS A 50 5.77 2.99 -3.13
C LYS A 50 7.02 2.30 -2.59
N GLU A 51 7.57 2.90 -1.53
CA GLU A 51 8.80 2.42 -0.94
C GLU A 51 8.60 1.05 -0.30
N SER A 52 7.48 0.83 0.36
CA SER A 52 7.25 -0.46 1.02
C SER A 52 7.37 -1.59 -0.01
N TYR A 53 6.63 -1.47 -1.13
CA TYR A 53 6.72 -2.45 -2.20
C TYR A 53 8.15 -2.52 -2.75
N CYS A 54 8.65 -1.36 -3.17
CA CYS A 54 9.87 -1.25 -3.93
C CYS A 54 11.07 -1.72 -3.11
N GLN A 55 11.15 -1.20 -1.90
CA GLN A 55 12.25 -1.48 -1.00
C GLN A 55 12.37 -2.97 -0.69
N ARG A 56 11.28 -3.59 -0.23
CA ARG A 56 11.38 -4.97 0.22
C ARG A 56 11.60 -5.90 -0.97
N GLN A 57 11.15 -5.46 -2.12
CA GLN A 57 11.19 -6.27 -3.33
C GLN A 57 12.50 -6.08 -4.08
N GLY A 58 13.43 -5.33 -3.48
CA GLY A 58 14.75 -5.16 -4.06
C GLY A 58 14.75 -4.27 -5.29
N VAL A 59 13.96 -3.21 -5.24
CA VAL A 59 13.83 -2.30 -6.36
C VAL A 59 14.28 -0.90 -5.93
N PRO A 60 14.94 -0.13 -6.80
CA PRO A 60 15.23 1.28 -6.54
C PRO A 60 13.98 2.12 -6.74
N MET A 61 13.73 3.02 -5.79
CA MET A 61 12.53 3.82 -5.80
C MET A 61 12.41 4.64 -7.08
N ASN A 62 13.55 4.98 -7.66
CA ASN A 62 13.58 5.86 -8.83
C ASN A 62 13.20 5.11 -10.09
N SER A 63 13.08 3.81 -9.97
CA SER A 63 12.87 2.97 -11.13
C SER A 63 11.39 2.59 -11.25
N LEU A 64 10.62 2.86 -10.21
CA LEU A 64 9.23 2.40 -10.18
C LEU A 64 8.29 3.52 -9.76
N ARG A 65 7.20 3.61 -10.50
CA ARG A 65 6.16 4.60 -10.25
C ARG A 65 4.87 3.89 -9.88
N PHE A 66 4.20 4.40 -8.88
CA PHE A 66 2.95 3.84 -8.43
C PHE A 66 1.84 4.81 -8.80
N LEU A 67 0.78 4.29 -9.38
CA LEU A 67 -0.26 5.16 -9.89
C LEU A 67 -1.65 4.70 -9.45
N PHE A 68 -2.54 5.66 -9.34
CA PHE A 68 -3.94 5.38 -9.03
C PHE A 68 -4.74 5.37 -10.31
N GLU A 69 -4.98 4.14 -10.81
CA GLU A 69 -5.70 3.92 -12.06
C GLU A 69 -5.10 4.76 -13.19
N GLY A 70 -3.78 4.88 -13.21
CA GLY A 70 -3.10 5.63 -14.25
C GLY A 70 -2.72 7.04 -13.81
N GLN A 71 -2.91 7.33 -12.53
CA GLN A 71 -2.57 8.64 -11.99
C GLN A 71 -1.23 8.59 -11.27
N ARG A 72 -0.24 9.30 -11.80
CA ARG A 72 1.09 9.37 -11.19
C ARG A 72 1.00 9.80 -9.72
N ILE A 73 1.30 8.87 -8.81
CA ILE A 73 1.32 9.20 -7.39
C ILE A 73 2.54 10.05 -7.07
N ALA A 74 2.30 11.21 -6.47
CA ALA A 74 3.38 12.09 -6.06
C ALA A 74 3.86 11.69 -4.68
N ASP A 75 5.14 11.87 -4.41
CA ASP A 75 5.75 11.31 -3.22
C ASP A 75 5.04 11.77 -1.94
N ASN A 76 4.67 13.04 -1.89
CA ASN A 76 4.00 13.56 -0.70
C ASN A 76 2.49 13.55 -0.83
N HIS A 77 1.98 12.80 -1.80
CA HIS A 77 0.54 12.71 -2.02
C HIS A 77 -0.03 11.48 -1.36
N THR A 78 -1.27 11.55 -0.91
CA THR A 78 -1.91 10.46 -0.18
C THR A 78 -3.27 10.15 -0.79
N PRO A 79 -3.89 9.01 -0.45
CA PRO A 79 -5.22 8.65 -0.97
C PRO A 79 -6.26 9.74 -0.73
N LYS A 80 -6.19 10.35 0.45
CA LYS A 80 -7.10 11.43 0.83
C LYS A 80 -7.03 12.56 -0.18
N GLU A 81 -5.81 12.92 -0.55
CA GLU A 81 -5.59 14.01 -1.50
C GLU A 81 -5.98 13.61 -2.91
N LEU A 82 -5.62 12.39 -3.28
CA LEU A 82 -5.82 11.90 -4.64
C LEU A 82 -7.28 11.57 -4.92
N GLY A 83 -8.09 11.51 -3.86
CA GLY A 83 -9.50 11.24 -4.04
C GLY A 83 -9.81 9.76 -4.09
N MET A 84 -8.97 8.97 -3.44
CA MET A 84 -9.17 7.53 -3.38
C MET A 84 -9.72 7.16 -2.01
N GLU A 85 -10.09 5.90 -1.86
CA GLU A 85 -10.64 5.42 -0.61
C GLU A 85 -10.20 4.00 -0.35
N GLU A 86 -10.78 3.37 0.66
CA GLU A 86 -10.43 1.99 1.00
C GLU A 86 -10.58 1.06 -0.21
N GLU A 87 -9.55 0.26 -0.39
CA GLU A 87 -9.49 -0.80 -1.39
C GLU A 87 -9.27 -0.27 -2.81
N ASP A 88 -8.78 0.96 -2.91
CA ASP A 88 -8.53 1.55 -4.22
C ASP A 88 -7.31 0.89 -4.89
N VAL A 89 -7.17 1.07 -6.19
CA VAL A 89 -6.19 0.31 -6.95
C VAL A 89 -5.01 1.18 -7.41
N ILE A 90 -3.81 0.65 -7.22
CA ILE A 90 -2.58 1.31 -7.61
C ILE A 90 -1.71 0.37 -8.43
N GLU A 91 -1.30 0.82 -9.60
CA GLU A 91 -0.50 0.00 -10.50
C GLU A 91 0.94 0.49 -10.55
N VAL A 92 1.86 -0.43 -10.74
CA VAL A 92 3.27 -0.11 -10.79
C VAL A 92 3.77 -0.07 -12.23
N TYR A 93 4.55 0.96 -12.52
CA TYR A 93 5.18 1.12 -13.82
C TYR A 93 6.62 1.58 -13.61
N GLN A 94 7.38 1.70 -14.67
CA GLN A 94 8.78 2.08 -14.57
C GLN A 94 8.95 3.59 -14.64
N GLU A 95 9.48 4.18 -13.57
CA GLU A 95 9.71 5.61 -13.50
C GLU A 95 10.91 6.01 -14.37
N GLN A 96 12.05 5.45 -14.07
CA GLN A 96 13.24 5.60 -14.90
C GLN A 96 13.71 4.24 -15.37
N THR A 97 14.90 4.17 -15.95
CA THR A 97 15.48 2.91 -16.36
C THR A 97 15.61 1.98 -15.15
N GLY A 98 15.52 0.68 -15.40
CA GLY A 98 15.51 -0.29 -14.33
C GLY A 98 16.89 -0.56 -13.77
N GLY A 99 16.96 -1.50 -12.84
CA GLY A 99 18.21 -1.81 -12.19
C GLY A 99 18.52 -3.29 -12.30
N LYS B 3 20.56 -32.51 -20.20
CA LYS B 3 20.58 -31.37 -21.14
C LYS B 3 19.56 -30.32 -20.76
N THR B 4 18.60 -30.73 -19.95
CA THR B 4 17.58 -29.81 -19.47
C THR B 4 17.99 -29.23 -18.13
N SER B 5 17.97 -27.92 -18.04
CA SER B 5 18.33 -27.24 -16.81
C SER B 5 17.11 -27.12 -15.92
N VAL B 6 17.32 -27.25 -14.62
CA VAL B 6 16.23 -27.08 -13.67
C VAL B 6 16.23 -25.65 -13.16
N ALA B 7 15.21 -25.29 -12.42
CA ALA B 7 15.10 -23.95 -11.88
C ALA B 7 14.98 -24.03 -10.37
N THR B 8 15.52 -23.04 -9.68
CA THR B 8 15.49 -23.04 -8.23
C THR B 8 14.14 -22.48 -7.76
N GLN B 9 13.94 -22.44 -6.46
CA GLN B 9 12.66 -22.03 -5.92
C GLN B 9 12.57 -20.51 -5.90
N CYS B 10 11.36 -20.02 -6.02
CA CYS B 10 11.11 -18.60 -5.98
C CYS B 10 10.45 -18.23 -4.67
N ASP B 11 10.14 -16.97 -4.50
CA ASP B 11 9.59 -16.48 -3.26
C ASP B 11 8.19 -15.97 -3.50
N PRO B 12 7.21 -16.47 -2.75
CA PRO B 12 5.87 -15.89 -2.75
C PRO B 12 5.92 -14.56 -2.02
N GLU B 13 6.41 -13.58 -2.72
CA GLU B 13 6.81 -12.33 -2.11
C GLU B 13 5.64 -11.63 -1.47
N GLU B 14 5.80 -11.34 -0.21
CA GLU B 14 4.80 -10.62 0.55
C GLU B 14 5.32 -9.26 0.94
N ILE B 15 4.55 -8.24 0.65
CA ILE B 15 4.95 -6.89 0.99
C ILE B 15 4.11 -6.43 2.16
N ILE B 16 4.76 -5.89 3.18
CA ILE B 16 4.08 -5.44 4.37
C ILE B 16 3.63 -4.00 4.22
N VAL B 17 2.84 -3.52 5.15
CA VAL B 17 2.42 -2.13 5.11
C VAL B 17 3.09 -1.34 6.22
N LEU B 18 3.17 -0.04 6.01
CA LEU B 18 3.69 0.90 6.98
C LEU B 18 2.63 1.27 8.00
N SER B 19 3.05 1.97 9.04
CA SER B 19 2.15 2.28 10.15
C SER B 19 1.35 3.55 9.88
N ASP B 20 0.44 3.86 10.80
CA ASP B 20 -0.63 4.81 10.56
C ASP B 20 -0.18 6.28 10.56
N SER B 21 -0.75 7.02 9.62
CA SER B 21 -0.72 8.47 9.63
C SER B 21 -2.10 8.95 10.08
N ASP B 22 -2.38 10.25 9.99
CA ASP B 22 -3.74 10.73 10.25
C ASP B 22 -4.74 10.01 9.33
N MET A 3 -23.86 -13.72 31.93
CA MET A 3 -22.79 -14.44 31.22
C MET A 3 -21.86 -13.45 30.53
N SER A 4 -21.21 -12.60 31.31
CA SER A 4 -20.41 -11.53 30.75
C SER A 4 -18.99 -11.56 31.28
N ASP A 5 -18.87 -11.69 32.60
CA ASP A 5 -17.59 -11.50 33.29
C ASP A 5 -16.55 -12.53 32.85
N GLN A 6 -17.00 -13.74 32.58
CA GLN A 6 -16.10 -14.84 32.26
C GLN A 6 -16.22 -15.24 30.79
N GLU A 7 -17.20 -14.69 30.09
CA GLU A 7 -17.51 -15.13 28.74
C GLU A 7 -17.39 -14.01 27.72
N ALA A 8 -17.35 -12.77 28.18
CA ALA A 8 -17.28 -11.64 27.27
C ALA A 8 -15.96 -10.89 27.41
N LYS A 9 -14.98 -11.28 26.60
CA LYS A 9 -13.74 -10.53 26.51
C LYS A 9 -14.00 -9.12 26.01
N PRO A 10 -13.29 -8.12 26.57
CA PRO A 10 -13.47 -6.70 26.22
C PRO A 10 -12.90 -6.35 24.85
N SER A 11 -13.21 -7.18 23.87
CA SER A 11 -12.75 -6.99 22.51
C SER A 11 -13.88 -7.31 21.52
N THR A 12 -15.06 -7.62 22.06
CA THR A 12 -16.20 -8.04 21.25
C THR A 12 -16.59 -6.95 20.26
N GLU A 13 -17.13 -5.85 20.77
CA GLU A 13 -17.55 -4.74 19.95
C GLU A 13 -16.68 -3.53 20.26
N ASP A 14 -15.50 -3.79 20.80
CA ASP A 14 -14.57 -2.74 21.20
C ASP A 14 -13.49 -2.58 20.14
N LEU A 15 -13.58 -3.39 19.10
CA LEU A 15 -12.58 -3.37 18.04
C LEU A 15 -12.51 -2.00 17.37
N GLY A 16 -11.30 -1.48 17.24
CA GLY A 16 -11.11 -0.19 16.62
C GLY A 16 -10.93 0.93 17.63
N ASP A 17 -11.63 0.83 18.75
CA ASP A 17 -11.68 1.91 19.73
C ASP A 17 -10.29 2.29 20.24
N LYS A 18 -9.47 1.29 20.54
CA LYS A 18 -8.16 1.54 21.13
C LYS A 18 -7.09 1.64 20.04
N LYS A 19 -7.52 1.53 18.79
CA LYS A 19 -6.62 1.67 17.66
C LYS A 19 -6.80 3.06 17.04
N GLU A 20 -7.64 3.16 16.02
CA GLU A 20 -7.90 4.40 15.32
C GLU A 20 -9.30 4.36 14.74
N GLY A 21 -9.62 5.30 13.86
CA GLY A 21 -10.80 5.18 13.05
C GLY A 21 -10.60 4.11 11.99
N GLU A 22 -11.12 4.33 10.80
CA GLU A 22 -10.88 3.40 9.72
C GLU A 22 -9.82 3.94 8.79
N TYR A 23 -8.83 3.10 8.50
CA TYR A 23 -7.83 3.43 7.51
C TYR A 23 -8.13 2.66 6.24
N ILE A 24 -7.34 2.86 5.21
CA ILE A 24 -7.71 2.41 3.89
C ILE A 24 -6.65 1.54 3.25
N LYS A 25 -7.12 0.57 2.49
CA LYS A 25 -6.27 -0.40 1.84
C LYS A 25 -6.09 -0.04 0.38
N LEU A 26 -4.91 -0.19 -0.16
CA LEU A 26 -4.74 -0.04 -1.58
C LEU A 26 -4.34 -1.38 -2.18
N LYS A 27 -4.73 -1.58 -3.43
CA LYS A 27 -4.36 -2.76 -4.19
C LYS A 27 -3.19 -2.42 -5.08
N VAL A 28 -2.00 -2.89 -4.74
CA VAL A 28 -0.84 -2.58 -5.54
C VAL A 28 -0.62 -3.65 -6.59
N ILE A 29 -0.49 -3.22 -7.81
CA ILE A 29 -0.18 -4.11 -8.91
C ILE A 29 1.26 -3.93 -9.31
N GLY A 30 2.09 -4.91 -9.03
CA GLY A 30 3.49 -4.78 -9.35
C GLY A 30 3.78 -5.20 -10.77
N GLN A 31 4.92 -4.76 -11.30
CA GLN A 31 5.34 -5.18 -12.63
C GLN A 31 5.75 -6.64 -12.62
N ASP A 32 5.79 -7.21 -11.42
CA ASP A 32 6.03 -8.63 -11.24
C ASP A 32 4.72 -9.40 -11.27
N SER A 33 3.61 -8.68 -11.50
CA SER A 33 2.26 -9.23 -11.49
C SER A 33 1.81 -9.55 -10.07
N SER A 34 2.72 -9.40 -9.13
CA SER A 34 2.41 -9.54 -7.72
C SER A 34 1.48 -8.41 -7.28
N GLU A 35 0.42 -8.75 -6.56
CA GLU A 35 -0.53 -7.74 -6.13
C GLU A 35 -0.66 -7.78 -4.62
N ILE A 36 -0.34 -6.66 -3.98
CA ILE A 36 -0.27 -6.61 -2.52
C ILE A 36 -1.23 -5.56 -1.98
N HIS A 37 -1.85 -5.87 -0.84
CA HIS A 37 -2.76 -4.94 -0.18
C HIS A 37 -1.97 -4.09 0.80
N PHE A 38 -2.38 -2.83 0.98
CA PHE A 38 -1.65 -1.91 1.85
C PHE A 38 -2.64 -1.13 2.70
N LYS A 39 -2.49 -1.14 4.00
CA LYS A 39 -3.40 -0.41 4.88
C LYS A 39 -2.73 0.85 5.42
N VAL A 40 -3.02 1.96 4.76
CA VAL A 40 -2.47 3.26 5.13
C VAL A 40 -3.60 4.16 5.62
N LYS A 41 -3.25 5.17 6.39
CA LYS A 41 -4.23 6.14 6.85
C LYS A 41 -4.60 7.07 5.71
N MET A 42 -5.81 7.62 5.76
CA MET A 42 -6.34 8.48 4.70
C MET A 42 -5.30 9.46 4.17
N THR A 43 -4.60 10.12 5.08
CA THR A 43 -3.71 11.21 4.71
C THR A 43 -2.26 10.76 4.81
N THR A 44 -2.00 9.52 4.45
CA THR A 44 -0.67 8.94 4.56
C THR A 44 0.13 9.12 3.28
N HIS A 45 1.39 9.56 3.42
CA HIS A 45 2.27 9.74 2.27
C HIS A 45 2.35 8.46 1.47
N LEU A 46 1.87 8.52 0.24
CA LEU A 46 1.82 7.35 -0.60
C LEU A 46 3.22 6.96 -1.04
N LYS A 47 4.23 7.81 -0.77
CA LYS A 47 5.61 7.47 -1.05
C LYS A 47 5.99 6.22 -0.30
N LYS A 48 5.59 6.20 0.95
CA LYS A 48 5.90 5.10 1.84
C LYS A 48 5.32 3.83 1.29
N LEU A 49 4.08 3.90 0.81
CA LEU A 49 3.44 2.79 0.09
C LEU A 49 4.30 2.33 -1.08
N LYS A 50 4.75 3.31 -1.87
CA LYS A 50 5.57 3.02 -3.04
C LYS A 50 6.84 2.30 -2.59
N GLU A 51 7.40 2.79 -1.50
CA GLU A 51 8.62 2.24 -0.97
C GLU A 51 8.40 0.87 -0.35
N SER A 52 7.25 0.66 0.31
CA SER A 52 6.98 -0.65 0.93
C SER A 52 7.19 -1.74 -0.11
N TYR A 53 6.53 -1.58 -1.25
CA TYR A 53 6.66 -2.56 -2.35
C TYR A 53 8.08 -2.57 -2.90
N CYS A 54 8.54 -1.40 -3.32
CA CYS A 54 9.79 -1.26 -4.06
C CYS A 54 10.98 -1.68 -3.21
N GLN A 55 11.04 -1.14 -2.01
CA GLN A 55 12.13 -1.40 -1.09
C GLN A 55 12.23 -2.89 -0.74
N ARG A 56 11.09 -3.49 -0.34
CA ARG A 56 11.15 -4.87 0.13
C ARG A 56 11.47 -5.80 -1.02
N GLN A 57 11.01 -5.45 -2.20
CA GLN A 57 11.18 -6.32 -3.37
C GLN A 57 12.60 -6.25 -3.89
N GLY A 58 13.36 -5.26 -3.42
CA GLY A 58 14.72 -5.08 -3.91
C GLY A 58 14.75 -4.24 -5.16
N VAL A 59 13.93 -3.20 -5.17
CA VAL A 59 13.83 -2.32 -6.33
C VAL A 59 14.25 -0.91 -5.89
N PRO A 60 14.95 -0.16 -6.76
CA PRO A 60 15.27 1.23 -6.48
C PRO A 60 14.09 2.13 -6.79
N MET A 61 13.82 3.07 -5.89
CA MET A 61 12.64 3.91 -6.00
C MET A 61 12.68 4.76 -7.27
N ASN A 62 13.86 4.94 -7.83
CA ASN A 62 14.01 5.71 -9.06
C ASN A 62 13.48 4.93 -10.26
N SER A 63 13.26 3.65 -10.07
CA SER A 63 12.89 2.78 -11.16
C SER A 63 11.39 2.50 -11.19
N LEU A 64 10.67 2.93 -10.16
CA LEU A 64 9.27 2.56 -10.07
C LEU A 64 8.36 3.73 -9.75
N ARG A 65 7.24 3.77 -10.46
CA ARG A 65 6.19 4.74 -10.24
C ARG A 65 4.91 4.01 -9.83
N PHE A 66 4.24 4.53 -8.81
CA PHE A 66 2.98 3.97 -8.36
C PHE A 66 1.87 4.91 -8.74
N LEU A 67 0.81 4.37 -9.32
CA LEU A 67 -0.27 5.19 -9.84
C LEU A 67 -1.63 4.67 -9.42
N PHE A 68 -2.59 5.57 -9.37
CA PHE A 68 -3.97 5.20 -9.09
C PHE A 68 -4.70 4.98 -10.41
N GLU A 69 -4.65 3.73 -10.84
CA GLU A 69 -5.23 3.29 -12.11
C GLU A 69 -4.73 4.18 -13.25
N GLY A 70 -3.45 4.51 -13.24
CA GLY A 70 -2.88 5.35 -14.27
C GLY A 70 -2.61 6.77 -13.82
N GLN A 71 -2.97 7.07 -12.57
CA GLN A 71 -2.75 8.40 -12.02
C GLN A 71 -1.45 8.42 -11.24
N ARG A 72 -0.43 9.04 -11.80
CA ARG A 72 0.89 9.11 -11.17
C ARG A 72 0.80 9.62 -9.74
N ILE A 73 1.10 8.76 -8.78
CA ILE A 73 1.15 9.15 -7.38
C ILE A 73 2.40 9.96 -7.11
N ALA A 74 2.21 11.13 -6.55
CA ALA A 74 3.33 11.91 -6.12
C ALA A 74 3.73 11.44 -4.74
N ASP A 75 5.02 11.48 -4.50
CA ASP A 75 5.62 10.96 -3.29
C ASP A 75 5.08 11.66 -2.04
N ASN A 76 4.70 12.91 -2.18
CA ASN A 76 4.13 13.64 -1.05
C ASN A 76 2.60 13.61 -1.05
N HIS A 77 2.02 12.77 -1.90
CA HIS A 77 0.56 12.67 -2.03
C HIS A 77 -0.01 11.49 -1.27
N THR A 78 -1.29 11.57 -0.91
CA THR A 78 -1.98 10.50 -0.17
C THR A 78 -3.32 10.17 -0.85
N PRO A 79 -3.95 9.01 -0.57
CA PRO A 79 -5.24 8.68 -1.18
C PRO A 79 -6.30 9.76 -0.93
N LYS A 80 -6.24 10.35 0.27
CA LYS A 80 -7.17 11.41 0.65
C LYS A 80 -7.12 12.55 -0.36
N GLU A 81 -5.90 12.92 -0.71
CA GLU A 81 -5.68 14.03 -1.64
C GLU A 81 -6.08 13.64 -3.06
N LEU A 82 -5.73 12.41 -3.44
CA LEU A 82 -5.92 11.96 -4.80
C LEU A 82 -7.37 11.57 -5.08
N GLY A 83 -8.20 11.60 -4.04
CA GLY A 83 -9.60 11.31 -4.22
C GLY A 83 -9.90 9.83 -4.27
N MET A 84 -9.09 9.05 -3.56
CA MET A 84 -9.31 7.61 -3.46
C MET A 84 -9.92 7.27 -2.12
N GLU A 85 -10.24 6.00 -1.93
CA GLU A 85 -10.82 5.54 -0.68
C GLU A 85 -10.27 4.16 -0.36
N GLU A 86 -10.83 3.51 0.66
CA GLU A 86 -10.43 2.16 0.98
C GLU A 86 -10.54 1.23 -0.23
N GLU A 87 -9.50 0.42 -0.38
CA GLU A 87 -9.42 -0.65 -1.37
C GLU A 87 -9.16 -0.11 -2.78
N ASP A 88 -8.68 1.12 -2.86
CA ASP A 88 -8.38 1.71 -4.17
C ASP A 88 -7.16 1.05 -4.80
N VAL A 89 -7.08 1.10 -6.12
CA VAL A 89 -6.10 0.34 -6.87
C VAL A 89 -4.94 1.22 -7.33
N ILE A 90 -3.74 0.71 -7.11
CA ILE A 90 -2.51 1.40 -7.49
C ILE A 90 -1.61 0.47 -8.30
N GLU A 91 -1.26 0.90 -9.50
CA GLU A 91 -0.50 0.08 -10.44
C GLU A 91 0.94 0.56 -10.49
N VAL A 92 1.86 -0.36 -10.71
CA VAL A 92 3.28 -0.05 -10.77
C VAL A 92 3.77 -0.03 -12.21
N TYR A 93 4.53 1.01 -12.52
CA TYR A 93 5.16 1.15 -13.82
C TYR A 93 6.60 1.62 -13.60
N GLN A 94 7.42 1.51 -14.62
CA GLN A 94 8.83 1.83 -14.48
C GLN A 94 9.06 3.34 -14.63
N GLU A 95 9.72 3.93 -13.64
CA GLU A 95 10.01 5.36 -13.63
C GLU A 95 11.22 5.67 -14.51
N GLN A 96 12.37 5.14 -14.10
CA GLN A 96 13.60 5.27 -14.87
C GLN A 96 14.05 3.90 -15.36
N THR A 97 15.32 3.82 -15.72
CA THR A 97 16.00 2.56 -15.93
C THR A 97 15.64 1.53 -14.86
N GLY A 98 15.33 0.32 -15.29
CA GLY A 98 15.01 -0.76 -14.36
C GLY A 98 16.20 -1.21 -13.55
N GLY A 99 15.94 -2.08 -12.58
CA GLY A 99 16.99 -2.54 -11.69
C GLY A 99 17.08 -4.05 -11.68
N LYS B 3 -20.52 -22.67 1.24
CA LYS B 3 -20.88 -23.96 1.88
C LYS B 3 -19.70 -24.57 2.61
N THR B 4 -18.74 -24.99 1.82
CA THR B 4 -17.56 -25.68 2.32
C THR B 4 -16.52 -24.71 2.85
N SER B 5 -15.54 -25.23 3.55
CA SER B 5 -14.40 -24.45 3.97
C SER B 5 -13.16 -24.98 3.26
N VAL B 6 -12.29 -24.07 2.84
CA VAL B 6 -11.11 -24.44 2.09
C VAL B 6 -9.99 -24.82 3.06
N ALA B 7 -8.99 -25.52 2.56
CA ALA B 7 -7.87 -25.94 3.38
C ALA B 7 -6.77 -24.90 3.27
N THR B 8 -5.80 -24.96 4.16
CA THR B 8 -4.75 -23.96 4.15
C THR B 8 -3.77 -24.26 3.01
N GLN B 9 -3.36 -23.22 2.30
CA GLN B 9 -2.44 -23.35 1.19
C GLN B 9 -1.24 -22.45 1.40
N CYS B 10 -0.33 -22.44 0.44
CA CYS B 10 0.82 -21.57 0.51
C CYS B 10 0.45 -20.18 0.01
N ASP B 11 1.31 -19.22 0.27
CA ASP B 11 1.02 -17.82 -0.04
C ASP B 11 2.14 -17.25 -0.90
N PRO B 12 1.78 -16.38 -1.86
CA PRO B 12 2.73 -15.81 -2.80
C PRO B 12 3.55 -14.67 -2.19
N GLU B 13 4.07 -13.80 -3.04
CA GLU B 13 4.92 -12.69 -2.62
C GLU B 13 4.30 -11.92 -1.46
N GLU B 14 5.06 -11.81 -0.39
CA GLU B 14 4.62 -11.00 0.73
C GLU B 14 5.36 -9.67 0.72
N ILE B 15 4.61 -8.62 0.56
CA ILE B 15 5.12 -7.28 0.76
C ILE B 15 4.36 -6.70 1.92
N ILE B 16 5.06 -6.16 2.90
CA ILE B 16 4.39 -5.64 4.07
C ILE B 16 4.00 -4.19 3.87
N VAL B 17 3.08 -3.73 4.68
CA VAL B 17 2.68 -2.35 4.67
C VAL B 17 3.30 -1.65 5.88
N LEU B 18 3.25 -0.33 5.85
CA LEU B 18 3.74 0.47 6.95
C LEU B 18 2.72 0.52 8.06
N SER B 19 3.12 1.07 9.18
CA SER B 19 2.26 1.18 10.33
C SER B 19 1.38 2.42 10.16
N ASP B 20 0.22 2.41 10.80
CA ASP B 20 -0.79 3.43 10.53
C ASP B 20 -0.37 4.77 11.10
N SER B 21 -0.44 5.76 10.24
CA SER B 21 -0.03 7.10 10.56
C SER B 21 -1.26 7.97 10.77
N ASP B 22 -1.03 9.27 10.96
CA ASP B 22 -2.06 10.28 11.08
C ASP B 22 -3.25 9.81 11.90
N MET A 3 -9.31 24.21 18.17
CA MET A 3 -8.11 25.01 17.81
C MET A 3 -7.15 24.20 16.95
N SER A 4 -7.34 24.24 15.64
CA SER A 4 -6.36 23.68 14.73
C SER A 4 -5.38 24.79 14.36
N ASP A 5 -5.92 25.88 13.82
CA ASP A 5 -5.16 27.11 13.66
C ASP A 5 -5.71 28.17 14.60
N GLN A 6 -6.83 28.76 14.22
CA GLN A 6 -7.52 29.71 15.07
C GLN A 6 -8.97 29.27 15.25
N GLU A 7 -9.66 29.09 14.13
CA GLU A 7 -11.08 28.76 14.16
C GLU A 7 -11.36 27.35 13.66
N ALA A 8 -10.39 26.77 12.96
CA ALA A 8 -10.55 25.42 12.40
C ALA A 8 -10.85 24.40 13.51
N LYS A 9 -11.83 23.54 13.25
CA LYS A 9 -12.34 22.60 14.25
C LYS A 9 -11.26 21.60 14.64
N PRO A 10 -11.21 21.23 15.93
CA PRO A 10 -10.22 20.30 16.45
C PRO A 10 -10.71 18.86 16.47
N SER A 11 -11.77 18.62 15.74
CA SER A 11 -12.42 17.32 15.70
C SER A 11 -11.71 16.39 14.71
N THR A 12 -10.65 16.89 14.10
CA THR A 12 -9.85 16.10 13.19
C THR A 12 -8.79 15.32 13.94
N GLU A 13 -8.53 15.75 15.17
CA GLU A 13 -7.40 15.22 15.92
C GLU A 13 -7.83 14.18 16.95
N ASP A 14 -9.11 14.17 17.31
CA ASP A 14 -9.62 13.24 18.33
C ASP A 14 -10.10 11.95 17.68
N LEU A 15 -9.46 11.55 16.60
CA LEU A 15 -9.90 10.42 15.81
C LEU A 15 -9.14 9.15 16.18
N GLY A 16 -9.88 8.06 16.34
CA GLY A 16 -9.29 6.78 16.70
C GLY A 16 -10.01 6.15 17.86
N ASP A 17 -11.31 6.35 17.90
CA ASP A 17 -12.16 5.96 19.02
C ASP A 17 -12.12 4.45 19.28
N LYS A 18 -12.34 3.66 18.25
CA LYS A 18 -12.53 2.22 18.42
C LYS A 18 -11.21 1.47 18.39
N LYS A 19 -10.73 1.17 17.20
CA LYS A 19 -9.54 0.35 17.05
C LYS A 19 -8.30 1.22 16.90
N GLU A 20 -8.32 2.05 15.87
CA GLU A 20 -7.23 2.95 15.53
C GLU A 20 -7.82 4.09 14.73
N GLY A 21 -6.97 4.93 14.17
CA GLY A 21 -7.42 5.88 13.18
C GLY A 21 -7.91 5.17 11.93
N GLU A 22 -8.72 5.84 11.15
CA GLU A 22 -9.22 5.26 9.92
C GLU A 22 -8.13 5.15 8.89
N TYR A 23 -7.95 3.96 8.37
CA TYR A 23 -6.97 3.71 7.35
C TYR A 23 -7.54 2.83 6.26
N ILE A 24 -6.95 2.97 5.11
CA ILE A 24 -7.49 2.42 3.89
C ILE A 24 -6.45 1.56 3.17
N LYS A 25 -6.91 0.52 2.55
CA LYS A 25 -6.04 -0.42 1.87
C LYS A 25 -5.98 -0.10 0.39
N LEU A 26 -4.79 -0.11 -0.18
CA LEU A 26 -4.68 -0.01 -1.62
C LEU A 26 -4.24 -1.34 -2.19
N LYS A 27 -4.68 -1.60 -3.40
CA LYS A 27 -4.35 -2.82 -4.10
C LYS A 27 -3.21 -2.52 -5.05
N VAL A 28 -2.01 -2.94 -4.70
CA VAL A 28 -0.86 -2.60 -5.51
C VAL A 28 -0.58 -3.68 -6.54
N ILE A 29 -0.46 -3.27 -7.79
CA ILE A 29 -0.08 -4.16 -8.86
C ILE A 29 1.37 -3.90 -9.22
N GLY A 30 2.23 -4.84 -8.91
CA GLY A 30 3.62 -4.67 -9.22
C GLY A 30 3.96 -5.16 -10.60
N GLN A 31 5.12 -4.75 -11.11
CA GLN A 31 5.58 -5.21 -12.42
C GLN A 31 6.08 -6.65 -12.33
N ASP A 32 5.99 -7.20 -11.12
CA ASP A 32 6.28 -8.61 -10.88
C ASP A 32 4.99 -9.41 -10.93
N SER A 33 3.88 -8.74 -11.30
CA SER A 33 2.53 -9.34 -11.30
C SER A 33 2.02 -9.52 -9.87
N SER A 34 2.93 -9.37 -8.92
CA SER A 34 2.59 -9.39 -7.51
C SER A 34 1.55 -8.32 -7.18
N GLU A 35 0.57 -8.68 -6.37
CA GLU A 35 -0.45 -7.73 -5.95
C GLU A 35 -0.56 -7.79 -4.43
N ILE A 36 -0.45 -6.64 -3.78
CA ILE A 36 -0.37 -6.61 -2.33
C ILE A 36 -1.36 -5.59 -1.74
N HIS A 37 -1.93 -5.95 -0.60
CA HIS A 37 -2.84 -5.07 0.12
C HIS A 37 -2.06 -4.21 1.12
N PHE A 38 -2.11 -2.89 0.96
CA PHE A 38 -1.48 -1.99 1.94
C PHE A 38 -2.51 -1.11 2.63
N LYS A 39 -2.52 -1.14 3.96
CA LYS A 39 -3.41 -0.26 4.72
C LYS A 39 -2.66 0.96 5.23
N VAL A 40 -2.83 2.06 4.52
CA VAL A 40 -2.23 3.33 4.88
C VAL A 40 -3.30 4.30 5.38
N LYS A 41 -2.92 5.29 6.14
CA LYS A 41 -3.89 6.25 6.66
C LYS A 41 -4.38 7.16 5.55
N MET A 42 -5.60 7.67 5.69
CA MET A 42 -6.22 8.50 4.66
C MET A 42 -5.26 9.54 4.10
N THR A 43 -4.50 10.19 4.96
CA THR A 43 -3.62 11.26 4.55
C THR A 43 -2.15 10.82 4.67
N THR A 44 -1.90 9.56 4.30
CA THR A 44 -0.56 8.98 4.39
C THR A 44 0.21 9.21 3.10
N HIS A 45 1.46 9.65 3.21
CA HIS A 45 2.32 9.82 2.05
C HIS A 45 2.33 8.53 1.28
N LEU A 46 1.81 8.55 0.07
CA LEU A 46 1.73 7.34 -0.71
C LEU A 46 3.11 6.89 -1.09
N LYS A 47 4.13 7.72 -0.85
CA LYS A 47 5.50 7.33 -1.07
C LYS A 47 5.85 6.18 -0.18
N LYS A 48 5.33 6.23 1.04
CA LYS A 48 5.57 5.17 1.99
C LYS A 48 5.12 3.85 1.39
N LEU A 49 3.92 3.87 0.83
CA LEU A 49 3.38 2.73 0.09
C LEU A 49 4.33 2.32 -1.04
N LYS A 50 4.81 3.31 -1.77
CA LYS A 50 5.70 3.06 -2.90
C LYS A 50 6.98 2.40 -2.41
N GLU A 51 7.52 2.93 -1.33
CA GLU A 51 8.78 2.43 -0.79
C GLU A 51 8.61 1.01 -0.27
N SER A 52 7.52 0.73 0.44
CA SER A 52 7.32 -0.60 1.01
C SER A 52 7.42 -1.66 -0.09
N TYR A 53 6.65 -1.48 -1.18
CA TYR A 53 6.73 -2.41 -2.30
C TYR A 53 8.14 -2.45 -2.87
N CYS A 54 8.63 -1.29 -3.26
CA CYS A 54 9.85 -1.16 -4.03
C CYS A 54 11.05 -1.67 -3.24
N GLN A 55 11.09 -1.28 -1.98
CA GLN A 55 12.18 -1.65 -1.09
C GLN A 55 12.29 -3.15 -0.92
N ARG A 56 11.20 -3.80 -0.54
CA ARG A 56 11.28 -5.21 -0.20
C ARG A 56 11.34 -6.07 -1.45
N GLN A 57 10.80 -5.54 -2.54
CA GLN A 57 10.81 -6.23 -3.82
C GLN A 57 12.16 -6.12 -4.52
N GLY A 58 13.10 -5.42 -3.89
CA GLY A 58 14.44 -5.29 -4.45
C GLY A 58 14.48 -4.35 -5.64
N VAL A 59 13.82 -3.22 -5.51
CA VAL A 59 13.74 -2.23 -6.57
C VAL A 59 14.26 -0.89 -6.05
N PRO A 60 14.94 -0.09 -6.88
CA PRO A 60 15.28 1.28 -6.53
C PRO A 60 14.09 2.21 -6.76
N MET A 61 13.87 3.12 -5.84
CA MET A 61 12.66 3.95 -5.84
C MET A 61 12.61 4.84 -7.09
N ASN A 62 13.76 5.12 -7.65
CA ASN A 62 13.87 6.00 -8.83
C ASN A 62 13.41 5.27 -10.09
N SER A 63 13.30 3.96 -10.01
CA SER A 63 12.97 3.16 -11.18
C SER A 63 11.51 2.72 -11.18
N LEU A 64 10.76 3.04 -10.13
CA LEU A 64 9.38 2.57 -10.06
C LEU A 64 8.41 3.66 -9.64
N ARG A 65 7.28 3.68 -10.32
CA ARG A 65 6.22 4.63 -10.01
C ARG A 65 4.93 3.90 -9.69
N PHE A 66 4.19 4.43 -8.74
CA PHE A 66 2.92 3.89 -8.34
C PHE A 66 1.81 4.84 -8.77
N LEU A 67 0.76 4.31 -9.36
CA LEU A 67 -0.30 5.13 -9.89
C LEU A 67 -1.68 4.63 -9.49
N PHE A 68 -2.63 5.55 -9.44
CA PHE A 68 -4.02 5.19 -9.21
C PHE A 68 -4.73 5.13 -10.56
N GLU A 69 -4.75 3.92 -11.11
CA GLU A 69 -5.34 3.64 -12.42
C GLU A 69 -4.89 4.66 -13.46
N GLY A 70 -3.58 4.86 -13.55
CA GLY A 70 -3.04 5.77 -14.54
C GLY A 70 -2.70 7.13 -13.98
N GLN A 71 -2.93 7.34 -12.69
CA GLN A 71 -2.64 8.62 -12.06
C GLN A 71 -1.33 8.52 -11.29
N ARG A 72 -0.28 9.14 -11.80
CA ARG A 72 1.04 9.08 -11.21
C ARG A 72 1.02 9.62 -9.77
N ILE A 73 1.32 8.75 -8.82
CA ILE A 73 1.33 9.13 -7.42
C ILE A 73 2.59 9.90 -7.09
N ALA A 74 2.43 11.07 -6.48
CA ALA A 74 3.57 11.85 -6.06
C ALA A 74 3.95 11.45 -4.65
N ASP A 75 5.21 11.58 -4.30
CA ASP A 75 5.70 11.03 -3.06
C ASP A 75 4.96 11.62 -1.85
N ASN A 76 4.65 12.90 -1.91
CA ASN A 76 3.97 13.56 -0.79
C ASN A 76 2.45 13.56 -0.96
N HIS A 77 1.97 12.79 -1.93
CA HIS A 77 0.53 12.72 -2.20
C HIS A 77 -0.08 11.51 -1.49
N THR A 78 -1.32 11.66 -1.05
CA THR A 78 -1.99 10.60 -0.30
C THR A 78 -3.32 10.25 -0.97
N PRO A 79 -3.94 9.10 -0.65
CA PRO A 79 -5.22 8.73 -1.24
C PRO A 79 -6.29 9.79 -0.97
N LYS A 80 -6.21 10.43 0.19
CA LYS A 80 -7.14 11.49 0.55
C LYS A 80 -7.12 12.58 -0.50
N GLU A 81 -5.91 12.95 -0.89
CA GLU A 81 -5.70 14.02 -1.86
C GLU A 81 -6.11 13.55 -3.26
N LEU A 82 -5.79 12.30 -3.57
CA LEU A 82 -5.98 11.80 -4.92
C LEU A 82 -7.41 11.31 -5.15
N GLY A 83 -8.27 11.53 -4.16
CA GLY A 83 -9.68 11.16 -4.29
C GLY A 83 -9.89 9.66 -4.21
N MET A 84 -9.00 9.00 -3.50
CA MET A 84 -9.04 7.56 -3.31
C MET A 84 -9.75 7.22 -1.99
N GLU A 85 -10.16 5.98 -1.85
CA GLU A 85 -10.76 5.51 -0.62
C GLU A 85 -10.21 4.14 -0.27
N GLU A 86 -10.75 3.51 0.76
CA GLU A 86 -10.34 2.17 1.13
C GLU A 86 -10.52 1.20 -0.04
N GLU A 87 -9.49 0.38 -0.23
CA GLU A 87 -9.48 -0.72 -1.18
C GLU A 87 -9.30 -0.25 -2.63
N ASP A 88 -8.78 0.95 -2.80
CA ASP A 88 -8.49 1.48 -4.14
C ASP A 88 -7.26 0.79 -4.73
N VAL A 89 -7.18 0.75 -6.04
CA VAL A 89 -6.13 0.02 -6.72
C VAL A 89 -5.04 0.95 -7.26
N ILE A 90 -3.80 0.52 -7.11
CA ILE A 90 -2.63 1.26 -7.56
C ILE A 90 -1.74 0.36 -8.42
N GLU A 91 -1.37 0.83 -9.59
CA GLU A 91 -0.57 0.03 -10.52
C GLU A 91 0.85 0.57 -10.58
N VAL A 92 1.81 -0.33 -10.77
CA VAL A 92 3.21 0.04 -10.84
C VAL A 92 3.70 0.09 -12.27
N TYR A 93 4.44 1.14 -12.56
CA TYR A 93 5.07 1.34 -13.85
C TYR A 93 6.50 1.76 -13.62
N GLN A 94 7.33 1.70 -14.65
CA GLN A 94 8.72 2.02 -14.49
C GLN A 94 8.95 3.54 -14.58
N GLU A 95 9.68 4.06 -13.60
CA GLU A 95 9.99 5.49 -13.52
C GLU A 95 11.11 5.85 -14.49
N GLN A 96 12.13 5.01 -14.51
CA GLN A 96 13.29 5.22 -15.36
C GLN A 96 13.98 3.90 -15.66
N THR A 97 15.19 3.96 -16.19
CA THR A 97 16.01 2.77 -16.39
C THR A 97 16.04 1.88 -15.14
N GLY A 98 16.00 0.57 -15.36
CA GLY A 98 16.03 -0.40 -14.27
C GLY A 98 17.25 -0.22 -13.37
N GLY A 99 17.13 -0.70 -12.15
CA GLY A 99 18.19 -0.54 -11.18
C GLY A 99 18.75 -1.87 -10.74
N LYS B 3 5.07 -22.52 -33.28
CA LYS B 3 6.49 -22.06 -33.29
C LYS B 3 6.74 -21.03 -32.22
N THR B 4 5.67 -20.45 -31.71
CA THR B 4 5.77 -19.42 -30.69
C THR B 4 5.72 -20.05 -29.30
N SER B 5 6.66 -19.66 -28.45
CA SER B 5 6.76 -20.21 -27.12
C SER B 5 5.91 -19.42 -26.15
N VAL B 6 5.28 -20.12 -25.22
CA VAL B 6 4.47 -19.48 -24.20
C VAL B 6 5.35 -19.09 -23.00
N ALA B 7 5.10 -17.92 -22.46
CA ALA B 7 5.86 -17.45 -21.30
C ALA B 7 5.22 -17.99 -20.02
N THR B 8 6.02 -18.17 -18.99
CA THR B 8 5.53 -18.68 -17.72
C THR B 8 5.16 -17.51 -16.80
N GLN B 9 4.23 -17.75 -15.90
CA GLN B 9 3.72 -16.70 -15.03
C GLN B 9 4.63 -16.45 -13.86
N CYS B 10 4.47 -15.27 -13.31
CA CYS B 10 5.22 -14.81 -12.17
C CYS B 10 4.53 -15.20 -10.87
N ASP B 11 5.22 -14.99 -9.77
CA ASP B 11 4.73 -15.38 -8.47
C ASP B 11 4.09 -14.20 -7.76
N PRO B 12 2.88 -14.38 -7.24
CA PRO B 12 2.18 -13.33 -6.52
C PRO B 12 2.80 -13.06 -5.16
N GLU B 13 3.83 -12.25 -5.19
CA GLU B 13 4.58 -11.89 -3.99
C GLU B 13 3.71 -11.14 -3.02
N GLU B 14 3.92 -11.42 -1.75
CA GLU B 14 3.22 -10.73 -0.70
C GLU B 14 4.17 -9.78 0.01
N ILE B 15 3.70 -8.59 0.27
CA ILE B 15 4.49 -7.56 0.90
C ILE B 15 3.79 -7.08 2.17
N ILE B 16 4.54 -6.56 3.13
CA ILE B 16 3.95 -6.07 4.36
C ILE B 16 3.56 -4.60 4.19
N VAL B 17 2.80 -4.08 5.14
CA VAL B 17 2.42 -2.69 5.06
C VAL B 17 3.03 -1.89 6.21
N LEU B 18 3.15 -0.61 5.96
CA LEU B 18 3.67 0.36 6.90
C LEU B 18 2.58 0.79 7.88
N SER B 19 2.97 1.56 8.87
CA SER B 19 2.06 1.98 9.91
C SER B 19 1.31 3.23 9.46
N ASP B 20 0.18 3.51 10.10
CA ASP B 20 -0.71 4.56 9.65
C ASP B 20 -0.12 5.94 9.92
N SER B 21 0.00 6.72 8.87
CA SER B 21 0.61 8.04 8.95
C SER B 21 -0.41 9.15 8.72
N ASP B 22 -0.66 9.96 9.75
CA ASP B 22 -1.43 11.17 9.62
C ASP B 22 -0.97 12.19 10.66
N MET A 3 5.69 -8.73 19.66
CA MET A 3 6.25 -9.45 20.83
C MET A 3 5.13 -9.82 21.80
N SER A 4 4.62 -8.83 22.52
CA SER A 4 3.62 -9.05 23.54
C SER A 4 2.26 -8.57 23.07
N ASP A 5 2.25 -7.96 21.88
CA ASP A 5 1.02 -7.49 21.25
C ASP A 5 0.13 -8.66 20.86
N GLN A 6 0.77 -9.77 20.54
CA GLN A 6 0.05 -10.97 20.15
C GLN A 6 -0.14 -11.90 21.34
N GLU A 7 0.60 -11.64 22.41
CA GLU A 7 0.46 -12.41 23.64
C GLU A 7 -0.75 -11.91 24.43
N ALA A 8 -0.74 -10.63 24.75
CA ALA A 8 -1.89 -9.98 25.35
C ALA A 8 -2.41 -8.92 24.40
N LYS A 9 -3.47 -9.23 23.68
CA LYS A 9 -3.95 -8.39 22.61
C LYS A 9 -5.02 -7.42 23.09
N PRO A 10 -4.94 -6.16 22.67
CA PRO A 10 -5.93 -5.14 22.97
C PRO A 10 -7.05 -5.15 21.95
N SER A 11 -7.64 -6.32 21.77
CA SER A 11 -8.63 -6.51 20.73
C SER A 11 -10.05 -6.52 21.30
N THR A 12 -10.18 -6.18 22.58
CA THR A 12 -11.48 -6.21 23.22
C THR A 12 -12.30 -4.97 22.87
N GLU A 13 -11.95 -3.85 23.49
CA GLU A 13 -12.64 -2.60 23.27
C GLU A 13 -11.64 -1.49 23.03
N ASP A 14 -10.44 -1.90 22.63
CA ASP A 14 -9.32 -1.00 22.53
C ASP A 14 -9.04 -0.61 21.08
N LEU A 15 -9.25 -1.56 20.17
CA LEU A 15 -8.99 -1.33 18.76
C LEU A 15 -9.97 -0.31 18.18
N GLY A 16 -9.42 0.70 17.53
CA GLY A 16 -10.23 1.71 16.91
C GLY A 16 -10.07 3.05 17.58
N ASP A 17 -9.54 3.01 18.80
CA ASP A 17 -9.36 4.23 19.58
C ASP A 17 -7.92 4.41 20.04
N LYS A 18 -7.37 3.38 20.68
CA LYS A 18 -6.06 3.50 21.34
C LYS A 18 -4.91 3.58 20.35
N LYS A 19 -5.05 2.95 19.19
CA LYS A 19 -4.11 3.17 18.10
C LYS A 19 -4.64 4.31 17.24
N GLU A 20 -5.48 3.99 16.27
CA GLU A 20 -6.19 4.98 15.47
C GLU A 20 -7.53 4.42 15.01
N GLY A 21 -8.31 5.26 14.37
CA GLY A 21 -9.59 4.82 13.85
C GLY A 21 -9.48 3.99 12.59
N GLU A 22 -10.10 4.46 11.53
CA GLU A 22 -10.16 3.71 10.28
C GLU A 22 -9.02 4.08 9.35
N TYR A 23 -8.51 3.08 8.64
CA TYR A 23 -7.52 3.29 7.60
C TYR A 23 -8.06 2.79 6.28
N ILE A 24 -7.32 3.01 5.23
CA ILE A 24 -7.73 2.59 3.91
C ILE A 24 -6.64 1.75 3.26
N LYS A 25 -7.06 0.78 2.48
CA LYS A 25 -6.16 -0.20 1.92
C LYS A 25 -6.02 0.04 0.43
N LEU A 26 -4.83 -0.07 -0.11
CA LEU A 26 -4.69 0.01 -1.55
C LEU A 26 -4.25 -1.34 -2.09
N LYS A 27 -4.69 -1.60 -3.31
CA LYS A 27 -4.31 -2.79 -4.05
C LYS A 27 -3.20 -2.42 -5.01
N VAL A 28 -1.98 -2.85 -4.71
CA VAL A 28 -0.87 -2.51 -5.55
C VAL A 28 -0.60 -3.62 -6.56
N ILE A 29 -0.55 -3.24 -7.81
CA ILE A 29 -0.26 -4.16 -8.89
C ILE A 29 1.18 -4.00 -9.34
N GLY A 30 1.97 -5.04 -9.21
CA GLY A 30 3.35 -4.96 -9.62
C GLY A 30 3.53 -5.37 -11.07
N GLN A 31 4.66 -5.01 -11.65
CA GLN A 31 4.97 -5.35 -13.04
C GLN A 31 5.36 -6.82 -13.15
N ASP A 32 5.30 -7.53 -12.03
CA ASP A 32 5.55 -8.96 -12.01
C ASP A 32 4.23 -9.70 -11.97
N SER A 33 3.14 -8.93 -12.01
CA SER A 33 1.78 -9.43 -11.84
C SER A 33 1.50 -9.76 -10.38
N SER A 34 2.51 -9.55 -9.54
CA SER A 34 2.37 -9.67 -8.10
C SER A 34 1.46 -8.56 -7.58
N GLU A 35 0.68 -8.85 -6.54
CA GLU A 35 -0.25 -7.88 -6.02
C GLU A 35 -0.23 -7.88 -4.49
N ILE A 36 -0.13 -6.71 -3.90
CA ILE A 36 -0.08 -6.58 -2.45
C ILE A 36 -0.96 -5.46 -1.96
N HIS A 37 -1.58 -5.68 -0.81
CA HIS A 37 -2.42 -4.69 -0.17
C HIS A 37 -1.56 -3.75 0.66
N PHE A 38 -2.06 -2.55 0.95
CA PHE A 38 -1.36 -1.61 1.81
C PHE A 38 -2.38 -0.89 2.67
N LYS A 39 -2.20 -0.88 3.98
CA LYS A 39 -3.12 -0.21 4.88
C LYS A 39 -2.55 1.11 5.38
N VAL A 40 -2.98 2.18 4.77
CA VAL A 40 -2.49 3.51 5.07
C VAL A 40 -3.62 4.40 5.56
N LYS A 41 -3.27 5.46 6.27
CA LYS A 41 -4.25 6.44 6.71
C LYS A 41 -4.63 7.35 5.55
N MET A 42 -5.82 7.92 5.60
CA MET A 42 -6.35 8.74 4.49
C MET A 42 -5.31 9.73 3.98
N THR A 43 -4.60 10.38 4.88
CA THR A 43 -3.67 11.43 4.52
C THR A 43 -2.23 10.94 4.69
N THR A 44 -2.01 9.68 4.34
CA THR A 44 -0.71 9.06 4.48
C THR A 44 0.13 9.26 3.24
N HIS A 45 1.40 9.66 3.42
CA HIS A 45 2.32 9.81 2.29
C HIS A 45 2.35 8.54 1.50
N LEU A 46 1.89 8.60 0.28
CA LEU A 46 1.84 7.43 -0.54
C LEU A 46 3.23 7.03 -0.98
N LYS A 47 4.23 7.88 -0.71
CA LYS A 47 5.61 7.52 -0.95
C LYS A 47 5.96 6.27 -0.17
N LYS A 48 5.53 6.26 1.08
CA LYS A 48 5.80 5.16 1.98
C LYS A 48 5.25 3.88 1.40
N LEU A 49 4.03 3.97 0.88
CA LEU A 49 3.40 2.86 0.17
C LEU A 49 4.30 2.37 -0.96
N LYS A 50 4.82 3.32 -1.72
CA LYS A 50 5.69 3.02 -2.85
C LYS A 50 6.94 2.32 -2.35
N GLU A 51 7.52 2.89 -1.30
CA GLU A 51 8.77 2.41 -0.76
C GLU A 51 8.62 1.02 -0.14
N SER A 52 7.53 0.78 0.58
CA SER A 52 7.34 -0.54 1.18
C SER A 52 7.42 -1.61 0.09
N TYR A 53 6.63 -1.44 -0.98
CA TYR A 53 6.67 -2.36 -2.11
C TYR A 53 8.08 -2.44 -2.69
N CYS A 54 8.58 -1.29 -3.13
CA CYS A 54 9.79 -1.19 -3.91
C CYS A 54 11.01 -1.66 -3.13
N GLN A 55 11.13 -1.14 -1.92
CA GLN A 55 12.28 -1.41 -1.07
C GLN A 55 12.40 -2.90 -0.76
N ARG A 56 11.34 -3.51 -0.25
CA ARG A 56 11.44 -4.88 0.21
C ARG A 56 11.57 -5.83 -0.97
N GLN A 57 11.04 -5.39 -2.10
CA GLN A 57 11.01 -6.20 -3.30
C GLN A 57 12.34 -6.16 -4.05
N GLY A 58 13.25 -5.31 -3.61
CA GLY A 58 14.55 -5.22 -4.23
C GLY A 58 14.56 -4.32 -5.46
N VAL A 59 13.79 -3.24 -5.37
CA VAL A 59 13.69 -2.28 -6.45
C VAL A 59 14.16 -0.92 -5.95
N PRO A 60 14.83 -0.12 -6.81
CA PRO A 60 15.17 1.26 -6.46
C PRO A 60 13.98 2.19 -6.71
N MET A 61 13.74 3.11 -5.79
CA MET A 61 12.57 3.97 -5.82
C MET A 61 12.52 4.83 -7.08
N ASN A 62 13.68 5.04 -7.70
CA ASN A 62 13.77 5.86 -8.91
C ASN A 62 13.43 5.06 -10.16
N SER A 63 13.24 3.76 -10.01
CA SER A 63 12.97 2.91 -11.15
C SER A 63 11.48 2.55 -11.25
N LEU A 64 10.71 2.84 -10.20
CA LEU A 64 9.32 2.42 -10.18
C LEU A 64 8.38 3.55 -9.80
N ARG A 65 7.25 3.59 -10.49
CA ARG A 65 6.22 4.58 -10.24
C ARG A 65 4.91 3.90 -9.86
N PHE A 66 4.25 4.42 -8.84
CA PHE A 66 2.99 3.88 -8.38
C PHE A 66 1.88 4.83 -8.78
N LEU A 67 0.82 4.30 -9.37
CA LEU A 67 -0.24 5.14 -9.90
C LEU A 67 -1.61 4.66 -9.50
N PHE A 68 -2.53 5.60 -9.46
CA PHE A 68 -3.91 5.33 -9.19
C PHE A 68 -4.65 5.19 -10.52
N GLU A 69 -4.62 3.97 -11.04
CA GLU A 69 -5.17 3.63 -12.34
C GLU A 69 -4.65 4.56 -13.43
N GLY A 70 -3.41 4.98 -13.27
CA GLY A 70 -2.79 5.86 -14.25
C GLY A 70 -2.50 7.23 -13.67
N GLN A 71 -2.84 7.42 -12.41
CA GLN A 71 -2.57 8.68 -11.74
C GLN A 71 -1.26 8.57 -10.99
N ARG A 72 -0.25 9.27 -11.47
CA ARG A 72 1.07 9.22 -10.87
C ARG A 72 1.02 9.68 -9.41
N ILE A 73 1.34 8.77 -8.51
CA ILE A 73 1.42 9.09 -7.10
C ILE A 73 2.68 9.87 -6.79
N ALA A 74 2.53 10.99 -6.11
CA ALA A 74 3.68 11.78 -5.70
C ALA A 74 4.05 11.43 -4.27
N ASP A 75 5.27 11.75 -3.87
CA ASP A 75 5.77 11.35 -2.56
C ASP A 75 4.94 11.92 -1.42
N ASN A 76 4.52 13.17 -1.55
CA ASN A 76 3.76 13.80 -0.48
C ASN A 76 2.26 13.73 -0.75
N HIS A 77 1.88 12.87 -1.68
CA HIS A 77 0.48 12.72 -2.04
C HIS A 77 -0.12 11.53 -1.33
N THR A 78 -1.39 11.64 -0.96
CA THR A 78 -2.07 10.59 -0.21
C THR A 78 -3.36 10.20 -0.93
N PRO A 79 -3.96 9.05 -0.61
CA PRO A 79 -5.22 8.61 -1.22
C PRO A 79 -6.31 9.68 -1.09
N LYS A 80 -6.32 10.35 0.06
CA LYS A 80 -7.29 11.41 0.34
C LYS A 80 -7.22 12.48 -0.73
N GLU A 81 -6.00 12.89 -1.04
CA GLU A 81 -5.76 13.95 -2.01
C GLU A 81 -6.07 13.50 -3.42
N LEU A 82 -5.68 12.27 -3.74
CA LEU A 82 -5.77 11.76 -5.10
C LEU A 82 -7.21 11.35 -5.43
N GLY A 83 -8.00 11.14 -4.40
CA GLY A 83 -9.39 10.80 -4.57
C GLY A 83 -9.65 9.31 -4.57
N MET A 84 -8.75 8.56 -3.95
CA MET A 84 -8.93 7.12 -3.83
C MET A 84 -9.61 6.81 -2.49
N GLU A 85 -10.10 5.59 -2.36
CA GLU A 85 -10.82 5.17 -1.17
C GLU A 85 -10.24 3.88 -0.62
N GLU A 86 -10.75 3.41 0.51
CA GLU A 86 -10.34 2.12 1.03
C GLU A 86 -10.52 1.01 -0.01
N GLU A 87 -9.48 0.20 -0.14
CA GLU A 87 -9.43 -0.94 -1.05
C GLU A 87 -9.29 -0.48 -2.51
N ASP A 88 -8.84 0.76 -2.69
CA ASP A 88 -8.65 1.32 -4.02
C ASP A 88 -7.40 0.73 -4.66
N VAL A 89 -7.24 0.90 -5.96
CA VAL A 89 -6.22 0.18 -6.71
C VAL A 89 -5.12 1.10 -7.23
N ILE A 90 -3.88 0.63 -7.09
CA ILE A 90 -2.70 1.32 -7.57
C ILE A 90 -1.87 0.39 -8.44
N GLU A 91 -1.45 0.86 -9.60
CA GLU A 91 -0.70 0.05 -10.52
C GLU A 91 0.73 0.55 -10.59
N VAL A 92 1.67 -0.37 -10.71
CA VAL A 92 3.07 -0.04 -10.75
C VAL A 92 3.59 -0.07 -12.18
N TYR A 93 4.32 0.98 -12.52
CA TYR A 93 4.93 1.13 -13.83
C TYR A 93 6.36 1.53 -13.63
N GLN A 94 7.14 1.54 -14.69
CA GLN A 94 8.56 1.80 -14.57
C GLN A 94 8.85 3.29 -14.74
N GLU A 95 9.54 3.84 -13.75
CA GLU A 95 9.90 5.26 -13.73
C GLU A 95 10.98 5.54 -14.76
N GLN A 96 11.94 4.65 -14.81
CA GLN A 96 13.02 4.71 -15.78
C GLN A 96 13.71 3.36 -15.86
N THR A 97 14.97 3.33 -16.27
CA THR A 97 15.72 2.09 -16.40
C THR A 97 15.68 1.28 -15.10
N GLY A 98 15.56 -0.04 -15.24
CA GLY A 98 15.47 -0.92 -14.09
C GLY A 98 16.77 -1.04 -13.32
N GLY A 99 16.70 -1.73 -12.19
CA GLY A 99 17.85 -1.84 -11.31
C GLY A 99 18.20 -3.29 -11.05
N LYS B 3 28.04 -17.99 -18.70
CA LYS B 3 28.25 -19.45 -18.54
C LYS B 3 26.97 -20.20 -18.90
N THR B 4 26.80 -21.38 -18.34
CA THR B 4 25.56 -22.12 -18.46
C THR B 4 24.39 -21.27 -17.96
N SER B 5 23.30 -21.29 -18.70
CA SER B 5 22.12 -20.53 -18.33
C SER B 5 21.25 -21.32 -17.36
N VAL B 6 20.61 -20.61 -16.46
CA VAL B 6 19.73 -21.22 -15.47
C VAL B 6 18.37 -20.55 -15.53
N ALA B 7 17.33 -21.31 -15.24
CA ALA B 7 15.98 -20.77 -15.27
C ALA B 7 15.38 -20.71 -13.87
N THR B 8 14.75 -19.60 -13.55
CA THR B 8 14.15 -19.39 -12.25
C THR B 8 12.65 -19.65 -12.32
N GLN B 9 12.11 -20.27 -11.28
CA GLN B 9 10.68 -20.52 -11.21
C GLN B 9 9.98 -19.27 -10.69
N CYS B 10 8.67 -19.22 -10.80
CA CYS B 10 7.93 -18.07 -10.34
C CYS B 10 7.20 -18.37 -9.04
N ASP B 11 7.31 -17.44 -8.10
CA ASP B 11 6.70 -17.57 -6.79
C ASP B 11 6.16 -16.22 -6.36
N PRO B 12 5.04 -16.22 -5.62
CA PRO B 12 4.45 -15.02 -5.07
C PRO B 12 5.34 -14.43 -3.99
N GLU B 13 5.11 -13.19 -3.73
CA GLU B 13 5.93 -12.42 -2.82
C GLU B 13 5.21 -12.08 -1.52
N GLU B 14 5.97 -11.58 -0.58
CA GLU B 14 5.42 -10.99 0.63
C GLU B 14 5.83 -9.53 0.72
N ILE B 15 4.87 -8.63 0.64
CA ILE B 15 5.14 -7.23 0.95
C ILE B 15 4.34 -6.85 2.18
N ILE B 16 5.01 -6.24 3.14
CA ILE B 16 4.38 -5.88 4.40
C ILE B 16 3.79 -4.47 4.33
N VAL B 17 3.01 -4.11 5.33
CA VAL B 17 2.46 -2.78 5.41
C VAL B 17 3.21 -1.95 6.43
N LEU B 18 3.36 -0.69 6.08
CA LEU B 18 4.06 0.29 6.88
C LEU B 18 3.15 0.84 7.97
N SER B 19 3.71 1.61 8.87
CA SER B 19 2.94 2.15 9.98
C SER B 19 2.21 3.41 9.55
N ASP B 20 1.30 3.88 10.40
CA ASP B 20 0.35 4.91 10.02
C ASP B 20 1.00 6.28 9.88
N SER B 21 0.72 6.91 8.76
CA SER B 21 1.10 8.29 8.52
C SER B 21 -0.13 9.15 8.77
N ASP B 22 0.06 10.42 9.11
CA ASP B 22 -0.98 11.30 9.62
C ASP B 22 -1.20 11.04 11.10
N MET A 3 3.82 18.81 42.76
CA MET A 3 3.39 18.28 41.45
C MET A 3 2.12 17.45 41.59
N SER A 4 0.99 18.04 41.21
CA SER A 4 -0.28 17.32 41.19
C SER A 4 -0.63 16.90 39.77
N ASP A 5 -0.96 17.87 38.92
CA ASP A 5 -1.38 17.59 37.55
C ASP A 5 -0.61 18.46 36.57
N GLN A 6 -0.84 19.75 36.65
CA GLN A 6 -0.27 20.72 35.71
C GLN A 6 1.23 20.89 35.95
N GLU A 7 1.66 20.57 37.15
CA GLU A 7 3.06 20.72 37.54
C GLU A 7 3.88 19.53 37.06
N ALA A 8 3.19 18.56 36.47
CA ALA A 8 3.85 17.38 35.92
C ALA A 8 4.18 17.61 34.46
N LYS A 9 5.07 16.79 33.93
CA LYS A 9 5.47 16.91 32.54
C LYS A 9 4.36 16.42 31.62
N PRO A 10 3.98 17.25 30.64
CA PRO A 10 2.85 16.99 29.77
C PRO A 10 3.22 16.11 28.58
N SER A 11 3.90 15.02 28.88
CA SER A 11 4.37 14.10 27.86
C SER A 11 3.31 13.04 27.58
N THR A 12 2.05 13.40 27.85
CA THR A 12 0.93 12.51 27.63
C THR A 12 0.55 12.49 26.16
N GLU A 13 1.10 13.42 25.41
CA GLU A 13 0.74 13.58 24.01
C GLU A 13 1.59 12.69 23.11
N ASP A 14 2.27 11.73 23.71
CA ASP A 14 3.04 10.75 22.97
C ASP A 14 2.20 9.50 22.75
N LEU A 15 1.50 9.10 23.80
CA LEU A 15 0.62 7.94 23.75
C LEU A 15 -0.74 8.35 23.18
N GLY A 16 -1.64 7.39 23.09
CA GLY A 16 -2.94 7.65 22.49
C GLY A 16 -3.33 6.56 21.51
N ASP A 17 -3.29 5.31 21.99
CA ASP A 17 -3.53 4.14 21.15
C ASP A 17 -4.86 4.23 20.38
N LYS A 18 -5.84 4.89 20.98
CA LYS A 18 -7.18 4.97 20.39
C LYS A 18 -7.26 6.04 19.29
N LYS A 19 -6.10 6.55 18.87
CA LYS A 19 -6.00 7.58 17.82
C LYS A 19 -6.84 7.27 16.58
N GLU A 20 -6.22 6.66 15.59
CA GLU A 20 -6.92 6.24 14.39
C GLU A 20 -7.39 4.80 14.53
N GLY A 21 -8.55 4.51 13.96
CA GLY A 21 -9.09 3.17 14.01
C GLY A 21 -8.80 2.41 12.74
N GLU A 22 -9.83 2.00 12.03
CA GLU A 22 -9.64 1.32 10.76
C GLU A 22 -9.12 2.29 9.71
N TYR A 23 -8.10 1.85 8.99
CA TYR A 23 -7.47 2.66 7.95
C TYR A 23 -8.05 2.29 6.60
N ILE A 24 -7.37 2.68 5.54
CA ILE A 24 -7.83 2.39 4.20
C ILE A 24 -6.75 1.65 3.42
N LYS A 25 -7.19 0.73 2.60
CA LYS A 25 -6.29 -0.18 1.92
C LYS A 25 -6.20 0.13 0.45
N LEU A 26 -5.00 0.09 -0.11
CA LEU A 26 -4.86 0.25 -1.55
C LEU A 26 -4.36 -1.06 -2.13
N LYS A 27 -4.63 -1.27 -3.40
CA LYS A 27 -4.30 -2.51 -4.05
C LYS A 27 -3.16 -2.25 -5.01
N VAL A 28 -1.94 -2.64 -4.64
CA VAL A 28 -0.80 -2.37 -5.50
C VAL A 28 -0.54 -3.53 -6.44
N ILE A 29 -0.43 -3.21 -7.72
CA ILE A 29 -0.09 -4.20 -8.72
C ILE A 29 1.39 -4.07 -9.04
N GLY A 30 2.13 -5.17 -9.00
CA GLY A 30 3.54 -5.11 -9.32
C GLY A 30 3.81 -5.58 -10.73
N GLN A 31 4.95 -5.18 -11.28
CA GLN A 31 5.35 -5.62 -12.61
C GLN A 31 5.73 -7.09 -12.59
N ASP A 32 5.90 -7.63 -11.39
CA ASP A 32 6.08 -9.06 -11.18
C ASP A 32 4.74 -9.75 -11.31
N SER A 33 3.68 -8.95 -11.42
CA SER A 33 2.29 -9.41 -11.45
C SER A 33 1.80 -9.74 -10.05
N SER A 34 2.74 -9.87 -9.12
CA SER A 34 2.41 -10.00 -7.72
C SER A 34 1.76 -8.71 -7.23
N GLU A 35 0.59 -8.81 -6.63
CA GLU A 35 -0.09 -7.63 -6.14
C GLU A 35 -0.35 -7.75 -4.64
N ILE A 36 -0.20 -6.65 -3.93
CA ILE A 36 -0.29 -6.63 -2.48
C ILE A 36 -1.08 -5.42 -2.01
N HIS A 37 -1.83 -5.59 -0.94
CA HIS A 37 -2.72 -4.56 -0.45
C HIS A 37 -2.10 -3.85 0.76
N PHE A 38 -2.19 -2.53 0.78
CA PHE A 38 -1.63 -1.75 1.87
C PHE A 38 -2.70 -1.00 2.66
N LYS A 39 -2.72 -1.19 3.97
CA LYS A 39 -3.61 -0.43 4.84
C LYS A 39 -2.90 0.79 5.41
N VAL A 40 -3.12 1.92 4.77
CA VAL A 40 -2.53 3.19 5.17
C VAL A 40 -3.63 4.12 5.68
N LYS A 41 -3.26 5.13 6.45
CA LYS A 41 -4.24 6.08 6.94
C LYS A 41 -4.61 7.03 5.81
N MET A 42 -5.82 7.58 5.87
CA MET A 42 -6.36 8.46 4.83
C MET A 42 -5.32 9.40 4.24
N THR A 43 -4.53 10.01 5.10
CA THR A 43 -3.63 11.05 4.69
C THR A 43 -2.19 10.58 4.82
N THR A 44 -1.95 9.33 4.46
CA THR A 44 -0.63 8.72 4.56
C THR A 44 0.17 8.97 3.29
N HIS A 45 1.43 9.38 3.43
CA HIS A 45 2.28 9.63 2.26
C HIS A 45 2.34 8.37 1.44
N LEU A 46 1.79 8.44 0.24
CA LEU A 46 1.75 7.28 -0.62
C LEU A 46 3.14 6.90 -1.06
N LYS A 47 4.13 7.74 -0.77
CA LYS A 47 5.50 7.43 -1.05
C LYS A 47 5.91 6.23 -0.25
N LYS A 48 5.43 6.19 0.99
CA LYS A 48 5.74 5.11 1.88
C LYS A 48 5.26 3.81 1.28
N LEU A 49 4.02 3.84 0.77
CA LEU A 49 3.47 2.72 0.00
C LEU A 49 4.40 2.32 -1.14
N LYS A 50 4.87 3.31 -1.89
CA LYS A 50 5.76 3.08 -3.00
C LYS A 50 7.04 2.41 -2.51
N GLU A 51 7.56 2.93 -1.42
CA GLU A 51 8.81 2.47 -0.87
C GLU A 51 8.66 1.07 -0.30
N SER A 52 7.55 0.79 0.39
CA SER A 52 7.36 -0.52 1.00
C SER A 52 7.50 -1.62 -0.07
N TYR A 53 6.76 -1.49 -1.17
CA TYR A 53 6.86 -2.46 -2.26
C TYR A 53 8.27 -2.47 -2.84
N CYS A 54 8.72 -1.28 -3.23
CA CYS A 54 9.93 -1.12 -4.01
C CYS A 54 11.15 -1.58 -3.22
N GLN A 55 11.20 -1.15 -1.97
CA GLN A 55 12.28 -1.48 -1.07
C GLN A 55 12.41 -2.98 -0.87
N ARG A 56 11.32 -3.63 -0.46
CA ARG A 56 11.40 -5.04 -0.08
C ARG A 56 11.56 -5.91 -1.32
N GLN A 57 11.05 -5.42 -2.43
CA GLN A 57 11.11 -6.16 -3.69
C GLN A 57 12.47 -6.00 -4.39
N GLY A 58 13.37 -5.25 -3.76
CA GLY A 58 14.70 -5.06 -4.32
C GLY A 58 14.70 -4.16 -5.53
N VAL A 59 13.91 -3.10 -5.47
CA VAL A 59 13.78 -2.16 -6.58
C VAL A 59 14.24 -0.79 -6.12
N PRO A 60 14.89 0.00 -6.99
CA PRO A 60 15.21 1.40 -6.70
C PRO A 60 14.00 2.29 -6.93
N MET A 61 13.76 3.20 -5.99
CA MET A 61 12.56 4.03 -5.99
C MET A 61 12.46 4.89 -7.25
N ASN A 62 13.59 5.09 -7.92
CA ASN A 62 13.63 5.95 -9.11
C ASN A 62 13.26 5.16 -10.36
N SER A 63 13.17 3.84 -10.22
CA SER A 63 12.88 2.98 -11.36
C SER A 63 11.42 2.54 -11.36
N LEU A 64 10.69 2.84 -10.30
CA LEU A 64 9.31 2.41 -10.20
C LEU A 64 8.38 3.55 -9.81
N ARG A 65 7.26 3.63 -10.52
CA ARG A 65 6.22 4.60 -10.25
C ARG A 65 4.94 3.90 -9.85
N PHE A 66 4.30 4.40 -8.82
CA PHE A 66 3.03 3.86 -8.36
C PHE A 66 1.93 4.81 -8.76
N LEU A 67 0.87 4.27 -9.36
CA LEU A 67 -0.18 5.11 -9.90
C LEU A 67 -1.56 4.61 -9.52
N PHE A 68 -2.51 5.54 -9.50
CA PHE A 68 -3.90 5.19 -9.35
C PHE A 68 -4.51 5.07 -10.74
N GLU A 69 -4.32 3.88 -11.30
CA GLU A 69 -4.85 3.49 -12.60
C GLU A 69 -4.57 4.57 -13.65
N GLY A 70 -3.32 4.97 -13.74
CA GLY A 70 -2.94 5.99 -14.70
C GLY A 70 -2.65 7.33 -14.05
N GLN A 71 -2.78 7.39 -12.73
CA GLN A 71 -2.49 8.62 -12.01
C GLN A 71 -1.19 8.49 -11.23
N ARG A 72 -0.15 9.14 -11.70
CA ARG A 72 1.17 9.10 -11.07
C ARG A 72 1.08 9.58 -9.62
N ILE A 73 1.42 8.71 -8.70
CA ILE A 73 1.42 9.07 -7.29
C ILE A 73 2.65 9.89 -6.95
N ALA A 74 2.44 11.01 -6.29
CA ALA A 74 3.54 11.86 -5.89
C ALA A 74 3.90 11.53 -4.46
N ASP A 75 5.18 11.66 -4.15
CA ASP A 75 5.74 11.19 -2.90
C ASP A 75 5.08 11.83 -1.67
N ASN A 76 4.56 13.03 -1.81
CA ASN A 76 3.91 13.69 -0.68
C ASN A 76 2.38 13.62 -0.80
N HIS A 77 1.91 12.81 -1.74
CA HIS A 77 0.47 12.67 -1.96
C HIS A 77 -0.08 11.43 -1.26
N THR A 78 -1.35 11.50 -0.87
CA THR A 78 -1.99 10.41 -0.14
C THR A 78 -3.32 10.05 -0.80
N PRO A 79 -3.93 8.90 -0.47
CA PRO A 79 -5.22 8.52 -1.04
C PRO A 79 -6.29 9.60 -0.85
N LYS A 80 -6.25 10.23 0.32
CA LYS A 80 -7.18 11.29 0.67
C LYS A 80 -7.12 12.41 -0.36
N GLU A 81 -5.90 12.79 -0.70
CA GLU A 81 -5.66 13.90 -1.62
C GLU A 81 -6.02 13.53 -3.04
N LEU A 82 -5.66 12.32 -3.44
CA LEU A 82 -5.82 11.88 -4.82
C LEU A 82 -7.26 11.52 -5.13
N GLY A 83 -8.10 11.56 -4.10
CA GLY A 83 -9.51 11.30 -4.27
C GLY A 83 -9.81 9.82 -4.34
N MET A 84 -8.97 9.01 -3.70
CA MET A 84 -9.21 7.57 -3.66
C MET A 84 -9.87 7.21 -2.34
N GLU A 85 -10.25 5.96 -2.22
CA GLU A 85 -10.97 5.51 -1.04
C GLU A 85 -10.36 4.20 -0.55
N GLU A 86 -10.92 3.66 0.53
CA GLU A 86 -10.51 2.35 0.97
C GLU A 86 -10.72 1.33 -0.15
N GLU A 87 -9.72 0.46 -0.30
CA GLU A 87 -9.76 -0.65 -1.25
C GLU A 87 -9.57 -0.17 -2.69
N ASP A 88 -9.00 1.02 -2.85
CA ASP A 88 -8.69 1.57 -4.17
C ASP A 88 -7.48 0.85 -4.77
N VAL A 89 -7.25 1.02 -6.06
CA VAL A 89 -6.23 0.25 -6.78
C VAL A 89 -5.09 1.14 -7.31
N ILE A 90 -3.87 0.63 -7.15
CA ILE A 90 -2.67 1.31 -7.62
C ILE A 90 -1.82 0.35 -8.46
N GLU A 91 -1.31 0.83 -9.58
CA GLU A 91 -0.50 0.01 -10.47
C GLU A 91 0.94 0.47 -10.44
N VAL A 92 1.86 -0.47 -10.63
CA VAL A 92 3.26 -0.15 -10.70
C VAL A 92 3.73 -0.11 -12.15
N TYR A 93 4.49 0.91 -12.46
CA TYR A 93 5.04 1.12 -13.79
C TYR A 93 6.51 1.47 -13.63
N GLN A 94 7.26 1.38 -14.69
CA GLN A 94 8.67 1.72 -14.64
C GLN A 94 8.84 3.23 -14.77
N GLU A 95 9.56 3.81 -13.82
CA GLU A 95 9.82 5.24 -13.78
C GLU A 95 10.88 5.61 -14.82
N GLN A 96 12.03 4.99 -14.69
CA GLN A 96 13.12 5.18 -15.64
C GLN A 96 13.53 3.81 -16.18
N THR A 97 14.77 3.71 -16.63
CA THR A 97 15.33 2.42 -16.96
C THR A 97 15.52 1.60 -15.68
N GLY A 98 15.86 0.33 -15.82
CA GLY A 98 16.20 -0.49 -14.65
C GLY A 98 17.23 0.17 -13.76
N GLY A 99 17.30 -0.27 -12.52
CA GLY A 99 18.19 0.37 -11.57
C GLY A 99 19.15 -0.60 -10.93
N LYS B 3 1.72 -21.84 -31.25
CA LYS B 3 2.48 -20.58 -31.45
C LYS B 3 2.48 -19.78 -30.16
N THR B 4 1.29 -19.48 -29.69
CA THR B 4 1.11 -18.75 -28.46
C THR B 4 1.17 -19.70 -27.27
N SER B 5 2.04 -19.38 -26.33
CA SER B 5 2.24 -20.22 -25.17
C SER B 5 1.97 -19.43 -23.90
N VAL B 6 1.67 -20.14 -22.82
CA VAL B 6 1.43 -19.51 -21.54
C VAL B 6 2.71 -19.57 -20.71
N ALA B 7 3.01 -18.47 -20.04
CA ALA B 7 4.21 -18.39 -19.22
C ALA B 7 3.88 -18.78 -17.79
N THR B 8 4.76 -19.59 -17.19
CA THR B 8 4.63 -19.90 -15.77
C THR B 8 4.38 -18.65 -14.93
N GLN B 9 3.50 -18.83 -13.96
CA GLN B 9 2.92 -17.73 -13.21
C GLN B 9 3.84 -17.25 -12.10
N CYS B 10 3.39 -16.22 -11.43
CA CYS B 10 4.08 -15.69 -10.28
C CYS B 10 3.18 -15.87 -9.07
N ASP B 11 3.78 -15.81 -7.89
CA ASP B 11 3.05 -16.04 -6.65
C ASP B 11 2.73 -14.71 -5.97
N PRO B 12 1.72 -14.70 -5.10
CA PRO B 12 1.39 -13.51 -4.31
C PRO B 12 2.43 -13.28 -3.23
N GLU B 13 3.40 -12.47 -3.56
CA GLU B 13 4.51 -12.14 -2.68
C GLU B 13 4.04 -11.53 -1.38
N GLU B 14 4.90 -11.56 -0.39
CA GLU B 14 4.62 -10.89 0.86
C GLU B 14 5.23 -9.51 0.84
N ILE B 15 4.39 -8.51 0.76
CA ILE B 15 4.81 -7.15 1.01
C ILE B 15 4.02 -6.64 2.19
N ILE B 16 4.70 -6.16 3.20
CA ILE B 16 4.04 -5.68 4.40
C ILE B 16 3.63 -4.23 4.25
N VAL B 17 2.76 -3.78 5.13
CA VAL B 17 2.37 -2.40 5.12
C VAL B 17 3.06 -1.65 6.24
N LEU B 18 3.24 -0.37 6.00
CA LEU B 18 3.82 0.53 6.97
C LEU B 18 2.77 0.97 7.97
N SER B 19 3.21 1.68 8.99
CA SER B 19 2.32 2.12 10.03
C SER B 19 1.64 3.41 9.58
N ASP B 20 0.48 3.68 10.17
CA ASP B 20 -0.40 4.73 9.69
C ASP B 20 0.15 6.11 10.00
N SER B 21 -0.33 7.06 9.24
CA SER B 21 0.12 8.44 9.33
C SER B 21 -0.98 9.31 9.91
N ASP B 22 -0.58 10.49 10.37
CA ASP B 22 -1.50 11.53 10.83
C ASP B 22 -2.51 10.99 11.86
N MET A 3 -3.46 -16.60 12.08
CA MET A 3 -2.39 -15.69 12.51
C MET A 3 -2.99 -14.40 13.05
N SER A 4 -3.63 -14.50 14.21
CA SER A 4 -4.36 -13.39 14.82
C SER A 4 -3.41 -12.28 15.32
N ASP A 5 -2.10 -12.55 15.26
CA ASP A 5 -1.09 -11.59 15.67
C ASP A 5 -1.31 -10.23 15.02
N GLN A 6 -1.56 -10.25 13.72
CA GLN A 6 -1.70 -9.01 12.95
C GLN A 6 -3.15 -8.80 12.50
N GLU A 7 -4.06 -9.55 13.09
CA GLU A 7 -5.47 -9.38 12.80
C GLU A 7 -6.02 -8.21 13.61
N ALA A 8 -5.54 -8.12 14.85
CA ALA A 8 -5.83 -6.99 15.70
C ALA A 8 -4.54 -6.23 15.96
N LYS A 9 -4.66 -4.95 16.30
CA LYS A 9 -3.50 -4.11 16.52
C LYS A 9 -2.73 -4.57 17.75
N PRO A 10 -1.48 -5.01 17.54
CA PRO A 10 -0.65 -5.62 18.55
C PRO A 10 0.26 -4.60 19.21
N SER A 11 -0.32 -3.46 19.51
CA SER A 11 0.40 -2.34 20.09
C SER A 11 0.98 -2.73 21.44
N THR A 12 0.21 -3.49 22.22
CA THR A 12 0.70 -4.08 23.45
C THR A 12 0.18 -5.50 23.61
N GLU A 13 -1.09 -5.65 23.91
CA GLU A 13 -1.72 -6.95 24.01
C GLU A 13 -3.03 -6.98 23.24
N ASP A 14 -4.07 -6.47 23.87
CA ASP A 14 -5.39 -6.39 23.23
C ASP A 14 -5.72 -4.94 22.91
N LEU A 15 -5.15 -4.03 23.70
CA LEU A 15 -5.28 -2.61 23.43
C LEU A 15 -4.57 -2.23 22.13
N GLY A 16 -4.62 -0.95 21.79
CA GLY A 16 -4.26 -0.54 20.45
C GLY A 16 -5.50 -0.17 19.69
N ASP A 17 -6.60 -0.10 20.43
CA ASP A 17 -7.91 0.22 19.88
C ASP A 17 -8.08 1.72 19.80
N LYS A 18 -7.48 2.41 20.75
CA LYS A 18 -7.51 3.87 20.79
C LYS A 18 -6.30 4.45 20.09
N LYS A 19 -5.54 3.59 19.39
CA LYS A 19 -4.30 4.00 18.74
C LYS A 19 -4.57 5.08 17.70
N GLU A 20 -5.07 4.66 16.53
CA GLU A 20 -5.33 5.57 15.43
C GLU A 20 -6.62 5.17 14.74
N GLY A 21 -7.28 6.13 14.10
CA GLY A 21 -8.62 5.94 13.57
C GLY A 21 -8.73 4.95 12.42
N GLU A 22 -9.24 5.45 11.29
CA GLU A 22 -9.60 4.60 10.16
C GLU A 22 -8.60 4.76 9.03
N TYR A 23 -8.16 3.63 8.48
CA TYR A 23 -7.25 3.65 7.35
C TYR A 23 -7.81 2.84 6.20
N ILE A 24 -7.15 2.97 5.07
CA ILE A 24 -7.62 2.41 3.82
C ILE A 24 -6.55 1.54 3.16
N LYS A 25 -6.98 0.50 2.48
CA LYS A 25 -6.07 -0.43 1.86
C LYS A 25 -6.05 -0.24 0.35
N LEU A 26 -4.86 -0.18 -0.22
CA LEU A 26 -4.74 -0.06 -1.66
C LEU A 26 -4.27 -1.38 -2.26
N LYS A 27 -4.60 -1.58 -3.52
CA LYS A 27 -4.17 -2.76 -4.25
C LYS A 27 -2.96 -2.42 -5.11
N VAL A 28 -1.78 -2.85 -4.70
CA VAL A 28 -0.62 -2.55 -5.50
C VAL A 28 -0.35 -3.69 -6.48
N ILE A 29 -0.27 -3.32 -7.75
CA ILE A 29 0.02 -4.26 -8.80
C ILE A 29 1.46 -4.10 -9.26
N GLY A 30 2.24 -5.16 -9.16
CA GLY A 30 3.63 -5.09 -9.57
C GLY A 30 3.81 -5.54 -11.01
N GLN A 31 4.95 -5.21 -11.60
CA GLN A 31 5.21 -5.52 -13.00
C GLN A 31 5.40 -7.02 -13.24
N ASP A 32 5.62 -7.77 -12.17
CA ASP A 32 5.69 -9.23 -12.26
C ASP A 32 4.38 -9.84 -11.79
N SER A 33 3.33 -9.02 -11.80
CA SER A 33 1.98 -9.47 -11.45
C SER A 33 1.84 -9.71 -9.94
N SER A 34 2.82 -9.26 -9.18
CA SER A 34 2.76 -9.33 -7.74
C SER A 34 1.78 -8.30 -7.20
N GLU A 35 0.76 -8.73 -6.48
CA GLU A 35 -0.23 -7.80 -5.96
C GLU A 35 -0.31 -7.92 -4.45
N ILE A 36 -0.12 -6.81 -3.76
CA ILE A 36 -0.12 -6.80 -2.31
C ILE A 36 -0.95 -5.64 -1.76
N HIS A 37 -1.63 -5.90 -0.66
CA HIS A 37 -2.57 -4.94 -0.06
C HIS A 37 -1.87 -4.10 1.00
N PHE A 38 -1.96 -2.77 0.88
CA PHE A 38 -1.39 -1.88 1.89
C PHE A 38 -2.47 -1.06 2.59
N LYS A 39 -2.48 -1.10 3.92
CA LYS A 39 -3.42 -0.31 4.71
C LYS A 39 -2.75 0.92 5.30
N VAL A 40 -2.91 2.05 4.60
CA VAL A 40 -2.36 3.33 5.07
C VAL A 40 -3.51 4.26 5.44
N LYS A 41 -3.21 5.24 6.28
CA LYS A 41 -4.24 6.18 6.72
C LYS A 41 -4.63 7.10 5.58
N MET A 42 -5.86 7.62 5.64
CA MET A 42 -6.40 8.48 4.60
C MET A 42 -5.38 9.50 4.09
N THR A 43 -4.68 10.15 5.01
CA THR A 43 -3.78 11.24 4.65
C THR A 43 -2.32 10.80 4.79
N THR A 44 -2.06 9.55 4.43
CA THR A 44 -0.72 8.97 4.54
C THR A 44 0.07 9.18 3.26
N HIS A 45 1.36 9.56 3.39
CA HIS A 45 2.21 9.77 2.21
C HIS A 45 2.23 8.51 1.40
N LEU A 46 1.70 8.56 0.21
CA LEU A 46 1.60 7.37 -0.60
C LEU A 46 2.98 6.90 -1.01
N LYS A 47 4.02 7.71 -0.73
CA LYS A 47 5.37 7.32 -1.03
C LYS A 47 5.76 6.13 -0.21
N LYS A 48 5.31 6.10 1.04
CA LYS A 48 5.67 5.03 1.93
C LYS A 48 5.09 3.73 1.42
N LEU A 49 3.88 3.82 0.88
CA LEU A 49 3.27 2.71 0.14
C LEU A 49 4.21 2.27 -0.99
N LYS A 50 4.66 3.24 -1.76
CA LYS A 50 5.51 2.99 -2.91
C LYS A 50 6.80 2.32 -2.46
N GLU A 51 7.38 2.88 -1.41
CA GLU A 51 8.65 2.40 -0.92
C GLU A 51 8.50 1.03 -0.30
N SER A 52 7.42 0.80 0.45
CA SER A 52 7.23 -0.49 1.10
C SER A 52 7.40 -1.63 0.08
N TYR A 53 6.67 -1.53 -1.05
CA TYR A 53 6.79 -2.55 -2.10
C TYR A 53 8.20 -2.54 -2.70
N CYS A 54 8.64 -1.36 -3.12
CA CYS A 54 9.87 -1.21 -3.90
C CYS A 54 11.08 -1.63 -3.07
N GLN A 55 11.10 -1.16 -1.85
CA GLN A 55 12.18 -1.43 -0.92
C GLN A 55 12.36 -2.92 -0.66
N ARG A 56 11.28 -3.59 -0.26
CA ARG A 56 11.40 -4.97 0.17
C ARG A 56 11.65 -5.88 -1.03
N GLN A 57 11.18 -5.46 -2.18
CA GLN A 57 11.29 -6.26 -3.39
C GLN A 57 12.64 -6.04 -4.08
N GLY A 58 13.49 -5.21 -3.48
CA GLY A 58 14.81 -4.97 -4.03
C GLY A 58 14.76 -4.10 -5.28
N VAL A 59 13.94 -3.06 -5.22
CA VAL A 59 13.75 -2.17 -6.35
C VAL A 59 14.20 -0.77 -5.95
N PRO A 60 14.83 0.01 -6.85
CA PRO A 60 15.15 1.40 -6.59
C PRO A 60 13.95 2.30 -6.90
N MET A 61 13.69 3.25 -6.01
CA MET A 61 12.51 4.09 -6.11
C MET A 61 12.50 4.94 -7.39
N ASN A 62 13.66 5.11 -8.00
CA ASN A 62 13.76 5.87 -9.25
C ASN A 62 13.39 5.03 -10.46
N SER A 63 13.17 3.75 -10.24
CA SER A 63 12.86 2.83 -11.31
C SER A 63 11.37 2.48 -11.33
N LEU A 64 10.64 2.83 -10.28
CA LEU A 64 9.26 2.42 -10.19
C LEU A 64 8.33 3.56 -9.80
N ARG A 65 7.21 3.63 -10.50
CA ARG A 65 6.17 4.60 -10.22
C ARG A 65 4.89 3.88 -9.84
N PHE A 66 4.22 4.40 -8.83
CA PHE A 66 2.96 3.85 -8.38
C PHE A 66 1.85 4.80 -8.75
N LEU A 67 0.79 4.28 -9.35
CA LEU A 67 -0.29 5.12 -9.85
C LEU A 67 -1.65 4.63 -9.42
N PHE A 68 -2.55 5.58 -9.24
CA PHE A 68 -3.94 5.29 -8.92
C PHE A 68 -4.76 5.33 -10.20
N GLU A 69 -4.99 4.14 -10.76
CA GLU A 69 -5.68 3.98 -12.03
C GLU A 69 -5.04 4.83 -13.14
N GLY A 70 -3.72 4.85 -13.17
CA GLY A 70 -3.01 5.59 -14.19
C GLY A 70 -2.56 6.96 -13.72
N GLN A 71 -2.91 7.30 -12.49
CA GLN A 71 -2.56 8.61 -11.95
C GLN A 71 -1.25 8.50 -11.18
N ARG A 72 -0.21 9.09 -11.73
CA ARG A 72 1.12 9.02 -11.14
C ARG A 72 1.10 9.56 -9.72
N ILE A 73 1.35 8.70 -8.76
CA ILE A 73 1.33 9.08 -7.36
C ILE A 73 2.57 9.88 -7.01
N ALA A 74 2.37 11.07 -6.45
CA ALA A 74 3.47 11.91 -6.04
C ALA A 74 3.83 11.53 -4.62
N ASP A 75 5.11 11.64 -4.32
CA ASP A 75 5.68 11.11 -3.09
C ASP A 75 5.06 11.74 -1.84
N ASN A 76 4.67 13.00 -1.94
CA ASN A 76 4.04 13.68 -0.82
C ASN A 76 2.50 13.66 -0.91
N HIS A 77 1.97 12.86 -1.83
CA HIS A 77 0.53 12.77 -2.03
C HIS A 77 -0.06 11.58 -1.30
N THR A 78 -1.32 11.69 -0.88
CA THR A 78 -1.99 10.62 -0.17
C THR A 78 -3.33 10.31 -0.85
N PRO A 79 -3.96 9.16 -0.56
CA PRO A 79 -5.25 8.82 -1.18
C PRO A 79 -6.30 9.89 -0.92
N LYS A 80 -6.26 10.48 0.27
CA LYS A 80 -7.20 11.53 0.64
C LYS A 80 -7.13 12.66 -0.37
N GLU A 81 -5.91 13.03 -0.73
CA GLU A 81 -5.66 14.14 -1.63
C GLU A 81 -6.06 13.78 -3.06
N LEU A 82 -5.75 12.55 -3.45
CA LEU A 82 -5.92 12.12 -4.84
C LEU A 82 -7.37 11.74 -5.14
N GLY A 83 -8.20 11.71 -4.10
CA GLY A 83 -9.59 11.35 -4.27
C GLY A 83 -9.79 9.85 -4.24
N MET A 84 -8.90 9.17 -3.53
CA MET A 84 -8.96 7.72 -3.38
C MET A 84 -9.70 7.36 -2.11
N GLU A 85 -10.13 6.11 -2.03
CA GLU A 85 -10.82 5.61 -0.86
C GLU A 85 -10.26 4.22 -0.52
N GLU A 86 -10.79 3.59 0.50
CA GLU A 86 -10.38 2.23 0.84
C GLU A 86 -10.55 1.31 -0.36
N GLU A 87 -9.60 0.39 -0.49
CA GLU A 87 -9.65 -0.69 -1.49
C GLU A 87 -9.35 -0.19 -2.89
N ASP A 88 -8.77 1.01 -2.99
CA ASP A 88 -8.43 1.56 -4.29
C ASP A 88 -7.22 0.83 -4.89
N VAL A 89 -7.12 0.86 -6.20
CA VAL A 89 -6.11 0.09 -6.90
C VAL A 89 -4.96 0.99 -7.39
N ILE A 90 -3.74 0.51 -7.22
CA ILE A 90 -2.55 1.22 -7.62
C ILE A 90 -1.66 0.30 -8.47
N GLU A 91 -1.31 0.76 -9.66
CA GLU A 91 -0.52 -0.05 -10.57
C GLU A 91 0.91 0.44 -10.60
N VAL A 92 1.83 -0.48 -10.81
CA VAL A 92 3.24 -0.16 -10.82
C VAL A 92 3.76 -0.15 -12.25
N TYR A 93 4.48 0.89 -12.57
CA TYR A 93 5.06 1.08 -13.87
C TYR A 93 6.50 1.58 -13.68
N GLN A 94 7.29 1.52 -14.72
CA GLN A 94 8.71 1.84 -14.61
C GLN A 94 8.96 3.34 -14.75
N GLU A 95 9.63 3.91 -13.75
CA GLU A 95 9.94 5.33 -13.71
C GLU A 95 11.08 5.65 -14.68
N GLN A 96 12.16 4.90 -14.54
CA GLN A 96 13.34 5.06 -15.40
C GLN A 96 13.83 3.68 -15.80
N THR A 97 15.10 3.57 -16.16
CA THR A 97 15.72 2.26 -16.40
C THR A 97 15.39 1.28 -15.27
N GLY A 98 14.98 0.07 -15.66
CA GLY A 98 14.60 -0.94 -14.70
C GLY A 98 15.78 -1.52 -13.95
N GLY A 99 15.49 -2.45 -13.05
CA GLY A 99 16.53 -3.02 -12.22
C GLY A 99 16.59 -4.52 -12.38
N LYS B 3 18.00 -30.74 -25.95
CA LYS B 3 16.58 -31.08 -25.71
C LYS B 3 15.87 -29.91 -25.04
N THR B 4 14.68 -30.15 -24.50
CA THR B 4 13.90 -29.10 -23.87
C THR B 4 14.56 -28.60 -22.58
N SER B 5 14.21 -27.39 -22.17
CA SER B 5 14.75 -26.79 -20.96
C SER B 5 13.61 -26.36 -20.04
N VAL B 6 13.88 -26.29 -18.75
CA VAL B 6 12.87 -25.88 -17.78
C VAL B 6 12.82 -24.36 -17.70
N ALA B 7 11.67 -23.82 -17.36
CA ALA B 7 11.50 -22.38 -17.20
C ALA B 7 11.68 -21.99 -15.73
N THR B 8 11.73 -20.70 -15.46
CA THR B 8 11.93 -20.23 -14.10
C THR B 8 10.58 -20.07 -13.39
N GLN B 9 10.52 -20.47 -12.13
CA GLN B 9 9.28 -20.39 -11.35
C GLN B 9 9.33 -19.22 -10.39
N CYS B 10 8.18 -18.85 -9.86
CA CYS B 10 8.09 -17.77 -8.90
C CYS B 10 7.40 -18.22 -7.62
N ASP B 11 7.90 -17.73 -6.50
CA ASP B 11 7.33 -18.02 -5.20
C ASP B 11 6.43 -16.88 -4.77
N PRO B 12 5.39 -17.20 -3.97
CA PRO B 12 4.41 -16.22 -3.49
C PRO B 12 5.06 -15.18 -2.62
N GLU B 13 5.13 -13.98 -3.16
CA GLU B 13 5.80 -12.88 -2.53
C GLU B 13 4.83 -12.10 -1.63
N GLU B 14 5.27 -11.80 -0.42
CA GLU B 14 4.50 -10.96 0.48
C GLU B 14 5.20 -9.64 0.72
N ILE B 15 4.47 -8.56 0.56
CA ILE B 15 4.96 -7.26 0.94
C ILE B 15 4.12 -6.77 2.10
N ILE B 16 4.76 -6.27 3.14
CA ILE B 16 4.07 -5.85 4.34
C ILE B 16 3.65 -4.39 4.24
N VAL B 17 2.82 -3.94 5.15
CA VAL B 17 2.46 -2.55 5.20
C VAL B 17 3.04 -1.91 6.46
N LEU B 18 3.31 -0.65 6.32
CA LEU B 18 3.87 0.19 7.36
C LEU B 18 2.77 0.69 8.30
N SER B 19 3.18 1.34 9.37
CA SER B 19 2.24 1.79 10.38
C SER B 19 1.62 3.11 9.93
N ASP B 20 0.33 3.23 10.21
CA ASP B 20 -0.49 4.29 9.66
C ASP B 20 -0.20 5.66 10.27
N SER B 21 -0.66 6.68 9.57
CA SER B 21 -0.41 8.08 9.91
C SER B 21 -1.69 8.74 10.41
N ASP B 22 -1.63 10.06 10.60
CA ASP B 22 -2.81 10.88 10.85
C ASP B 22 -3.47 10.55 12.19
N MET A 3 0.67 17.75 33.72
CA MET A 3 1.40 16.60 34.30
C MET A 3 0.49 15.36 34.38
N SER A 4 -0.60 15.47 35.11
CA SER A 4 -1.53 14.35 35.29
C SER A 4 -2.32 14.06 34.01
N ASP A 5 -2.04 14.85 32.98
CA ASP A 5 -2.70 14.70 31.69
C ASP A 5 -1.90 13.79 30.76
N GLN A 6 -0.66 14.16 30.53
CA GLN A 6 0.22 13.41 29.64
C GLN A 6 0.94 12.29 30.39
N GLU A 7 1.37 12.61 31.59
CA GLU A 7 2.11 11.67 32.41
C GLU A 7 1.17 10.86 33.30
N ALA A 8 0.08 10.42 32.70
CA ALA A 8 -0.91 9.60 33.38
C ALA A 8 -0.31 8.25 33.76
N LYS A 9 -1.15 7.35 34.25
CA LYS A 9 -0.69 6.06 34.72
C LYS A 9 -0.15 5.23 33.55
N PRO A 10 0.88 4.42 33.81
CA PRO A 10 1.51 3.58 32.79
C PRO A 10 0.61 2.41 32.38
N SER A 11 -0.59 2.74 31.96
CA SER A 11 -1.55 1.74 31.52
C SER A 11 -2.28 2.25 30.28
N THR A 12 -1.74 3.31 29.68
CA THR A 12 -2.31 3.89 28.46
C THR A 12 -2.01 3.00 27.26
N GLU A 13 -1.15 2.01 27.49
CA GLU A 13 -0.71 1.08 26.44
C GLU A 13 -1.82 0.11 26.05
N ASP A 14 -3.02 0.36 26.54
CA ASP A 14 -4.21 -0.40 26.18
C ASP A 14 -4.57 -0.14 24.71
N LEU A 15 -4.00 0.93 24.16
CA LEU A 15 -4.22 1.30 22.78
C LEU A 15 -3.39 0.43 21.84
N GLY A 16 -3.52 0.70 20.56
CA GLY A 16 -2.82 -0.06 19.54
C GLY A 16 -3.77 -0.68 18.55
N ASP A 17 -4.71 -1.47 19.07
CA ASP A 17 -5.78 -2.01 18.24
C ASP A 17 -6.95 -1.04 18.19
N LYS A 18 -7.22 -0.39 19.32
CA LYS A 18 -8.28 0.60 19.40
C LYS A 18 -7.68 2.01 19.38
N LYS A 19 -6.39 2.09 19.05
CA LYS A 19 -5.65 3.35 19.09
C LYS A 19 -6.39 4.49 18.38
N GLU A 20 -6.60 4.32 17.09
CA GLU A 20 -7.27 5.34 16.30
C GLU A 20 -8.39 4.72 15.48
N GLY A 21 -8.93 5.50 14.55
CA GLY A 21 -9.96 4.99 13.67
C GLY A 21 -9.42 3.99 12.66
N GLU A 22 -10.26 3.61 11.72
CA GLU A 22 -9.89 2.61 10.74
C GLU A 22 -9.15 3.24 9.56
N TYR A 23 -8.18 2.53 9.03
CA TYR A 23 -7.40 3.02 7.90
C TYR A 23 -7.99 2.49 6.60
N ILE A 24 -7.31 2.76 5.51
CA ILE A 24 -7.77 2.38 4.19
C ILE A 24 -6.69 1.58 3.45
N LYS A 25 -7.14 0.61 2.68
CA LYS A 25 -6.25 -0.31 2.02
C LYS A 25 -6.13 0.02 0.55
N LEU A 26 -4.93 -0.04 0.02
CA LEU A 26 -4.78 0.06 -1.41
C LEU A 26 -4.36 -1.29 -1.98
N LYS A 27 -4.73 -1.50 -3.21
CA LYS A 27 -4.39 -2.68 -3.97
C LYS A 27 -3.21 -2.37 -4.87
N VAL A 28 -2.03 -2.87 -4.53
CA VAL A 28 -0.87 -2.57 -5.34
C VAL A 28 -0.66 -3.68 -6.36
N ILE A 29 -0.57 -3.27 -7.61
CA ILE A 29 -0.30 -4.17 -8.71
C ILE A 29 1.15 -4.05 -9.12
N GLY A 30 1.92 -5.10 -8.90
CA GLY A 30 3.33 -5.05 -9.23
C GLY A 30 3.57 -5.43 -10.68
N GLN A 31 4.73 -5.06 -11.21
CA GLN A 31 5.06 -5.37 -12.61
C GLN A 31 5.33 -6.85 -12.80
N ASP A 32 5.27 -7.63 -11.71
CA ASP A 32 5.36 -9.08 -11.79
C ASP A 32 3.97 -9.68 -11.65
N SER A 33 2.95 -8.84 -11.86
CA SER A 33 1.55 -9.26 -11.79
C SER A 33 1.10 -9.61 -10.37
N SER A 34 2.04 -9.61 -9.44
CA SER A 34 1.73 -9.85 -8.03
C SER A 34 0.99 -8.65 -7.45
N GLU A 35 0.10 -8.90 -6.49
CA GLU A 35 -0.71 -7.84 -5.91
C GLU A 35 -0.59 -7.88 -4.40
N ILE A 36 -0.58 -6.70 -3.77
CA ILE A 36 -0.42 -6.63 -2.32
C ILE A 36 -1.42 -5.65 -1.73
N HIS A 37 -1.95 -5.99 -0.56
CA HIS A 37 -2.84 -5.10 0.18
C HIS A 37 -2.01 -4.18 1.05
N PHE A 38 -2.45 -2.94 1.24
CA PHE A 38 -1.72 -1.99 2.09
C PHE A 38 -2.69 -1.21 2.94
N LYS A 39 -2.49 -1.21 4.25
CA LYS A 39 -3.35 -0.43 5.13
C LYS A 39 -2.65 0.84 5.58
N VAL A 40 -2.94 1.91 4.87
CA VAL A 40 -2.40 3.23 5.19
C VAL A 40 -3.53 4.15 5.64
N LYS A 41 -3.16 5.19 6.37
CA LYS A 41 -4.12 6.16 6.84
C LYS A 41 -4.54 7.07 5.69
N MET A 42 -5.75 7.62 5.76
CA MET A 42 -6.32 8.45 4.69
C MET A 42 -5.31 9.37 4.06
N THR A 43 -4.61 10.08 4.90
CA THR A 43 -3.74 11.14 4.46
C THR A 43 -2.29 10.71 4.57
N THR A 44 -2.05 9.46 4.19
CA THR A 44 -0.72 8.87 4.32
C THR A 44 0.13 9.14 3.08
N HIS A 45 1.37 9.59 3.32
CA HIS A 45 2.30 9.84 2.23
C HIS A 45 2.45 8.60 1.38
N LEU A 46 2.02 8.69 0.14
CA LEU A 46 1.99 7.54 -0.72
C LEU A 46 3.37 7.16 -1.18
N LYS A 47 4.41 7.97 -0.89
CA LYS A 47 5.77 7.55 -1.17
C LYS A 47 6.08 6.30 -0.42
N LYS A 48 5.68 6.30 0.85
CA LYS A 48 5.96 5.20 1.75
C LYS A 48 5.31 3.93 1.21
N LEU A 49 4.10 4.09 0.71
CA LEU A 49 3.41 3.03 -0.02
C LEU A 49 4.30 2.50 -1.15
N LYS A 50 4.80 3.43 -1.96
CA LYS A 50 5.66 3.08 -3.09
C LYS A 50 6.93 2.40 -2.59
N GLU A 51 7.49 2.96 -1.53
CA GLU A 51 8.75 2.49 -1.00
C GLU A 51 8.60 1.11 -0.38
N SER A 52 7.50 0.86 0.31
CA SER A 52 7.29 -0.45 0.92
C SER A 52 7.42 -1.55 -0.13
N TYR A 53 6.69 -1.41 -1.24
CA TYR A 53 6.80 -2.39 -2.34
C TYR A 53 8.23 -2.42 -2.85
N CYS A 54 8.74 -1.25 -3.23
CA CYS A 54 10.00 -1.11 -3.95
C CYS A 54 11.19 -1.58 -3.11
N GLN A 55 11.19 -1.15 -1.86
CA GLN A 55 12.25 -1.47 -0.92
C GLN A 55 12.39 -2.96 -0.71
N ARG A 56 11.29 -3.63 -0.36
CA ARG A 56 11.38 -5.03 0.03
C ARG A 56 11.64 -5.88 -1.21
N GLN A 57 11.16 -5.40 -2.34
CA GLN A 57 11.29 -6.11 -3.60
C GLN A 57 12.72 -6.03 -4.15
N GLY A 58 13.51 -5.10 -3.62
CA GLY A 58 14.88 -4.93 -4.09
C GLY A 58 14.94 -4.02 -5.30
N VAL A 59 14.13 -2.99 -5.28
CA VAL A 59 14.02 -2.05 -6.40
C VAL A 59 14.44 -0.66 -5.93
N PRO A 60 15.10 0.14 -6.78
CA PRO A 60 15.39 1.54 -6.47
C PRO A 60 14.17 2.40 -6.77
N MET A 61 13.88 3.33 -5.88
CA MET A 61 12.65 4.12 -5.94
C MET A 61 12.57 4.94 -7.23
N ASN A 62 13.71 5.22 -7.83
CA ASN A 62 13.75 6.00 -9.06
C ASN A 62 13.40 5.15 -10.27
N SER A 63 13.23 3.87 -10.06
CA SER A 63 12.96 2.96 -11.15
C SER A 63 11.50 2.52 -11.16
N LEU A 64 10.76 2.82 -10.10
CA LEU A 64 9.38 2.37 -10.03
C LEU A 64 8.41 3.48 -9.66
N ARG A 65 7.33 3.51 -10.40
CA ARG A 65 6.28 4.49 -10.20
C ARG A 65 4.98 3.82 -9.82
N PHE A 66 4.30 4.38 -8.84
CA PHE A 66 3.02 3.87 -8.39
C PHE A 66 1.93 4.83 -8.80
N LEU A 67 0.87 4.29 -9.37
CA LEU A 67 -0.17 5.11 -9.94
C LEU A 67 -1.55 4.65 -9.53
N PHE A 68 -2.48 5.58 -9.50
CA PHE A 68 -3.88 5.26 -9.34
C PHE A 68 -4.53 5.20 -10.71
N GLU A 69 -4.53 3.99 -11.26
CA GLU A 69 -5.08 3.70 -12.57
C GLU A 69 -4.59 4.70 -13.63
N GLY A 70 -3.29 4.91 -13.66
CA GLY A 70 -2.70 5.81 -14.62
C GLY A 70 -2.40 7.18 -14.05
N GLN A 71 -2.64 7.36 -12.75
CA GLN A 71 -2.35 8.65 -12.11
C GLN A 71 -1.05 8.57 -11.33
N ARG A 72 -0.05 9.31 -11.78
CA ARG A 72 1.25 9.34 -11.13
C ARG A 72 1.14 9.77 -9.67
N ILE A 73 1.52 8.88 -8.77
CA ILE A 73 1.55 9.21 -7.34
C ILE A 73 2.83 9.93 -6.97
N ALA A 74 2.69 11.06 -6.28
CA ALA A 74 3.84 11.82 -5.80
C ALA A 74 4.16 11.44 -4.36
N ASP A 75 5.34 11.82 -3.89
CA ASP A 75 5.80 11.40 -2.57
C ASP A 75 4.90 11.89 -1.45
N ASN A 76 4.45 13.14 -1.54
CA ASN A 76 3.68 13.73 -0.46
C ASN A 76 2.19 13.69 -0.76
N HIS A 77 1.81 12.86 -1.72
CA HIS A 77 0.41 12.72 -2.07
C HIS A 77 -0.17 11.49 -1.39
N THR A 78 -1.44 11.54 -1.04
CA THR A 78 -2.06 10.46 -0.29
C THR A 78 -3.38 10.05 -0.95
N PRO A 79 -3.94 8.87 -0.63
CA PRO A 79 -5.22 8.42 -1.18
C PRO A 79 -6.32 9.47 -0.97
N LYS A 80 -6.30 10.10 0.20
CA LYS A 80 -7.27 11.13 0.55
C LYS A 80 -7.24 12.24 -0.49
N GLU A 81 -6.04 12.66 -0.84
CA GLU A 81 -5.84 13.77 -1.76
C GLU A 81 -6.18 13.36 -3.18
N LEU A 82 -5.77 12.16 -3.56
CA LEU A 82 -5.88 11.71 -4.94
C LEU A 82 -7.30 11.27 -5.27
N GLY A 83 -8.18 11.35 -4.29
CA GLY A 83 -9.58 11.05 -4.53
C GLY A 83 -9.86 9.56 -4.52
N MET A 84 -9.02 8.82 -3.80
CA MET A 84 -9.20 7.39 -3.68
C MET A 84 -9.81 7.08 -2.32
N GLU A 85 -10.21 5.83 -2.13
CA GLU A 85 -10.86 5.43 -0.91
C GLU A 85 -10.32 4.08 -0.47
N GLU A 86 -10.89 3.52 0.59
CA GLU A 86 -10.49 2.20 1.03
C GLU A 86 -10.64 1.18 -0.10
N GLU A 87 -9.60 0.40 -0.26
CA GLU A 87 -9.53 -0.71 -1.21
C GLU A 87 -9.34 -0.23 -2.65
N ASP A 88 -8.85 1.00 -2.80
CA ASP A 88 -8.57 1.55 -4.13
C ASP A 88 -7.34 0.88 -4.72
N VAL A 89 -7.13 1.04 -6.02
CA VAL A 89 -6.11 0.28 -6.73
C VAL A 89 -4.98 1.17 -7.24
N ILE A 90 -3.75 0.69 -7.05
CA ILE A 90 -2.55 1.38 -7.48
C ILE A 90 -1.68 0.43 -8.31
N GLU A 91 -1.27 0.88 -9.49
CA GLU A 91 -0.48 0.05 -10.39
C GLU A 91 0.98 0.47 -10.37
N VAL A 92 1.87 -0.48 -10.56
CA VAL A 92 3.30 -0.21 -10.61
C VAL A 92 3.78 -0.19 -12.05
N TYR A 93 4.56 0.83 -12.35
CA TYR A 93 5.19 0.98 -13.63
C TYR A 93 6.64 1.41 -13.39
N GLN A 94 7.36 1.73 -14.44
CA GLN A 94 8.79 1.93 -14.32
C GLN A 94 9.14 3.41 -14.53
N GLU A 95 9.79 3.99 -13.53
CA GLU A 95 10.13 5.41 -13.54
C GLU A 95 11.31 5.70 -14.45
N GLN A 96 12.44 5.09 -14.15
CA GLN A 96 13.61 5.16 -15.00
C GLN A 96 13.91 3.78 -15.56
N THR A 97 15.12 3.60 -16.06
CA THR A 97 15.56 2.27 -16.49
C THR A 97 15.52 1.30 -15.30
N GLY A 98 15.45 0.00 -15.62
CA GLY A 98 15.41 -1.01 -14.58
C GLY A 98 16.68 -1.06 -13.76
N GLY A 99 16.66 -1.82 -12.67
CA GLY A 99 17.80 -1.90 -11.79
C GLY A 99 18.32 -3.32 -11.71
N LYS B 3 8.00 -17.89 -34.77
CA LYS B 3 6.54 -17.97 -34.93
C LYS B 3 5.84 -18.23 -33.61
N THR B 4 6.61 -18.31 -32.54
CA THR B 4 6.06 -18.58 -31.23
C THR B 4 6.15 -17.33 -30.34
N SER B 5 5.30 -17.28 -29.33
CA SER B 5 5.33 -16.19 -28.37
C SER B 5 5.47 -16.77 -26.97
N VAL B 6 6.13 -16.05 -26.08
CA VAL B 6 6.36 -16.55 -24.73
C VAL B 6 5.33 -16.00 -23.76
N ALA B 7 4.85 -16.85 -22.87
CA ALA B 7 3.88 -16.44 -21.87
C ALA B 7 4.59 -15.90 -20.63
N THR B 8 3.98 -14.92 -19.99
CA THR B 8 4.60 -14.28 -18.84
C THR B 8 4.11 -14.93 -17.55
N GLN B 9 5.00 -15.08 -16.59
CA GLN B 9 4.66 -15.72 -15.33
C GLN B 9 4.44 -14.70 -14.22
N CYS B 10 3.89 -15.16 -13.12
CA CYS B 10 3.73 -14.33 -11.94
C CYS B 10 4.36 -15.03 -10.75
N ASP B 11 4.73 -14.28 -9.73
CA ASP B 11 5.30 -14.86 -8.53
C ASP B 11 4.62 -14.28 -7.29
N PRO B 12 4.33 -15.14 -6.30
CA PRO B 12 3.64 -14.76 -5.05
C PRO B 12 4.46 -13.88 -4.11
N GLU B 13 5.37 -13.11 -4.65
CA GLU B 13 6.18 -12.19 -3.86
C GLU B 13 5.28 -11.18 -3.16
N GLU B 14 5.39 -11.12 -1.84
CA GLU B 14 4.50 -10.29 -1.05
C GLU B 14 5.24 -9.17 -0.35
N ILE B 15 4.56 -8.06 -0.19
CA ILE B 15 5.10 -6.89 0.49
C ILE B 15 4.30 -6.66 1.77
N ILE B 16 4.94 -6.15 2.82
CA ILE B 16 4.24 -5.82 4.05
C ILE B 16 3.80 -4.36 4.02
N VAL B 17 2.98 -3.94 4.97
CA VAL B 17 2.53 -2.57 4.98
C VAL B 17 3.22 -1.77 6.09
N LEU B 18 3.31 -0.49 5.84
CA LEU B 18 3.85 0.49 6.76
C LEU B 18 2.79 0.92 7.76
N SER B 19 3.19 1.69 8.75
CA SER B 19 2.28 2.17 9.77
C SER B 19 1.58 3.43 9.27
N ASP B 20 0.60 3.91 10.03
CA ASP B 20 -0.26 4.99 9.58
C ASP B 20 0.47 6.33 9.55
N SER B 21 0.21 7.10 8.51
CA SER B 21 0.82 8.39 8.31
C SER B 21 -0.18 9.52 8.54
N ASP B 22 0.34 10.66 8.99
CA ASP B 22 -0.45 11.87 9.25
C ASP B 22 -1.33 11.70 10.49
N MET A 3 11.96 11.04 42.91
CA MET A 3 10.56 10.70 43.24
C MET A 3 9.84 10.05 42.06
N SER A 4 10.38 10.22 40.84
CA SER A 4 9.69 9.79 39.63
C SER A 4 9.42 8.28 39.64
N ASP A 5 10.46 7.50 39.93
CA ASP A 5 10.37 6.04 39.93
C ASP A 5 9.24 5.55 40.81
N GLN A 6 9.13 6.15 41.98
CA GLN A 6 8.19 5.71 42.99
C GLN A 6 6.76 6.14 42.65
N GLU A 7 6.62 7.39 42.20
CA GLU A 7 5.31 7.99 42.03
C GLU A 7 4.65 7.61 40.70
N ALA A 8 5.45 7.39 39.66
CA ALA A 8 4.90 7.13 38.34
C ALA A 8 4.48 5.67 38.21
N LYS A 9 3.21 5.40 38.45
CA LYS A 9 2.66 4.06 38.24
C LYS A 9 2.66 3.73 36.74
N PRO A 10 3.16 2.54 36.38
CA PRO A 10 3.35 2.15 34.98
C PRO A 10 2.13 1.45 34.39
N SER A 11 0.96 1.95 34.73
CA SER A 11 -0.29 1.38 34.22
C SER A 11 -0.75 2.10 32.95
N THR A 12 0.13 2.90 32.37
CA THR A 12 -0.22 3.76 31.26
C THR A 12 -0.22 3.02 29.92
N GLU A 13 -0.01 1.71 29.99
CA GLU A 13 0.09 0.86 28.80
C GLU A 13 -1.27 0.62 28.15
N ASP A 14 -2.30 1.30 28.64
CA ASP A 14 -3.66 1.10 28.14
C ASP A 14 -3.88 1.83 26.83
N LEU A 15 -2.89 2.60 26.42
CA LEU A 15 -3.00 3.40 25.21
C LEU A 15 -2.79 2.56 23.96
N GLY A 16 -2.90 3.19 22.81
CA GLY A 16 -2.66 2.50 21.56
C GLY A 16 -3.69 2.83 20.49
N ASP A 17 -4.36 3.96 20.66
CA ASP A 17 -5.26 4.50 19.63
C ASP A 17 -4.53 4.72 18.29
N LYS A 18 -3.21 4.85 18.36
CA LYS A 18 -2.41 5.07 17.15
C LYS A 18 -1.80 3.76 16.63
N LYS A 19 -2.24 2.65 17.17
CA LYS A 19 -1.86 1.34 16.64
C LYS A 19 -2.63 1.06 15.36
N GLU A 20 -3.91 0.80 15.52
CA GLU A 20 -4.77 0.50 14.39
C GLU A 20 -6.11 1.19 14.59
N GLY A 21 -7.12 0.81 13.83
CA GLY A 21 -8.36 1.54 13.83
C GLY A 21 -8.93 1.61 12.43
N GLU A 22 -9.39 2.78 12.04
CA GLU A 22 -9.86 2.96 10.67
C GLU A 22 -8.73 3.45 9.77
N TYR A 23 -8.56 2.74 8.67
CA TYR A 23 -7.61 3.10 7.64
C TYR A 23 -8.09 2.50 6.31
N ILE A 24 -7.35 2.75 5.25
CA ILE A 24 -7.79 2.36 3.91
C ILE A 24 -6.71 1.54 3.22
N LYS A 25 -7.13 0.57 2.46
CA LYS A 25 -6.23 -0.35 1.81
C LYS A 25 -6.18 -0.10 0.31
N LEU A 26 -4.99 -0.10 -0.26
CA LEU A 26 -4.87 -0.02 -1.70
C LEU A 26 -4.39 -1.37 -2.24
N LYS A 27 -4.76 -1.65 -3.48
CA LYS A 27 -4.33 -2.85 -4.16
C LYS A 27 -3.17 -2.49 -5.07
N VAL A 28 -1.95 -2.86 -4.68
CA VAL A 28 -0.81 -2.53 -5.50
C VAL A 28 -0.51 -3.66 -6.46
N ILE A 29 -0.42 -3.31 -7.72
CA ILE A 29 -0.08 -4.24 -8.78
C ILE A 29 1.35 -4.00 -9.24
N GLY A 30 2.22 -4.96 -9.02
CA GLY A 30 3.59 -4.81 -9.44
C GLY A 30 3.77 -5.24 -10.87
N GLN A 31 4.83 -4.75 -11.51
CA GLN A 31 5.10 -5.08 -12.91
C GLN A 31 5.40 -6.56 -13.08
N ASP A 32 5.69 -7.22 -11.97
CA ASP A 32 5.96 -8.64 -11.99
C ASP A 32 4.85 -9.42 -11.31
N SER A 33 3.63 -8.90 -11.44
CA SER A 33 2.40 -9.61 -11.05
C SER A 33 2.22 -9.70 -9.53
N SER A 34 3.19 -9.18 -8.79
CA SER A 34 3.09 -9.12 -7.35
C SER A 34 2.02 -8.11 -6.94
N GLU A 35 0.96 -8.60 -6.32
CA GLU A 35 -0.13 -7.73 -5.91
C GLU A 35 -0.31 -7.84 -4.40
N ILE A 36 -0.20 -6.72 -3.71
CA ILE A 36 -0.28 -6.72 -2.25
C ILE A 36 -1.14 -5.57 -1.75
N HIS A 37 -1.86 -5.84 -0.68
CA HIS A 37 -2.78 -4.86 -0.12
C HIS A 37 -2.07 -4.05 0.95
N PHE A 38 -2.18 -2.73 0.87
CA PHE A 38 -1.60 -1.87 1.90
C PHE A 38 -2.70 -1.11 2.64
N LYS A 39 -2.71 -1.21 3.95
CA LYS A 39 -3.67 -0.50 4.78
C LYS A 39 -3.02 0.72 5.41
N VAL A 40 -3.21 1.87 4.77
CA VAL A 40 -2.62 3.13 5.21
C VAL A 40 -3.71 4.10 5.63
N LYS A 41 -3.35 5.09 6.44
CA LYS A 41 -4.27 6.15 6.81
C LYS A 41 -4.61 7.00 5.60
N MET A 42 -5.78 7.62 5.63
CA MET A 42 -6.23 8.48 4.55
C MET A 42 -5.15 9.44 4.08
N THR A 43 -4.35 9.93 5.01
CA THR A 43 -3.41 10.98 4.69
C THR A 43 -1.98 10.48 4.84
N THR A 44 -1.75 9.23 4.45
CA THR A 44 -0.43 8.65 4.49
C THR A 44 0.31 8.92 3.18
N HIS A 45 1.56 9.38 3.28
CA HIS A 45 2.38 9.65 2.11
C HIS A 45 2.49 8.39 1.28
N LEU A 46 2.00 8.45 0.06
CA LEU A 46 2.00 7.30 -0.79
C LEU A 46 3.40 6.97 -1.26
N LYS A 47 4.37 7.84 -0.98
CA LYS A 47 5.77 7.52 -1.19
C LYS A 47 6.13 6.32 -0.37
N LYS A 48 5.59 6.29 0.84
CA LYS A 48 5.86 5.24 1.78
C LYS A 48 5.35 3.93 1.21
N LEU A 49 4.13 3.98 0.70
CA LEU A 49 3.53 2.84 0.01
C LEU A 49 4.43 2.36 -1.12
N LYS A 50 4.93 3.31 -1.91
CA LYS A 50 5.82 3.00 -3.01
C LYS A 50 7.07 2.32 -2.48
N GLU A 51 7.61 2.89 -1.43
CA GLU A 51 8.83 2.38 -0.82
C GLU A 51 8.62 0.99 -0.25
N SER A 52 7.51 0.78 0.45
CA SER A 52 7.28 -0.51 1.10
C SER A 52 7.40 -1.64 0.08
N TYR A 53 6.67 -1.53 -1.03
CA TYR A 53 6.77 -2.54 -2.09
C TYR A 53 8.18 -2.55 -2.67
N CYS A 54 8.62 -1.40 -3.14
CA CYS A 54 9.85 -1.26 -3.91
C CYS A 54 11.06 -1.74 -3.10
N GLN A 55 11.12 -1.29 -1.88
CA GLN A 55 12.20 -1.59 -0.96
C GLN A 55 12.32 -3.09 -0.72
N ARG A 56 11.21 -3.72 -0.31
CA ARG A 56 11.30 -5.13 0.08
C ARG A 56 11.50 -5.99 -1.15
N GLN A 57 10.99 -5.50 -2.26
CA GLN A 57 11.01 -6.22 -3.51
C GLN A 57 12.36 -6.09 -4.23
N GLY A 58 13.28 -5.34 -3.62
CA GLY A 58 14.60 -5.18 -4.19
C GLY A 58 14.60 -4.27 -5.41
N VAL A 59 13.82 -3.21 -5.32
CA VAL A 59 13.67 -2.27 -6.42
C VAL A 59 14.14 -0.89 -5.95
N PRO A 60 14.80 -0.10 -6.81
CA PRO A 60 15.14 1.29 -6.47
C PRO A 60 13.94 2.20 -6.70
N MET A 61 13.69 3.09 -5.75
CA MET A 61 12.48 3.89 -5.73
C MET A 61 12.32 4.74 -6.99
N ASN A 62 13.44 5.08 -7.62
CA ASN A 62 13.41 5.95 -8.79
C ASN A 62 13.09 5.16 -10.06
N SER A 63 12.99 3.86 -9.93
CA SER A 63 12.76 3.00 -11.06
C SER A 63 11.31 2.53 -11.10
N LEU A 64 10.54 2.86 -10.07
CA LEU A 64 9.16 2.40 -10.03
C LEU A 64 8.19 3.51 -9.67
N ARG A 65 7.11 3.57 -10.43
CA ARG A 65 6.07 4.55 -10.22
C ARG A 65 4.77 3.83 -9.89
N PHE A 66 4.10 4.34 -8.87
CA PHE A 66 2.83 3.77 -8.45
C PHE A 66 1.73 4.73 -8.84
N LEU A 67 0.67 4.20 -9.45
CA LEU A 67 -0.37 5.06 -9.97
C LEU A 67 -1.77 4.58 -9.60
N PHE A 68 -2.68 5.51 -9.50
CA PHE A 68 -4.09 5.21 -9.30
C PHE A 68 -4.82 5.30 -10.63
N GLU A 69 -5.01 4.15 -11.27
CA GLU A 69 -5.67 4.08 -12.57
C GLU A 69 -4.98 5.00 -13.58
N GLY A 70 -3.66 4.97 -13.58
CA GLY A 70 -2.90 5.79 -14.52
C GLY A 70 -2.57 7.16 -13.96
N GLN A 71 -2.92 7.41 -12.71
CA GLN A 71 -2.62 8.68 -12.08
C GLN A 71 -1.33 8.53 -11.29
N ARG A 72 -0.27 9.14 -11.80
CA ARG A 72 1.04 9.07 -11.18
C ARG A 72 0.98 9.57 -9.74
N ILE A 73 1.29 8.67 -8.81
CA ILE A 73 1.32 9.03 -7.40
C ILE A 73 2.57 9.84 -7.10
N ALA A 74 2.38 10.97 -6.44
CA ALA A 74 3.49 11.78 -6.02
C ALA A 74 3.87 11.39 -4.61
N ASP A 75 5.14 11.50 -4.31
CA ASP A 75 5.70 11.05 -3.05
C ASP A 75 5.06 11.73 -1.85
N ASN A 76 4.66 12.98 -2.01
CA ASN A 76 4.01 13.70 -0.91
C ASN A 76 2.49 13.61 -1.01
N HIS A 77 1.99 12.76 -1.90
CA HIS A 77 0.54 12.61 -2.09
C HIS A 77 0.01 11.40 -1.35
N THR A 78 -1.23 11.49 -0.89
CA THR A 78 -1.88 10.40 -0.17
C THR A 78 -3.23 10.08 -0.82
N PRO A 79 -3.87 8.94 -0.51
CA PRO A 79 -5.18 8.60 -1.06
C PRO A 79 -6.20 9.71 -0.84
N LYS A 80 -6.15 10.33 0.34
CA LYS A 80 -7.05 11.41 0.71
C LYS A 80 -6.97 12.54 -0.32
N GLU A 81 -5.74 12.88 -0.69
CA GLU A 81 -5.50 13.98 -1.60
C GLU A 81 -5.91 13.61 -3.02
N LEU A 82 -5.64 12.37 -3.40
CA LEU A 82 -5.87 11.91 -4.76
C LEU A 82 -7.34 11.56 -4.99
N GLY A 83 -8.11 11.58 -3.91
CA GLY A 83 -9.53 11.31 -4.01
C GLY A 83 -9.84 9.82 -4.05
N MET A 84 -8.93 9.01 -3.51
CA MET A 84 -9.14 7.58 -3.44
C MET A 84 -9.62 7.21 -2.05
N GLU A 85 -10.00 5.96 -1.88
CA GLU A 85 -10.55 5.50 -0.62
C GLU A 85 -10.13 4.06 -0.38
N GLU A 86 -10.71 3.41 0.61
CA GLU A 86 -10.42 2.02 0.89
C GLU A 86 -10.69 1.14 -0.33
N GLU A 87 -9.74 0.25 -0.58
CA GLU A 87 -9.82 -0.79 -1.61
C GLU A 87 -9.54 -0.25 -3.01
N ASP A 88 -8.96 0.94 -3.11
CA ASP A 88 -8.61 1.49 -4.41
C ASP A 88 -7.38 0.80 -4.99
N VAL A 89 -7.24 0.85 -6.30
CA VAL A 89 -6.20 0.09 -6.97
C VAL A 89 -5.06 1.00 -7.45
N ILE A 90 -3.84 0.51 -7.26
CA ILE A 90 -2.64 1.22 -7.65
C ILE A 90 -1.75 0.30 -8.49
N GLU A 91 -1.39 0.76 -9.67
CA GLU A 91 -0.61 -0.04 -10.60
C GLU A 91 0.81 0.48 -10.68
N VAL A 92 1.75 -0.43 -10.88
CA VAL A 92 3.15 -0.08 -10.92
C VAL A 92 3.67 -0.07 -12.35
N TYR A 93 4.44 0.96 -12.64
CA TYR A 93 5.11 1.12 -13.91
C TYR A 93 6.54 1.54 -13.62
N GLN A 94 7.38 1.56 -14.63
CA GLN A 94 8.78 1.87 -14.42
C GLN A 94 8.99 3.38 -14.50
N GLU A 95 9.69 3.92 -13.51
CA GLU A 95 9.93 5.35 -13.44
C GLU A 95 11.11 5.75 -14.32
N GLN A 96 12.27 5.18 -14.06
CA GLN A 96 13.41 5.32 -14.97
C GLN A 96 13.83 3.94 -15.43
N THR A 97 15.05 3.82 -15.94
CA THR A 97 15.59 2.51 -16.28
C THR A 97 15.60 1.61 -15.04
N GLY A 98 15.52 0.30 -15.26
CA GLY A 98 15.55 -0.66 -14.17
C GLY A 98 16.83 -0.58 -13.35
N GLY A 99 16.79 -1.17 -12.17
CA GLY A 99 17.93 -1.09 -11.28
C GLY A 99 18.51 -2.45 -10.99
N LYS B 3 -8.36 -29.02 17.32
CA LYS B 3 -8.49 -27.61 17.76
C LYS B 3 -8.99 -26.75 16.61
N THR B 4 -8.57 -25.50 16.60
CA THR B 4 -8.92 -24.60 15.53
C THR B 4 -7.95 -24.78 14.36
N SER B 5 -8.48 -25.03 13.17
CA SER B 5 -7.62 -25.26 12.02
C SER B 5 -7.98 -24.31 10.88
N VAL B 6 -6.96 -23.80 10.22
CA VAL B 6 -7.14 -22.97 9.05
C VAL B 6 -6.28 -23.51 7.92
N ALA B 7 -6.82 -23.53 6.71
CA ALA B 7 -6.07 -24.05 5.58
C ALA B 7 -5.24 -22.95 4.95
N THR B 8 -3.98 -23.26 4.65
CA THR B 8 -3.09 -22.31 4.03
C THR B 8 -3.03 -22.56 2.53
N GLN B 9 -2.71 -21.52 1.78
CA GLN B 9 -2.63 -21.63 0.33
C GLN B 9 -1.25 -21.34 -0.20
N CYS B 10 -1.12 -21.51 -1.49
CA CYS B 10 0.05 -21.12 -2.21
C CYS B 10 -0.07 -19.63 -2.54
N ASP B 11 0.98 -18.88 -2.27
CA ASP B 11 0.92 -17.43 -2.42
C ASP B 11 2.19 -16.89 -3.08
N PRO B 12 2.12 -15.65 -3.59
CA PRO B 12 3.28 -14.97 -4.15
C PRO B 12 4.15 -14.35 -3.05
N GLU B 13 4.94 -13.37 -3.43
CA GLU B 13 5.80 -12.68 -2.47
C GLU B 13 4.97 -11.74 -1.60
N GLU B 14 5.30 -11.67 -0.32
CA GLU B 14 4.55 -10.83 0.62
C GLU B 14 5.22 -9.49 0.83
N ILE B 15 4.46 -8.43 0.63
CA ILE B 15 4.94 -7.10 0.93
C ILE B 15 4.12 -6.55 2.08
N ILE B 16 4.80 -6.05 3.10
CA ILE B 16 4.12 -5.54 4.30
C ILE B 16 3.76 -4.07 4.13
N VAL B 17 2.97 -3.55 5.05
CA VAL B 17 2.52 -2.17 4.96
C VAL B 17 3.19 -1.31 6.05
N LEU B 18 3.10 -0.01 5.86
CA LEU B 18 3.63 0.97 6.80
C LEU B 18 2.68 1.17 7.98
N SER B 19 3.12 1.90 8.99
CA SER B 19 2.37 2.06 10.22
C SER B 19 1.36 3.21 10.13
N ASP B 20 0.61 3.41 11.21
CA ASP B 20 -0.51 4.34 11.22
C ASP B 20 -0.05 5.78 11.22
N SER B 21 -0.61 6.57 10.31
CA SER B 21 -0.32 8.00 10.25
C SER B 21 -1.54 8.81 10.68
N ASP B 22 -1.42 10.14 10.62
CA ASP B 22 -2.54 11.05 10.82
C ASP B 22 -3.00 11.05 12.27
N MET A 3 -11.79 11.90 41.57
CA MET A 3 -11.67 11.18 40.28
C MET A 3 -12.62 10.00 40.20
N SER A 4 -13.70 10.04 40.99
CA SER A 4 -14.63 8.93 41.10
C SER A 4 -15.30 8.60 39.76
N ASP A 5 -15.48 9.61 38.92
CA ASP A 5 -16.11 9.42 37.62
C ASP A 5 -15.08 9.00 36.59
N GLN A 6 -13.86 9.49 36.76
CA GLN A 6 -12.79 9.24 35.81
C GLN A 6 -12.22 7.84 35.97
N GLU A 7 -12.73 7.10 36.95
CA GLU A 7 -12.34 5.71 37.14
C GLU A 7 -13.09 4.82 36.15
N ALA A 8 -14.10 5.39 35.50
CA ALA A 8 -14.85 4.67 34.49
C ALA A 8 -14.44 5.16 33.10
N LYS A 9 -13.50 4.45 32.51
CA LYS A 9 -13.06 4.77 31.15
C LYS A 9 -14.04 4.24 30.11
N PRO A 10 -14.45 5.08 29.16
CA PRO A 10 -15.38 4.69 28.10
C PRO A 10 -14.69 3.93 26.98
N SER A 11 -13.62 3.25 27.34
CA SER A 11 -12.79 2.55 26.37
C SER A 11 -13.41 1.20 26.02
N THR A 12 -14.48 0.84 26.72
CA THR A 12 -15.24 -0.34 26.41
C THR A 12 -16.07 -0.09 25.16
N GLU A 13 -16.73 1.06 25.13
CA GLU A 13 -17.49 1.50 23.97
C GLU A 13 -16.54 2.03 22.91
N ASP A 14 -15.43 2.59 23.36
CA ASP A 14 -14.34 3.01 22.48
C ASP A 14 -13.34 1.89 22.27
N LEU A 15 -13.84 0.66 22.21
CA LEU A 15 -13.00 -0.52 22.02
C LEU A 15 -12.13 -0.38 20.76
N GLY A 16 -10.83 -0.61 20.94
CA GLY A 16 -9.88 -0.48 19.85
C GLY A 16 -10.00 0.85 19.12
N ASP A 17 -10.01 1.94 19.87
CA ASP A 17 -10.22 3.26 19.29
C ASP A 17 -8.99 4.13 19.51
N LYS A 18 -8.29 3.86 20.59
CA LYS A 18 -7.06 4.57 20.91
C LYS A 18 -5.88 3.84 20.27
N LYS A 19 -6.14 2.64 19.78
CA LYS A 19 -5.12 1.79 19.19
C LYS A 19 -4.53 2.41 17.94
N GLU A 20 -5.35 2.50 16.89
CA GLU A 20 -4.91 3.02 15.60
C GLU A 20 -6.05 3.82 14.98
N GLY A 21 -5.70 4.93 14.36
CA GLY A 21 -6.69 5.71 13.63
C GLY A 21 -7.20 4.98 12.41
N GLU A 22 -8.38 5.38 11.94
CA GLU A 22 -9.01 4.74 10.79
C GLU A 22 -8.13 4.85 9.54
N TYR A 23 -8.10 3.78 8.75
CA TYR A 23 -7.26 3.74 7.57
C TYR A 23 -7.93 3.00 6.41
N ILE A 24 -7.29 3.13 5.25
CA ILE A 24 -7.80 2.58 4.01
C ILE A 24 -6.73 1.75 3.32
N LYS A 25 -7.15 0.72 2.62
CA LYS A 25 -6.23 -0.21 2.01
C LYS A 25 -6.20 -0.03 0.50
N LEU A 26 -5.02 -0.05 -0.08
CA LEU A 26 -4.90 0.00 -1.52
C LEU A 26 -4.44 -1.34 -2.08
N LYS A 27 -4.74 -1.56 -3.34
CA LYS A 27 -4.33 -2.77 -4.05
C LYS A 27 -3.18 -2.41 -4.97
N VAL A 28 -1.97 -2.80 -4.63
CA VAL A 28 -0.82 -2.45 -5.46
C VAL A 28 -0.51 -3.57 -6.44
N ILE A 29 -0.40 -3.20 -7.70
CA ILE A 29 -0.06 -4.15 -8.74
C ILE A 29 1.39 -3.97 -9.14
N GLY A 30 2.16 -5.03 -9.04
CA GLY A 30 3.55 -4.95 -9.43
C GLY A 30 3.77 -5.44 -10.85
N GLN A 31 4.85 -5.01 -11.48
CA GLN A 31 5.19 -5.43 -12.82
C GLN A 31 5.49 -6.93 -12.86
N ASP A 32 5.81 -7.48 -11.70
CA ASP A 32 6.04 -8.91 -11.54
C ASP A 32 4.72 -9.65 -11.40
N SER A 33 3.62 -8.91 -11.50
CA SER A 33 2.26 -9.44 -11.39
C SER A 33 1.88 -9.71 -9.95
N SER A 34 2.87 -9.65 -9.06
CA SER A 34 2.62 -9.70 -7.64
C SER A 34 1.79 -8.49 -7.21
N GLU A 35 0.74 -8.74 -6.44
CA GLU A 35 -0.13 -7.67 -5.99
C GLU A 35 -0.41 -7.81 -4.49
N ILE A 36 -0.32 -6.69 -3.79
CA ILE A 36 -0.42 -6.70 -2.33
C ILE A 36 -1.25 -5.53 -1.85
N HIS A 37 -2.00 -5.77 -0.78
CA HIS A 37 -2.87 -4.77 -0.20
C HIS A 37 -2.15 -4.01 0.92
N PHE A 38 -2.22 -2.68 0.88
CA PHE A 38 -1.62 -1.84 1.91
C PHE A 38 -2.67 -1.06 2.68
N LYS A 39 -2.66 -1.18 4.01
CA LYS A 39 -3.53 -0.38 4.86
C LYS A 39 -2.82 0.88 5.34
N VAL A 40 -3.05 1.98 4.64
CA VAL A 40 -2.48 3.27 5.02
C VAL A 40 -3.59 4.22 5.47
N LYS A 41 -3.25 5.21 6.29
CA LYS A 41 -4.26 6.13 6.78
C LYS A 41 -4.63 7.11 5.69
N MET A 42 -5.85 7.63 5.75
CA MET A 42 -6.41 8.50 4.71
C MET A 42 -5.41 9.50 4.14
N THR A 43 -4.62 10.11 5.01
CA THR A 43 -3.74 11.19 4.58
C THR A 43 -2.28 10.74 4.68
N THR A 44 -2.05 9.48 4.34
CA THR A 44 -0.72 8.88 4.46
C THR A 44 0.11 9.11 3.21
N HIS A 45 1.36 9.56 3.39
CA HIS A 45 2.29 9.74 2.28
C HIS A 45 2.37 8.46 1.49
N LEU A 46 1.90 8.53 0.26
CA LEU A 46 1.87 7.35 -0.58
C LEU A 46 3.26 6.97 -1.01
N LYS A 47 4.26 7.83 -0.74
CA LYS A 47 5.63 7.50 -0.99
C LYS A 47 6.03 6.29 -0.19
N LYS A 48 5.59 6.25 1.06
CA LYS A 48 5.87 5.15 1.94
C LYS A 48 5.35 3.86 1.34
N LEU A 49 4.12 3.94 0.81
CA LEU A 49 3.54 2.83 0.05
C LEU A 49 4.46 2.41 -1.10
N LYS A 50 4.97 3.40 -1.82
CA LYS A 50 5.86 3.16 -2.93
C LYS A 50 7.13 2.47 -2.43
N GLU A 51 7.65 2.96 -1.32
CA GLU A 51 8.88 2.44 -0.75
C GLU A 51 8.68 1.02 -0.23
N SER A 52 7.57 0.75 0.45
CA SER A 52 7.34 -0.58 1.02
C SER A 52 7.46 -1.63 -0.08
N TYR A 53 6.73 -1.42 -1.19
CA TYR A 53 6.83 -2.33 -2.32
C TYR A 53 8.23 -2.34 -2.90
N CYS A 54 8.71 -1.16 -3.27
CA CYS A 54 9.93 -1.02 -4.05
C CYS A 54 11.12 -1.54 -3.27
N GLN A 55 11.17 -1.17 -2.01
CA GLN A 55 12.24 -1.58 -1.12
C GLN A 55 12.33 -3.09 -0.99
N ARG A 56 11.23 -3.74 -0.63
CA ARG A 56 11.29 -5.16 -0.30
C ARG A 56 11.36 -6.00 -1.57
N GLN A 57 10.83 -5.46 -2.66
CA GLN A 57 10.88 -6.14 -3.96
C GLN A 57 12.27 -6.05 -4.59
N GLY A 58 13.15 -5.28 -3.96
CA GLY A 58 14.51 -5.14 -4.46
C GLY A 58 14.60 -4.20 -5.63
N VAL A 59 13.87 -3.10 -5.55
CA VAL A 59 13.80 -2.12 -6.62
C VAL A 59 14.27 -0.76 -6.11
N PRO A 60 14.97 0.03 -6.92
CA PRO A 60 15.31 1.41 -6.57
C PRO A 60 14.10 2.33 -6.77
N MET A 61 13.89 3.22 -5.81
CA MET A 61 12.68 4.04 -5.78
C MET A 61 12.54 4.93 -7.01
N ASN A 62 13.64 5.15 -7.72
CA ASN A 62 13.61 6.03 -8.89
C ASN A 62 13.28 5.24 -10.16
N SER A 63 13.24 3.93 -10.05
CA SER A 63 12.98 3.06 -11.20
C SER A 63 11.52 2.61 -11.26
N LEU A 64 10.77 2.86 -10.20
CA LEU A 64 9.39 2.42 -10.17
C LEU A 64 8.46 3.52 -9.74
N ARG A 65 7.32 3.63 -10.41
CA ARG A 65 6.32 4.59 -10.03
C ARG A 65 5.02 3.88 -9.69
N PHE A 66 4.32 4.44 -8.73
CA PHE A 66 3.04 3.90 -8.31
C PHE A 66 1.96 4.84 -8.73
N LEU A 67 0.92 4.31 -9.34
CA LEU A 67 -0.14 5.14 -9.87
C LEU A 67 -1.51 4.64 -9.46
N PHE A 68 -2.45 5.57 -9.40
CA PHE A 68 -3.83 5.21 -9.16
C PHE A 68 -4.54 5.08 -10.50
N GLU A 69 -4.45 3.86 -11.02
CA GLU A 69 -5.11 3.47 -12.26
C GLU A 69 -4.74 4.43 -13.39
N GLY A 70 -3.47 4.81 -13.43
CA GLY A 70 -2.99 5.71 -14.47
C GLY A 70 -2.60 7.09 -13.93
N GLN A 71 -2.81 7.31 -12.63
CA GLN A 71 -2.49 8.59 -12.04
C GLN A 71 -1.18 8.48 -11.27
N ARG A 72 -0.14 9.12 -11.79
CA ARG A 72 1.19 9.10 -11.16
C ARG A 72 1.11 9.59 -9.72
N ILE A 73 1.38 8.70 -8.77
CA ILE A 73 1.39 9.07 -7.35
C ILE A 73 2.63 9.89 -7.04
N ALA A 74 2.44 10.99 -6.33
CA ALA A 74 3.55 11.83 -5.95
C ALA A 74 3.97 11.46 -4.55
N ASP A 75 5.25 11.57 -4.25
CA ASP A 75 5.78 11.11 -2.98
C ASP A 75 5.02 11.70 -1.78
N ASN A 76 4.64 12.98 -1.85
CA ASN A 76 3.96 13.61 -0.73
C ASN A 76 2.44 13.55 -0.89
N HIS A 77 1.98 12.70 -1.80
CA HIS A 77 0.55 12.58 -2.07
C HIS A 77 -0.05 11.42 -1.30
N THR A 78 -1.31 11.54 -0.93
CA THR A 78 -1.99 10.51 -0.15
C THR A 78 -3.32 10.17 -0.81
N PRO A 79 -3.93 9.01 -0.50
CA PRO A 79 -5.22 8.63 -1.07
C PRO A 79 -6.28 9.72 -0.91
N LYS A 80 -6.25 10.37 0.25
CA LYS A 80 -7.19 11.44 0.57
C LYS A 80 -7.11 12.54 -0.49
N GLU A 81 -5.90 12.89 -0.86
CA GLU A 81 -5.66 13.96 -1.81
C GLU A 81 -6.06 13.53 -3.22
N LEU A 82 -5.76 12.28 -3.55
CA LEU A 82 -5.96 11.77 -4.90
C LEU A 82 -7.41 11.36 -5.14
N GLY A 83 -8.22 11.50 -4.09
CA GLY A 83 -9.64 11.19 -4.20
C GLY A 83 -9.92 9.70 -4.19
N MET A 84 -9.02 8.93 -3.60
CA MET A 84 -9.21 7.49 -3.47
C MET A 84 -9.74 7.16 -2.08
N GLU A 85 -10.18 5.94 -1.91
CA GLU A 85 -10.72 5.50 -0.64
C GLU A 85 -10.30 4.06 -0.39
N GLU A 86 -10.83 3.44 0.65
CA GLU A 86 -10.48 2.08 1.00
C GLU A 86 -10.74 1.13 -0.17
N GLU A 87 -9.75 0.28 -0.41
CA GLU A 87 -9.80 -0.79 -1.41
C GLU A 87 -9.56 -0.26 -2.84
N ASP A 88 -8.99 0.94 -2.95
CA ASP A 88 -8.66 1.48 -4.27
C ASP A 88 -7.42 0.79 -4.84
N VAL A 89 -7.19 0.96 -6.13
CA VAL A 89 -6.13 0.23 -6.81
C VAL A 89 -4.99 1.14 -7.27
N ILE A 90 -3.77 0.65 -7.10
CA ILE A 90 -2.57 1.33 -7.51
C ILE A 90 -1.70 0.39 -8.34
N GLU A 91 -1.26 0.85 -9.50
CA GLU A 91 -0.49 0.02 -10.42
C GLU A 91 0.94 0.53 -10.51
N VAL A 92 1.86 -0.39 -10.70
CA VAL A 92 3.27 -0.05 -10.76
C VAL A 92 3.78 -0.07 -12.20
N TYR A 93 4.56 0.94 -12.53
CA TYR A 93 5.16 1.07 -13.85
C TYR A 93 6.57 1.60 -13.68
N GLN A 94 7.38 1.45 -14.70
CA GLN A 94 8.80 1.78 -14.60
C GLN A 94 9.01 3.29 -14.73
N GLU A 95 9.73 3.84 -13.76
CA GLU A 95 9.99 5.27 -13.71
C GLU A 95 11.14 5.64 -14.65
N GLN A 96 12.24 4.90 -14.53
CA GLN A 96 13.45 5.15 -15.31
C GLN A 96 14.04 3.82 -15.77
N THR A 97 15.37 3.82 -15.96
CA THR A 97 16.20 2.62 -16.18
C THR A 97 15.78 1.33 -15.42
N GLY A 98 16.73 0.42 -15.22
CA GLY A 98 16.40 -0.89 -14.72
C GLY A 98 16.17 -0.90 -13.22
N GLY A 99 16.01 -2.09 -12.66
CA GLY A 99 15.75 -2.23 -11.25
C GLY A 99 16.76 -3.14 -10.59
N LYS B 3 5.06 -27.58 -28.76
CA LYS B 3 5.41 -26.38 -29.55
C LYS B 3 5.23 -25.11 -28.74
N THR B 4 4.51 -25.22 -27.63
CA THR B 4 4.16 -24.06 -26.85
C THR B 4 5.23 -23.74 -25.80
N SER B 5 5.48 -22.46 -25.60
CA SER B 5 6.35 -21.99 -24.55
C SER B 5 5.48 -21.60 -23.37
N VAL B 6 6.08 -21.47 -22.20
CA VAL B 6 5.32 -21.13 -21.00
C VAL B 6 5.33 -19.62 -20.81
N ALA B 7 4.22 -19.09 -20.27
CA ALA B 7 4.10 -17.67 -20.03
C ALA B 7 4.53 -17.35 -18.60
N THR B 8 4.58 -16.07 -18.27
CA THR B 8 4.95 -15.65 -16.94
C THR B 8 3.73 -15.76 -16.03
N GLN B 9 3.93 -16.24 -14.81
CA GLN B 9 2.85 -16.38 -13.87
C GLN B 9 2.97 -15.32 -12.78
N CYS B 10 1.88 -15.12 -12.06
CA CYS B 10 1.88 -14.17 -10.97
C CYS B 10 2.21 -14.87 -9.66
N ASP B 11 3.08 -14.27 -8.88
CA ASP B 11 3.51 -14.85 -7.62
C ASP B 11 2.91 -14.09 -6.46
N PRO B 12 2.12 -14.78 -5.62
CA PRO B 12 1.55 -14.19 -4.42
C PRO B 12 2.62 -13.93 -3.35
N GLU B 13 3.22 -12.78 -3.46
CA GLU B 13 4.32 -12.39 -2.60
C GLU B 13 3.80 -11.79 -1.30
N GLU B 14 4.64 -11.83 -0.28
CA GLU B 14 4.31 -11.18 0.97
C GLU B 14 4.91 -9.79 1.02
N ILE B 15 4.08 -8.79 0.92
CA ILE B 15 4.51 -7.43 1.17
C ILE B 15 3.77 -6.89 2.37
N ILE B 16 4.51 -6.35 3.31
CA ILE B 16 3.95 -5.79 4.51
C ILE B 16 3.58 -4.33 4.30
N VAL B 17 2.71 -3.80 5.13
CA VAL B 17 2.36 -2.42 5.05
C VAL B 17 3.13 -1.61 6.08
N LEU B 18 3.21 -0.33 5.82
CA LEU B 18 3.89 0.61 6.68
C LEU B 18 2.99 1.02 7.83
N SER B 19 3.55 1.74 8.78
CA SER B 19 2.81 2.13 9.96
C SER B 19 2.02 3.41 9.70
N ASP B 20 1.33 3.89 10.73
CA ASP B 20 0.34 4.94 10.55
C ASP B 20 0.97 6.30 10.28
N SER B 21 0.42 6.98 9.30
CA SER B 21 0.69 8.38 9.08
C SER B 21 -0.56 9.16 9.47
N ASP B 22 -0.44 10.46 9.67
CA ASP B 22 -1.55 11.30 10.15
C ASP B 22 -1.94 10.89 11.56
N MET A 3 -0.65 -24.41 39.92
CA MET A 3 -2.03 -24.48 39.40
C MET A 3 -2.71 -23.12 39.47
N SER A 4 -2.07 -22.17 40.14
CA SER A 4 -2.61 -20.84 40.30
C SER A 4 -1.90 -19.91 39.32
N ASP A 5 -1.22 -20.52 38.38
CA ASP A 5 -0.34 -19.81 37.46
C ASP A 5 -1.05 -19.49 36.16
N GLN A 6 -2.17 -20.17 35.95
CA GLN A 6 -2.93 -20.03 34.70
C GLN A 6 -3.94 -18.91 34.82
N GLU A 7 -3.95 -18.22 35.95
CA GLU A 7 -4.84 -17.11 36.18
C GLU A 7 -4.39 -15.91 35.35
N ALA A 8 -3.08 -15.82 35.10
CA ALA A 8 -2.54 -14.81 34.21
C ALA A 8 -2.77 -15.21 32.76
N LYS A 9 -3.88 -14.77 32.22
CA LYS A 9 -4.23 -15.04 30.83
C LYS A 9 -3.72 -13.93 29.91
N PRO A 10 -3.44 -14.28 28.64
CA PRO A 10 -2.91 -13.35 27.65
C PRO A 10 -4.01 -12.52 26.99
N SER A 11 -4.92 -12.02 27.81
CA SER A 11 -6.03 -11.24 27.32
C SER A 11 -5.65 -9.76 27.31
N THR A 12 -4.41 -9.49 27.68
CA THR A 12 -3.87 -8.15 27.65
C THR A 12 -3.65 -7.69 26.21
N GLU A 13 -3.69 -8.64 25.30
CA GLU A 13 -3.46 -8.40 23.88
C GLU A 13 -4.77 -8.06 23.16
N ASP A 14 -5.86 -7.99 23.92
CA ASP A 14 -7.18 -7.72 23.34
C ASP A 14 -7.31 -6.26 22.97
N LEU A 15 -6.92 -5.39 23.89
CA LEU A 15 -6.88 -3.95 23.64
C LEU A 15 -5.78 -3.62 22.63
N GLY A 16 -5.57 -2.35 22.33
CA GLY A 16 -4.69 -2.00 21.23
C GLY A 16 -5.44 -1.78 19.94
N ASP A 17 -6.24 -2.78 19.57
CA ASP A 17 -7.07 -2.73 18.36
C ASP A 17 -8.02 -1.51 18.36
N LYS A 18 -8.27 -0.94 19.53
CA LYS A 18 -9.18 0.19 19.66
C LYS A 18 -8.44 1.53 19.56
N LYS A 19 -7.17 1.48 19.18
CA LYS A 19 -6.31 2.68 19.14
C LYS A 19 -6.96 3.83 18.38
N GLU A 20 -7.40 3.54 17.18
CA GLU A 20 -8.04 4.54 16.33
C GLU A 20 -9.19 3.90 15.56
N GLY A 21 -9.68 4.61 14.55
CA GLY A 21 -10.67 4.03 13.66
C GLY A 21 -10.05 3.05 12.67
N GLU A 22 -10.41 3.17 11.42
CA GLU A 22 -9.90 2.28 10.40
C GLU A 22 -9.01 3.03 9.43
N TYR A 23 -8.10 2.30 8.81
CA TYR A 23 -7.28 2.84 7.75
C TYR A 23 -7.90 2.48 6.41
N ILE A 24 -7.21 2.79 5.34
CA ILE A 24 -7.70 2.47 4.02
C ILE A 24 -6.68 1.64 3.25
N LYS A 25 -7.20 0.74 2.46
CA LYS A 25 -6.39 -0.26 1.79
C LYS A 25 -6.23 0.10 0.32
N LEU A 26 -5.08 -0.15 -0.24
CA LEU A 26 -4.91 -0.02 -1.68
C LEU A 26 -4.49 -1.36 -2.25
N LYS A 27 -4.87 -1.58 -3.49
CA LYS A 27 -4.50 -2.80 -4.19
C LYS A 27 -3.30 -2.49 -5.07
N VAL A 28 -2.12 -2.93 -4.67
CA VAL A 28 -0.92 -2.61 -5.43
C VAL A 28 -0.63 -3.70 -6.45
N ILE A 29 -0.51 -3.31 -7.70
CA ILE A 29 -0.19 -4.24 -8.77
C ILE A 29 1.27 -4.10 -9.14
N GLY A 30 2.02 -5.16 -9.01
CA GLY A 30 3.42 -5.12 -9.40
C GLY A 30 3.62 -5.51 -10.84
N GLN A 31 4.74 -5.09 -11.41
CA GLN A 31 5.04 -5.39 -12.82
C GLN A 31 5.40 -6.86 -13.02
N ASP A 32 5.48 -7.60 -11.93
CA ASP A 32 5.75 -9.02 -12.00
C ASP A 32 4.46 -9.80 -11.77
N SER A 33 3.33 -9.10 -11.85
CA SER A 33 2.00 -9.68 -11.62
C SER A 33 1.79 -9.99 -10.14
N SER A 34 2.78 -9.66 -9.33
CA SER A 34 2.68 -9.78 -7.89
C SER A 34 1.93 -8.58 -7.34
N GLU A 35 0.87 -8.82 -6.59
CA GLU A 35 0.01 -7.74 -6.14
C GLU A 35 -0.28 -7.87 -4.64
N ILE A 36 -0.34 -6.75 -3.94
CA ILE A 36 -0.42 -6.76 -2.48
C ILE A 36 -1.45 -5.74 -1.98
N HIS A 37 -2.16 -6.10 -0.92
CA HIS A 37 -3.04 -5.16 -0.23
C HIS A 37 -2.21 -4.28 0.70
N PHE A 38 -2.56 -3.01 0.84
CA PHE A 38 -1.79 -2.08 1.65
C PHE A 38 -2.74 -1.24 2.50
N LYS A 39 -2.53 -1.21 3.80
CA LYS A 39 -3.40 -0.44 4.68
C LYS A 39 -2.69 0.80 5.23
N VAL A 40 -3.02 1.94 4.63
CA VAL A 40 -2.44 3.22 5.02
C VAL A 40 -3.56 4.14 5.53
N LYS A 41 -3.19 5.12 6.32
CA LYS A 41 -4.16 6.09 6.79
C LYS A 41 -4.51 7.07 5.69
N MET A 42 -5.71 7.62 5.77
CA MET A 42 -6.25 8.53 4.74
C MET A 42 -5.21 9.49 4.19
N THR A 43 -4.44 10.08 5.07
CA THR A 43 -3.52 11.13 4.67
C THR A 43 -2.08 10.64 4.79
N THR A 44 -1.86 9.40 4.42
CA THR A 44 -0.54 8.81 4.48
C THR A 44 0.22 9.07 3.18
N HIS A 45 1.47 9.54 3.30
CA HIS A 45 2.32 9.76 2.13
C HIS A 45 2.37 8.49 1.31
N LEU A 46 1.85 8.56 0.10
CA LEU A 46 1.79 7.39 -0.75
C LEU A 46 3.17 7.04 -1.26
N LYS A 47 4.15 7.89 -1.00
CA LYS A 47 5.52 7.55 -1.28
C LYS A 47 5.92 6.37 -0.44
N LYS A 48 5.51 6.41 0.82
CA LYS A 48 5.79 5.35 1.77
C LYS A 48 5.30 4.04 1.20
N LEU A 49 4.07 4.07 0.68
CA LEU A 49 3.48 2.93 -0.03
C LEU A 49 4.38 2.46 -1.16
N LYS A 50 4.89 3.40 -1.94
CA LYS A 50 5.80 3.08 -3.02
C LYS A 50 7.04 2.40 -2.46
N GLU A 51 7.55 2.98 -1.38
CA GLU A 51 8.78 2.53 -0.77
C GLU A 51 8.61 1.14 -0.17
N SER A 52 7.49 0.87 0.50
CA SER A 52 7.26 -0.46 1.07
C SER A 52 7.42 -1.53 -0.01
N TYR A 53 6.69 -1.35 -1.11
CA TYR A 53 6.76 -2.29 -2.22
C TYR A 53 8.19 -2.36 -2.76
N CYS A 54 8.70 -1.21 -3.16
CA CYS A 54 9.95 -1.10 -3.89
C CYS A 54 11.13 -1.57 -3.05
N GLN A 55 11.17 -1.09 -1.83
CA GLN A 55 12.27 -1.39 -0.91
C GLN A 55 12.40 -2.88 -0.66
N ARG A 56 11.32 -3.53 -0.23
CA ARG A 56 11.43 -4.92 0.19
C ARG A 56 11.69 -5.82 -1.00
N GLN A 57 11.12 -5.45 -2.14
CA GLN A 57 11.19 -6.30 -3.32
C GLN A 57 12.54 -6.15 -4.04
N GLY A 58 13.40 -5.29 -3.50
CA GLY A 58 14.74 -5.13 -4.07
C GLY A 58 14.74 -4.23 -5.28
N VAL A 59 13.99 -3.15 -5.20
CA VAL A 59 13.88 -2.19 -6.29
C VAL A 59 14.35 -0.81 -5.81
N PRO A 60 15.01 -0.01 -6.66
CA PRO A 60 15.31 1.37 -6.33
C PRO A 60 14.12 2.26 -6.63
N MET A 61 13.84 3.18 -5.72
CA MET A 61 12.62 3.96 -5.75
C MET A 61 12.46 4.75 -7.04
N ASN A 62 13.59 5.14 -7.63
CA ASN A 62 13.56 5.96 -8.85
C ASN A 62 13.22 5.13 -10.07
N SER A 63 13.12 3.83 -9.88
CA SER A 63 12.88 2.93 -10.99
C SER A 63 11.41 2.53 -11.07
N LEU A 64 10.63 2.81 -10.03
CA LEU A 64 9.26 2.36 -10.00
C LEU A 64 8.28 3.46 -9.65
N ARG A 65 7.21 3.52 -10.42
CA ARG A 65 6.17 4.50 -10.24
C ARG A 65 4.87 3.82 -9.87
N PHE A 66 4.20 4.38 -8.89
CA PHE A 66 2.93 3.85 -8.45
C PHE A 66 1.84 4.82 -8.85
N LEU A 67 0.77 4.30 -9.40
CA LEU A 67 -0.27 5.14 -9.92
C LEU A 67 -1.64 4.68 -9.47
N PHE A 68 -2.55 5.63 -9.37
CA PHE A 68 -3.94 5.34 -9.04
C PHE A 68 -4.75 5.30 -10.32
N GLU A 69 -4.93 4.08 -10.83
CA GLU A 69 -5.64 3.83 -12.09
C GLU A 69 -5.07 4.67 -13.23
N GLY A 70 -3.76 4.87 -13.22
CA GLY A 70 -3.10 5.64 -14.27
C GLY A 70 -2.70 7.03 -13.81
N GLN A 71 -2.93 7.33 -12.55
CA GLN A 71 -2.59 8.64 -12.00
C GLN A 71 -1.27 8.56 -11.25
N ARG A 72 -0.27 9.27 -11.76
CA ARG A 72 1.07 9.28 -11.15
C ARG A 72 1.01 9.72 -9.69
N ILE A 73 1.36 8.82 -8.79
CA ILE A 73 1.40 9.15 -7.36
C ILE A 73 2.63 9.99 -7.06
N ALA A 74 2.40 11.14 -6.44
CA ALA A 74 3.49 12.01 -6.04
C ALA A 74 3.94 11.67 -4.64
N ASP A 75 5.20 11.90 -4.32
CA ASP A 75 5.78 11.42 -3.07
C ASP A 75 4.98 11.88 -1.86
N ASN A 76 4.55 13.13 -1.89
CA ASN A 76 3.86 13.73 -0.77
C ASN A 76 2.35 13.63 -0.91
N HIS A 77 1.89 12.84 -1.85
CA HIS A 77 0.47 12.69 -2.11
C HIS A 77 -0.08 11.47 -1.41
N THR A 78 -1.33 11.52 -1.01
CA THR A 78 -1.96 10.46 -0.23
C THR A 78 -3.31 10.11 -0.86
N PRO A 79 -3.93 8.97 -0.47
CA PRO A 79 -5.25 8.61 -0.98
C PRO A 79 -6.27 9.72 -0.79
N LYS A 80 -6.19 10.39 0.35
CA LYS A 80 -7.08 11.48 0.69
C LYS A 80 -7.01 12.57 -0.39
N GLU A 81 -5.79 12.91 -0.78
CA GLU A 81 -5.56 13.95 -1.77
C GLU A 81 -5.95 13.50 -3.15
N LEU A 82 -5.57 12.26 -3.46
CA LEU A 82 -5.74 11.73 -4.81
C LEU A 82 -7.19 11.30 -5.08
N GLY A 83 -8.07 11.49 -4.11
CA GLY A 83 -9.48 11.20 -4.32
C GLY A 83 -9.75 9.71 -4.25
N MET A 84 -8.91 8.99 -3.54
CA MET A 84 -9.09 7.57 -3.37
C MET A 84 -9.59 7.28 -1.97
N GLU A 85 -10.00 6.05 -1.76
CA GLU A 85 -10.58 5.63 -0.51
C GLU A 85 -10.20 4.19 -0.25
N GLU A 86 -10.82 3.56 0.74
CA GLU A 86 -10.51 2.18 1.07
C GLU A 86 -10.67 1.26 -0.15
N GLU A 87 -9.60 0.53 -0.39
CA GLU A 87 -9.54 -0.57 -1.36
C GLU A 87 -9.35 -0.09 -2.80
N ASP A 88 -8.88 1.14 -2.98
CA ASP A 88 -8.58 1.64 -4.32
C ASP A 88 -7.34 0.94 -4.88
N VAL A 89 -7.24 0.89 -6.20
CA VAL A 89 -6.18 0.12 -6.86
C VAL A 89 -5.05 1.03 -7.35
N ILE A 90 -3.82 0.58 -7.15
CA ILE A 90 -2.63 1.29 -7.57
C ILE A 90 -1.72 0.37 -8.39
N GLU A 91 -1.33 0.84 -9.57
CA GLU A 91 -0.57 0.02 -10.50
C GLU A 91 0.88 0.48 -10.55
N VAL A 92 1.79 -0.46 -10.76
CA VAL A 92 3.21 -0.16 -10.80
C VAL A 92 3.73 -0.15 -12.24
N TYR A 93 4.52 0.86 -12.54
CA TYR A 93 5.20 0.99 -13.81
C TYR A 93 6.62 1.45 -13.54
N GLN A 94 7.46 1.48 -14.56
CA GLN A 94 8.87 1.83 -14.38
C GLN A 94 9.08 3.35 -14.54
N GLU A 95 9.68 3.96 -13.52
CA GLU A 95 9.95 5.39 -13.52
C GLU A 95 11.14 5.73 -14.41
N GLN A 96 12.28 5.14 -14.11
CA GLN A 96 13.46 5.29 -14.95
C GLN A 96 13.93 3.90 -15.37
N THR A 97 15.15 3.80 -15.87
CA THR A 97 15.70 2.50 -16.22
C THR A 97 15.88 1.63 -14.97
N GLY A 98 16.08 0.34 -15.20
CA GLY A 98 16.28 -0.58 -14.10
C GLY A 98 17.40 -0.17 -13.16
N GLY A 99 17.30 -0.59 -11.92
CA GLY A 99 18.28 -0.21 -10.92
C GLY A 99 19.23 -1.35 -10.61
N LYS B 3 8.76 -36.49 -24.38
CA LYS B 3 7.98 -37.10 -23.28
C LYS B 3 8.52 -36.68 -21.92
N THR B 4 9.36 -35.67 -21.89
CA THR B 4 9.95 -35.21 -20.66
C THR B 4 9.39 -33.85 -20.25
N SER B 5 9.19 -33.68 -18.95
CA SER B 5 8.60 -32.45 -18.45
C SER B 5 9.54 -31.78 -17.45
N VAL B 6 9.52 -30.46 -17.41
CA VAL B 6 10.29 -29.71 -16.42
C VAL B 6 9.34 -29.12 -15.39
N ALA B 7 9.76 -29.07 -14.13
CA ALA B 7 8.92 -28.56 -13.07
C ALA B 7 9.03 -27.04 -12.98
N THR B 8 7.89 -26.38 -12.87
CA THR B 8 7.83 -24.93 -12.79
C THR B 8 7.64 -24.50 -11.35
N GLN B 9 8.31 -23.43 -10.94
CA GLN B 9 8.12 -22.90 -9.59
C GLN B 9 7.47 -21.53 -9.66
N CYS B 10 6.51 -21.31 -8.77
CA CYS B 10 5.85 -20.03 -8.68
C CYS B 10 5.93 -19.51 -7.26
N ASP B 11 5.87 -18.19 -7.09
CA ASP B 11 6.05 -17.59 -5.77
C ASP B 11 5.07 -16.46 -5.57
N PRO B 12 4.49 -16.40 -4.38
CA PRO B 12 3.65 -15.30 -3.94
C PRO B 12 4.46 -14.20 -3.26
N GLU B 13 4.59 -13.08 -3.92
CA GLU B 13 5.34 -11.96 -3.36
C GLU B 13 4.60 -11.36 -2.18
N GLU B 14 5.29 -11.30 -1.07
CA GLU B 14 4.70 -10.79 0.16
C GLU B 14 5.35 -9.49 0.56
N ILE B 15 4.64 -8.41 0.38
CA ILE B 15 5.11 -7.12 0.81
C ILE B 15 4.31 -6.67 2.02
N ILE B 16 4.95 -6.15 3.04
CA ILE B 16 4.24 -5.68 4.20
C ILE B 16 3.85 -4.22 4.04
N VAL B 17 3.00 -3.74 4.94
CA VAL B 17 2.57 -2.36 4.89
C VAL B 17 3.13 -1.58 6.07
N LEU B 18 3.15 -0.28 5.92
CA LEU B 18 3.64 0.64 6.93
C LEU B 18 2.58 0.95 7.97
N SER B 19 2.99 1.63 9.03
CA SER B 19 2.10 1.89 10.15
C SER B 19 1.25 3.12 9.91
N ASP B 20 0.45 3.49 10.90
CA ASP B 20 -0.53 4.55 10.75
C ASP B 20 0.11 5.95 10.70
N SER B 21 -0.22 6.71 9.68
CA SER B 21 0.25 8.08 9.55
C SER B 21 -0.88 9.09 9.75
N ASP B 22 -0.54 10.22 10.36
CA ASP B 22 -1.50 11.18 10.86
C ASP B 22 -2.43 10.51 11.87
N MET A 3 -12.93 16.54 31.62
CA MET A 3 -13.71 16.01 30.48
C MET A 3 -14.63 14.90 30.96
N SER A 4 -15.85 14.85 30.41
CA SER A 4 -16.79 13.80 30.73
C SER A 4 -17.07 12.96 29.48
N ASP A 5 -16.15 13.07 28.52
CA ASP A 5 -16.31 12.47 27.20
C ASP A 5 -16.11 10.97 27.26
N GLN A 6 -15.14 10.54 28.05
CA GLN A 6 -14.75 9.14 28.11
C GLN A 6 -15.59 8.36 29.11
N GLU A 7 -16.72 8.92 29.51
CA GLU A 7 -17.68 8.17 30.31
C GLU A 7 -18.59 7.38 29.39
N ALA A 8 -18.51 7.68 28.11
CA ALA A 8 -19.17 6.88 27.09
C ALA A 8 -18.41 5.57 26.93
N LYS A 9 -19.11 4.46 27.07
CA LYS A 9 -18.47 3.16 27.14
C LYS A 9 -18.03 2.67 25.77
N PRO A 10 -16.78 2.20 25.67
CA PRO A 10 -16.25 1.56 24.46
C PRO A 10 -16.83 0.16 24.28
N SER A 11 -18.15 0.11 24.23
CA SER A 11 -18.87 -1.15 24.13
C SER A 11 -20.06 -1.00 23.19
N THR A 12 -20.04 0.08 22.41
CA THR A 12 -21.13 0.39 21.49
C THR A 12 -20.59 0.60 20.07
N GLU A 13 -19.92 1.72 19.88
CA GLU A 13 -19.33 2.08 18.59
C GLU A 13 -17.88 1.62 18.52
N ASP A 14 -17.56 0.59 19.30
CA ASP A 14 -16.19 0.18 19.53
C ASP A 14 -15.65 -0.73 18.44
N LEU A 15 -16.53 -1.32 17.63
CA LEU A 15 -16.11 -2.29 16.61
C LEU A 15 -14.98 -1.75 15.73
N GLY A 16 -13.79 -2.33 15.88
CA GLY A 16 -12.62 -1.89 15.15
C GLY A 16 -11.96 -0.68 15.79
N ASP A 17 -12.79 0.29 16.17
CA ASP A 17 -12.36 1.57 16.72
C ASP A 17 -11.59 1.43 18.04
N LYS A 18 -11.77 0.29 18.72
CA LYS A 18 -11.16 0.08 20.03
C LYS A 18 -9.65 0.33 20.03
N LYS A 19 -8.95 -0.24 19.06
CA LYS A 19 -7.51 0.00 18.96
C LYS A 19 -7.20 1.40 18.48
N GLU A 20 -7.30 1.60 17.19
CA GLU A 20 -7.07 2.91 16.59
C GLU A 20 -8.23 3.25 15.65
N GLY A 21 -8.11 4.36 14.94
CA GLY A 21 -9.15 4.75 14.01
C GLY A 21 -9.09 3.93 12.74
N GLU A 22 -10.06 4.11 11.87
CA GLU A 22 -10.09 3.35 10.62
C GLU A 22 -9.11 3.93 9.60
N TYR A 23 -8.48 3.04 8.87
CA TYR A 23 -7.60 3.42 7.78
C TYR A 23 -8.02 2.70 6.51
N ILE A 24 -7.32 2.95 5.42
CA ILE A 24 -7.77 2.50 4.11
C ILE A 24 -6.73 1.66 3.39
N LYS A 25 -7.22 0.74 2.58
CA LYS A 25 -6.39 -0.22 1.89
C LYS A 25 -6.18 0.17 0.44
N LEU A 26 -5.00 -0.03 -0.08
CA LEU A 26 -4.79 0.08 -1.51
C LEU A 26 -4.37 -1.27 -2.04
N LYS A 27 -4.67 -1.47 -3.30
CA LYS A 27 -4.39 -2.70 -3.98
C LYS A 27 -3.30 -2.42 -5.00
N VAL A 28 -2.09 -2.86 -4.69
CA VAL A 28 -0.94 -2.53 -5.52
C VAL A 28 -0.66 -3.67 -6.50
N ILE A 29 -0.55 -3.32 -7.76
CA ILE A 29 -0.21 -4.30 -8.78
C ILE A 29 1.26 -4.22 -9.10
N GLY A 30 1.97 -5.33 -8.97
CA GLY A 30 3.36 -5.35 -9.35
C GLY A 30 3.54 -5.79 -10.77
N GLN A 31 4.63 -5.38 -11.38
CA GLN A 31 4.88 -5.69 -12.79
C GLN A 31 5.06 -7.18 -13.03
N ASP A 32 5.42 -7.92 -11.98
CA ASP A 32 5.55 -9.37 -12.09
C ASP A 32 4.28 -10.05 -11.63
N SER A 33 3.19 -9.29 -11.63
CA SER A 33 1.85 -9.81 -11.35
C SER A 33 1.62 -10.12 -9.88
N SER A 34 2.62 -9.92 -9.05
CA SER A 34 2.42 -10.01 -7.62
C SER A 34 1.75 -8.74 -7.14
N GLU A 35 0.58 -8.86 -6.55
CA GLU A 35 -0.16 -7.69 -6.12
C GLU A 35 -0.36 -7.73 -4.62
N ILE A 36 -0.29 -6.58 -3.97
CA ILE A 36 -0.25 -6.53 -2.51
C ILE A 36 -1.24 -5.51 -1.98
N HIS A 37 -1.86 -5.82 -0.85
CA HIS A 37 -2.78 -4.91 -0.20
C HIS A 37 -2.02 -4.07 0.84
N PHE A 38 -2.48 -2.84 1.07
CA PHE A 38 -1.77 -1.91 1.94
C PHE A 38 -2.77 -1.14 2.78
N LYS A 39 -2.60 -1.11 4.08
CA LYS A 39 -3.52 -0.36 4.93
C LYS A 39 -2.84 0.89 5.50
N VAL A 40 -3.08 2.00 4.82
CA VAL A 40 -2.52 3.30 5.18
C VAL A 40 -3.64 4.24 5.59
N LYS A 41 -3.30 5.30 6.32
CA LYS A 41 -4.31 6.28 6.73
C LYS A 41 -4.71 7.14 5.56
N MET A 42 -5.94 7.68 5.60
CA MET A 42 -6.46 8.52 4.52
C MET A 42 -5.42 9.52 4.01
N THR A 43 -4.67 10.12 4.92
CA THR A 43 -3.72 11.17 4.56
C THR A 43 -2.29 10.67 4.72
N THR A 44 -2.07 9.41 4.37
CA THR A 44 -0.76 8.81 4.49
C THR A 44 0.08 9.04 3.23
N HIS A 45 1.33 9.47 3.40
CA HIS A 45 2.23 9.69 2.27
C HIS A 45 2.31 8.42 1.45
N LEU A 46 1.84 8.49 0.24
CA LEU A 46 1.81 7.34 -0.62
C LEU A 46 3.20 6.99 -1.08
N LYS A 47 4.20 7.82 -0.77
CA LYS A 47 5.56 7.51 -1.11
C LYS A 47 5.99 6.28 -0.35
N LYS A 48 5.54 6.24 0.88
CA LYS A 48 5.86 5.17 1.79
C LYS A 48 5.32 3.87 1.24
N LEU A 49 4.10 3.94 0.71
CA LEU A 49 3.50 2.83 -0.01
C LEU A 49 4.40 2.38 -1.16
N LYS A 50 4.89 3.37 -1.93
CA LYS A 50 5.78 3.10 -3.04
C LYS A 50 7.05 2.45 -2.54
N GLU A 51 7.58 2.99 -1.45
CA GLU A 51 8.82 2.51 -0.89
C GLU A 51 8.67 1.11 -0.32
N SER A 52 7.55 0.84 0.37
CA SER A 52 7.34 -0.46 0.98
C SER A 52 7.48 -1.56 -0.06
N TYR A 53 6.74 -1.43 -1.17
CA TYR A 53 6.83 -2.39 -2.27
C TYR A 53 8.25 -2.41 -2.84
N CYS A 54 8.73 -1.24 -3.23
CA CYS A 54 9.95 -1.10 -4.00
C CYS A 54 11.16 -1.56 -3.21
N GLN A 55 11.23 -1.08 -1.98
CA GLN A 55 12.35 -1.36 -1.09
C GLN A 55 12.49 -2.85 -0.84
N ARG A 56 11.41 -3.50 -0.39
CA ARG A 56 11.51 -4.89 0.01
C ARG A 56 11.81 -5.77 -1.18
N GLN A 57 11.30 -5.35 -2.33
CA GLN A 57 11.36 -6.16 -3.53
C GLN A 57 12.69 -6.00 -4.26
N GLY A 58 13.58 -5.17 -3.72
CA GLY A 58 14.89 -5.00 -4.31
C GLY A 58 14.87 -4.07 -5.50
N VAL A 59 14.05 -3.04 -5.42
CA VAL A 59 13.91 -2.07 -6.49
C VAL A 59 14.35 -0.70 -5.98
N PRO A 60 15.00 0.13 -6.82
CA PRO A 60 15.27 1.52 -6.46
C PRO A 60 14.05 2.37 -6.71
N MET A 61 13.80 3.29 -5.78
CA MET A 61 12.57 4.08 -5.79
C MET A 61 12.44 4.90 -7.08
N ASN A 62 13.57 5.21 -7.70
CA ASN A 62 13.56 6.01 -8.92
C ASN A 62 13.28 5.15 -10.15
N SER A 63 13.11 3.86 -9.94
CA SER A 63 12.88 2.96 -11.05
C SER A 63 11.42 2.53 -11.13
N LEU A 64 10.66 2.72 -10.05
CA LEU A 64 9.29 2.22 -10.04
C LEU A 64 8.30 3.25 -9.52
N ARG A 65 7.21 3.38 -10.24
CA ARG A 65 6.17 4.35 -9.93
C ARG A 65 4.87 3.65 -9.61
N PHE A 66 4.11 4.25 -8.71
CA PHE A 66 2.85 3.72 -8.26
C PHE A 66 1.76 4.68 -8.67
N LEU A 67 0.72 4.20 -9.30
CA LEU A 67 -0.30 5.08 -9.85
C LEU A 67 -1.71 4.63 -9.52
N PHE A 68 -2.60 5.60 -9.46
CA PHE A 68 -4.02 5.35 -9.26
C PHE A 68 -4.72 5.37 -10.62
N GLU A 69 -4.80 4.19 -11.22
CA GLU A 69 -5.37 4.00 -12.55
C GLU A 69 -4.80 5.03 -13.54
N GLY A 70 -3.47 5.09 -13.60
CA GLY A 70 -2.82 5.97 -14.53
C GLY A 70 -2.48 7.32 -13.92
N GLN A 71 -2.76 7.49 -12.64
CA GLN A 71 -2.45 8.74 -11.97
C GLN A 71 -1.16 8.60 -11.19
N ARG A 72 -0.12 9.27 -11.67
CA ARG A 72 1.20 9.16 -11.08
C ARG A 72 1.19 9.66 -9.63
N ILE A 73 1.49 8.76 -8.69
CA ILE A 73 1.49 9.12 -7.28
C ILE A 73 2.77 9.88 -6.93
N ALA A 74 2.61 11.05 -6.34
CA ALA A 74 3.73 11.86 -5.94
C ALA A 74 4.15 11.49 -4.53
N ASP A 75 5.35 11.85 -4.13
CA ASP A 75 5.89 11.37 -2.86
C ASP A 75 5.07 11.88 -1.69
N ASN A 76 4.63 13.13 -1.77
CA ASN A 76 3.93 13.76 -0.67
C ASN A 76 2.42 13.64 -0.82
N HIS A 77 1.98 12.83 -1.75
CA HIS A 77 0.55 12.69 -2.03
C HIS A 77 -0.04 11.48 -1.31
N THR A 78 -1.31 11.59 -0.93
CA THR A 78 -1.98 10.53 -0.18
C THR A 78 -3.32 10.19 -0.85
N PRO A 79 -3.95 9.06 -0.50
CA PRO A 79 -5.24 8.67 -1.08
C PRO A 79 -6.30 9.75 -0.92
N LYS A 80 -6.27 10.42 0.23
CA LYS A 80 -7.21 11.50 0.53
C LYS A 80 -7.14 12.58 -0.54
N GLU A 81 -5.91 12.93 -0.91
CA GLU A 81 -5.65 13.98 -1.87
C GLU A 81 -6.02 13.53 -3.27
N LEU A 82 -5.67 12.31 -3.60
CA LEU A 82 -5.80 11.81 -4.95
C LEU A 82 -7.24 11.41 -5.28
N GLY A 83 -8.10 11.42 -4.27
CA GLY A 83 -9.50 11.12 -4.48
C GLY A 83 -9.77 9.63 -4.48
N MET A 84 -8.99 8.90 -3.70
CA MET A 84 -9.17 7.46 -3.57
C MET A 84 -9.78 7.14 -2.22
N GLU A 85 -10.17 5.88 -2.04
CA GLU A 85 -10.81 5.45 -0.81
C GLU A 85 -10.29 4.09 -0.40
N GLU A 86 -10.87 3.51 0.64
CA GLU A 86 -10.49 2.18 1.07
C GLU A 86 -10.60 1.17 -0.08
N GLU A 87 -9.56 0.36 -0.21
CA GLU A 87 -9.48 -0.74 -1.16
C GLU A 87 -9.28 -0.25 -2.58
N ASP A 88 -8.78 0.98 -2.73
CA ASP A 88 -8.53 1.55 -4.04
C ASP A 88 -7.35 0.84 -4.70
N VAL A 89 -7.16 1.03 -5.99
CA VAL A 89 -6.19 0.25 -6.74
C VAL A 89 -5.05 1.12 -7.27
N ILE A 90 -3.83 0.62 -7.10
CA ILE A 90 -2.63 1.29 -7.56
C ILE A 90 -1.77 0.32 -8.35
N GLU A 91 -1.35 0.72 -9.55
CA GLU A 91 -0.56 -0.14 -10.42
C GLU A 91 0.87 0.39 -10.53
N VAL A 92 1.81 -0.52 -10.70
CA VAL A 92 3.22 -0.19 -10.73
C VAL A 92 3.78 -0.14 -12.15
N TYR A 93 4.55 0.91 -12.40
CA TYR A 93 5.23 1.11 -13.67
C TYR A 93 6.64 1.60 -13.38
N GLN A 94 7.42 1.96 -14.38
CA GLN A 94 8.80 2.40 -14.17
C GLN A 94 8.94 3.92 -14.13
N GLU A 95 9.50 4.42 -13.03
CA GLU A 95 9.76 5.85 -12.85
C GLU A 95 10.82 6.32 -13.85
N GLN A 96 11.98 5.69 -13.78
CA GLN A 96 13.05 5.87 -14.76
C GLN A 96 13.37 4.53 -15.39
N THR A 97 14.58 4.38 -15.92
CA THR A 97 15.05 3.09 -16.39
C THR A 97 15.07 2.05 -15.26
N GLY A 98 15.13 0.77 -15.62
CA GLY A 98 15.21 -0.29 -14.63
C GLY A 98 16.43 -0.18 -13.74
N GLY A 99 16.31 -0.71 -12.53
CA GLY A 99 17.37 -0.57 -11.55
C GLY A 99 17.79 -1.92 -11.01
N LYS B 3 14.77 -43.86 0.94
CA LYS B 3 15.20 -43.09 2.12
C LYS B 3 14.30 -41.86 2.30
N THR B 4 14.84 -40.83 2.94
CA THR B 4 14.11 -39.60 3.18
C THR B 4 13.76 -38.90 1.86
N SER B 5 13.02 -37.81 1.96
CA SER B 5 12.53 -37.09 0.79
C SER B 5 12.88 -35.61 0.90
N VAL B 6 13.25 -34.99 -0.21
CA VAL B 6 13.50 -33.55 -0.21
C VAL B 6 12.70 -32.88 -1.30
N ALA B 7 12.00 -31.81 -0.94
CA ALA B 7 11.30 -30.99 -1.91
C ALA B 7 11.57 -29.51 -1.67
N THR B 8 11.77 -28.75 -2.73
CA THR B 8 11.83 -27.30 -2.61
C THR B 8 10.47 -26.71 -2.96
N GLN B 9 10.04 -25.70 -2.22
CA GLN B 9 8.74 -25.10 -2.43
C GLN B 9 8.87 -23.69 -2.98
N CYS B 10 7.78 -23.17 -3.51
CA CYS B 10 7.74 -21.78 -3.92
C CYS B 10 6.55 -21.08 -3.25
N ASP B 11 6.80 -19.91 -2.69
CA ASP B 11 5.76 -19.16 -2.01
C ASP B 11 5.52 -17.84 -2.72
N PRO B 12 4.32 -17.27 -2.54
CA PRO B 12 3.98 -15.97 -3.07
C PRO B 12 4.68 -14.88 -2.27
N GLU B 13 5.53 -14.16 -2.96
CA GLU B 13 6.36 -13.14 -2.32
C GLU B 13 5.51 -12.13 -1.54
N GLU B 14 6.01 -11.76 -0.39
CA GLU B 14 5.27 -10.91 0.52
C GLU B 14 5.82 -9.50 0.55
N ILE B 15 4.95 -8.53 0.29
CA ILE B 15 5.25 -7.14 0.57
C ILE B 15 4.42 -6.73 1.77
N ILE B 16 5.05 -6.16 2.78
CA ILE B 16 4.34 -5.74 3.97
C ILE B 16 3.86 -4.31 3.82
N VAL B 17 3.03 -3.87 4.73
CA VAL B 17 2.56 -2.50 4.71
C VAL B 17 3.11 -1.73 5.90
N LEU B 18 3.17 -0.42 5.75
CA LEU B 18 3.60 0.49 6.78
C LEU B 18 2.47 0.79 7.75
N SER B 19 2.80 1.48 8.81
CA SER B 19 1.83 1.82 9.84
C SER B 19 1.08 3.08 9.42
N ASP B 20 -0.20 3.15 9.80
CA ASP B 20 -1.08 4.16 9.25
C ASP B 20 -0.74 5.54 9.78
N SER B 21 -0.51 6.45 8.84
CA SER B 21 -0.07 7.78 9.17
C SER B 21 -1.16 8.82 8.88
N ASP B 22 -1.65 9.47 9.92
CA ASP B 22 -2.58 10.60 9.75
C ASP B 22 -2.37 11.61 10.85
N MET A 3 -22.61 13.65 16.96
CA MET A 3 -21.52 12.95 17.68
C MET A 3 -20.85 13.84 18.72
N SER A 4 -20.48 15.06 18.33
CA SER A 4 -19.78 15.96 19.23
C SER A 4 -20.75 16.94 19.89
N ASP A 5 -22.02 16.57 19.88
CA ASP A 5 -23.10 17.42 20.37
C ASP A 5 -23.03 17.57 21.88
N GLN A 6 -22.35 16.64 22.51
CA GLN A 6 -22.27 16.56 23.95
C GLN A 6 -21.45 17.72 24.53
N GLU A 7 -20.14 17.70 24.30
CA GLU A 7 -19.29 18.79 24.76
C GLU A 7 -18.34 19.24 23.66
N ALA A 8 -17.28 18.48 23.46
CA ALA A 8 -16.23 18.86 22.53
C ALA A 8 -16.15 17.90 21.35
N LYS A 9 -15.29 18.22 20.39
CA LYS A 9 -15.05 17.37 19.24
C LYS A 9 -14.18 16.17 19.61
N PRO A 10 -14.76 14.96 19.69
CA PRO A 10 -14.03 13.78 20.11
C PRO A 10 -13.41 13.02 18.95
N SER A 11 -13.05 13.76 17.93
CA SER A 11 -12.42 13.18 16.77
C SER A 11 -11.25 14.03 16.28
N THR A 12 -11.00 15.13 16.99
CA THR A 12 -9.86 15.97 16.69
C THR A 12 -8.62 15.45 17.40
N GLU A 13 -8.76 15.20 18.70
CA GLU A 13 -7.68 14.66 19.50
C GLU A 13 -8.03 13.30 20.08
N ASP A 14 -9.31 13.14 20.42
CA ASP A 14 -9.78 11.94 21.14
C ASP A 14 -10.26 10.85 20.19
N LEU A 15 -9.64 10.75 19.02
CA LEU A 15 -10.04 9.75 18.05
C LEU A 15 -9.20 8.49 18.19
N GLY A 16 -9.86 7.33 18.13
CA GLY A 16 -9.16 6.07 18.24
C GLY A 16 -9.59 5.30 19.47
N ASP A 17 -10.91 5.31 19.72
CA ASP A 17 -11.49 4.65 20.90
C ASP A 17 -10.98 3.22 21.12
N LYS A 18 -10.89 2.45 20.05
CA LYS A 18 -10.37 1.09 20.16
C LYS A 18 -8.84 1.10 20.23
N LYS A 19 -8.18 1.09 19.08
CA LYS A 19 -6.74 1.23 19.04
C LYS A 19 -6.40 2.55 18.36
N GLU A 20 -6.87 2.66 17.13
CA GLU A 20 -6.77 3.87 16.35
C GLU A 20 -8.09 4.12 15.61
N GLY A 21 -8.09 5.08 14.70
CA GLY A 21 -9.22 5.27 13.81
C GLY A 21 -9.38 4.13 12.82
N GLU A 22 -9.31 4.45 11.54
CA GLU A 22 -9.31 3.44 10.49
C GLU A 22 -8.30 3.79 9.40
N TYR A 23 -7.63 2.79 8.89
CA TYR A 23 -6.79 2.95 7.72
C TYR A 23 -7.51 2.38 6.52
N ILE A 24 -7.04 2.75 5.35
CA ILE A 24 -7.67 2.36 4.11
C ILE A 24 -6.67 1.66 3.21
N LYS A 25 -7.17 0.67 2.50
CA LYS A 25 -6.33 -0.23 1.74
C LYS A 25 -6.17 0.25 0.30
N LEU A 26 -4.95 0.16 -0.21
CA LEU A 26 -4.72 0.32 -1.63
C LEU A 26 -4.07 -0.95 -2.14
N LYS A 27 -4.56 -1.36 -3.28
CA LYS A 27 -4.19 -2.61 -3.87
C LYS A 27 -3.14 -2.36 -4.95
N VAL A 28 -1.89 -2.71 -4.67
CA VAL A 28 -0.82 -2.37 -5.58
C VAL A 28 -0.51 -3.52 -6.54
N ILE A 29 -0.47 -3.17 -7.82
CA ILE A 29 -0.08 -4.11 -8.85
C ILE A 29 1.41 -3.97 -9.13
N GLY A 30 2.15 -5.03 -8.92
CA GLY A 30 3.55 -5.00 -9.25
C GLY A 30 3.81 -5.51 -10.66
N GLN A 31 4.90 -5.06 -11.26
CA GLN A 31 5.33 -5.57 -12.56
C GLN A 31 5.76 -7.04 -12.44
N ASP A 32 5.77 -7.51 -11.21
CA ASP A 32 6.05 -8.91 -10.90
C ASP A 32 4.78 -9.73 -10.96
N SER A 33 3.66 -9.03 -11.14
CA SER A 33 2.31 -9.61 -11.15
C SER A 33 1.79 -9.82 -9.74
N SER A 34 2.70 -9.78 -8.77
CA SER A 34 2.32 -9.81 -7.37
C SER A 34 1.48 -8.58 -7.03
N GLU A 35 0.36 -8.80 -6.36
CA GLU A 35 -0.55 -7.72 -5.99
C GLU A 35 -0.72 -7.73 -4.49
N ILE A 36 -0.44 -6.61 -3.84
CA ILE A 36 -0.45 -6.56 -2.39
C ILE A 36 -1.32 -5.44 -1.85
N HIS A 37 -1.94 -5.71 -0.72
CA HIS A 37 -2.88 -4.79 -0.10
C HIS A 37 -2.16 -3.96 0.97
N PHE A 38 -2.23 -2.64 0.87
CA PHE A 38 -1.65 -1.79 1.88
C PHE A 38 -2.72 -1.00 2.61
N LYS A 39 -2.72 -1.06 3.94
CA LYS A 39 -3.66 -0.28 4.73
C LYS A 39 -2.95 0.90 5.40
N VAL A 40 -3.07 2.05 4.75
CA VAL A 40 -2.47 3.29 5.23
C VAL A 40 -3.57 4.27 5.62
N LYS A 41 -3.27 5.23 6.47
CA LYS A 41 -4.29 6.20 6.86
C LYS A 41 -4.57 7.12 5.69
N MET A 42 -5.79 7.66 5.65
CA MET A 42 -6.26 8.53 4.58
C MET A 42 -5.17 9.45 4.06
N THR A 43 -4.48 10.13 4.95
CA THR A 43 -3.55 11.18 4.58
C THR A 43 -2.09 10.71 4.69
N THR A 44 -1.84 9.45 4.34
CA THR A 44 -0.51 8.85 4.44
C THR A 44 0.29 9.08 3.16
N HIS A 45 1.56 9.47 3.30
CA HIS A 45 2.44 9.67 2.14
C HIS A 45 2.45 8.40 1.31
N LEU A 46 1.95 8.48 0.10
CA LEU A 46 1.87 7.32 -0.74
C LEU A 46 3.24 6.92 -1.23
N LYS A 47 4.25 7.74 -0.96
CA LYS A 47 5.62 7.38 -1.24
C LYS A 47 6.00 6.19 -0.41
N LYS A 48 5.50 6.18 0.81
CA LYS A 48 5.80 5.11 1.74
C LYS A 48 5.27 3.80 1.16
N LEU A 49 4.06 3.88 0.61
CA LEU A 49 3.47 2.77 -0.13
C LEU A 49 4.41 2.31 -1.25
N LYS A 50 4.93 3.29 -2.00
CA LYS A 50 5.83 3.01 -3.09
C LYS A 50 7.07 2.31 -2.56
N GLU A 51 7.61 2.88 -1.49
CA GLU A 51 8.84 2.39 -0.89
C GLU A 51 8.67 0.99 -0.33
N SER A 52 7.54 0.71 0.34
CA SER A 52 7.32 -0.62 0.90
C SER A 52 7.46 -1.68 -0.21
N TYR A 53 6.75 -1.49 -1.32
CA TYR A 53 6.88 -2.42 -2.45
C TYR A 53 8.30 -2.44 -2.97
N CYS A 54 8.81 -1.26 -3.31
CA CYS A 54 10.07 -1.13 -4.04
C CYS A 54 11.22 -1.65 -3.21
N GLN A 55 11.21 -1.27 -1.94
CA GLN A 55 12.26 -1.64 -0.99
C GLN A 55 12.35 -3.15 -0.83
N ARG A 56 11.24 -3.81 -0.50
CA ARG A 56 11.29 -5.22 -0.17
C ARG A 56 11.46 -6.06 -1.44
N GLN A 57 11.08 -5.47 -2.56
CA GLN A 57 11.23 -6.13 -3.85
C GLN A 57 12.67 -6.10 -4.34
N GLY A 58 13.47 -5.19 -3.79
CA GLY A 58 14.84 -5.02 -4.25
C GLY A 58 14.93 -4.10 -5.44
N VAL A 59 14.14 -3.03 -5.40
CA VAL A 59 14.05 -2.07 -6.49
C VAL A 59 14.50 -0.70 -5.97
N PRO A 60 15.18 0.11 -6.80
CA PRO A 60 15.45 1.50 -6.43
C PRO A 60 14.22 2.37 -6.71
N MET A 61 13.94 3.27 -5.78
CA MET A 61 12.69 4.02 -5.79
C MET A 61 12.53 4.85 -7.06
N ASN A 62 13.65 5.21 -7.65
CA ASN A 62 13.65 6.06 -8.84
C ASN A 62 13.39 5.26 -10.11
N SER A 63 13.20 3.96 -9.96
CA SER A 63 12.96 3.10 -11.10
C SER A 63 11.49 2.67 -11.19
N LEU A 64 10.70 2.94 -10.15
CA LEU A 64 9.33 2.47 -10.15
C LEU A 64 8.35 3.56 -9.76
N ARG A 65 7.26 3.63 -10.50
CA ARG A 65 6.22 4.61 -10.27
C ARG A 65 4.92 3.91 -9.89
N PHE A 66 4.23 4.46 -8.92
CA PHE A 66 2.97 3.91 -8.47
C PHE A 66 1.87 4.88 -8.87
N LEU A 67 0.79 4.36 -9.42
CA LEU A 67 -0.25 5.22 -9.95
C LEU A 67 -1.65 4.79 -9.51
N PHE A 68 -2.53 5.77 -9.47
CA PHE A 68 -3.93 5.57 -9.18
C PHE A 68 -4.70 5.49 -10.49
N GLU A 69 -4.81 4.26 -11.00
CA GLU A 69 -5.45 3.98 -12.29
C GLU A 69 -4.92 4.91 -13.39
N GLY A 70 -3.61 5.03 -13.46
CA GLY A 70 -3.00 5.85 -14.48
C GLY A 70 -2.64 7.24 -13.99
N GLN A 71 -2.85 7.49 -12.71
CA GLN A 71 -2.51 8.77 -12.11
C GLN A 71 -1.21 8.63 -11.32
N ARG A 72 -0.15 9.22 -11.81
CA ARG A 72 1.16 9.15 -11.17
C ARG A 72 1.10 9.67 -9.73
N ILE A 73 1.44 8.79 -8.79
CA ILE A 73 1.48 9.16 -7.38
C ILE A 73 2.75 9.95 -7.07
N ALA A 74 2.57 11.08 -6.38
CA ALA A 74 3.68 11.89 -5.95
C ALA A 74 4.12 11.49 -4.55
N ASP A 75 5.34 11.85 -4.16
CA ASP A 75 5.91 11.35 -2.92
C ASP A 75 5.07 11.77 -1.71
N ASN A 76 4.60 13.01 -1.72
CA ASN A 76 3.86 13.55 -0.59
C ASN A 76 2.35 13.54 -0.84
N HIS A 77 1.92 12.71 -1.79
CA HIS A 77 0.51 12.60 -2.11
C HIS A 77 -0.07 11.38 -1.42
N THR A 78 -1.33 11.47 -1.00
CA THR A 78 -1.96 10.40 -0.24
C THR A 78 -3.25 9.98 -0.92
N PRO A 79 -3.81 8.80 -0.59
CA PRO A 79 -5.09 8.37 -1.16
C PRO A 79 -6.15 9.44 -0.99
N LYS A 80 -6.13 10.05 0.18
CA LYS A 80 -7.08 11.07 0.55
C LYS A 80 -7.05 12.25 -0.44
N GLU A 81 -5.86 12.74 -0.73
CA GLU A 81 -5.71 13.85 -1.69
C GLU A 81 -6.18 13.46 -3.07
N LEU A 82 -5.80 12.26 -3.49
CA LEU A 82 -5.99 11.83 -4.87
C LEU A 82 -7.44 11.43 -5.15
N GLY A 83 -8.23 11.33 -4.10
CA GLY A 83 -9.63 10.97 -4.26
C GLY A 83 -9.83 9.47 -4.20
N MET A 84 -8.95 8.79 -3.49
CA MET A 84 -9.06 7.35 -3.30
C MET A 84 -9.99 7.06 -2.15
N GLU A 85 -10.49 5.83 -2.13
CA GLU A 85 -11.24 5.34 -0.99
C GLU A 85 -10.65 4.02 -0.54
N GLU A 86 -11.07 3.54 0.61
CA GLU A 86 -10.61 2.24 1.10
C GLU A 86 -10.72 1.16 0.03
N GLU A 87 -9.62 0.45 -0.15
CA GLU A 87 -9.52 -0.72 -1.04
C GLU A 87 -9.36 -0.32 -2.51
N ASP A 88 -8.92 0.91 -2.75
CA ASP A 88 -8.69 1.39 -4.11
C ASP A 88 -7.45 0.71 -4.70
N VAL A 89 -7.27 0.81 -6.01
CA VAL A 89 -6.22 0.07 -6.69
C VAL A 89 -5.13 1.01 -7.23
N ILE A 90 -3.88 0.57 -7.11
CA ILE A 90 -2.73 1.31 -7.61
C ILE A 90 -1.87 0.39 -8.48
N GLU A 91 -1.42 0.90 -9.63
CA GLU A 91 -0.64 0.10 -10.55
C GLU A 91 0.79 0.61 -10.59
N VAL A 92 1.74 -0.30 -10.75
CA VAL A 92 3.14 0.06 -10.83
C VAL A 92 3.63 0.03 -12.28
N TYR A 93 4.41 1.04 -12.60
CA TYR A 93 5.04 1.18 -13.91
C TYR A 93 6.49 1.59 -13.66
N GLN A 94 7.30 1.65 -14.70
CA GLN A 94 8.70 1.97 -14.51
C GLN A 94 8.95 3.48 -14.61
N GLU A 95 9.66 4.01 -13.61
CA GLU A 95 9.95 5.45 -13.53
C GLU A 95 11.09 5.81 -14.47
N GLN A 96 12.22 5.15 -14.28
CA GLN A 96 13.37 5.32 -15.15
C GLN A 96 13.85 3.96 -15.62
N THR A 97 15.06 3.90 -16.13
CA THR A 97 15.71 2.63 -16.46
C THR A 97 15.56 1.63 -15.30
N GLY A 98 15.27 0.37 -15.66
CA GLY A 98 15.07 -0.68 -14.68
C GLY A 98 16.24 -0.84 -13.72
N GLY A 99 15.95 -1.43 -12.57
CA GLY A 99 16.96 -1.60 -11.55
C GLY A 99 17.43 -3.03 -11.47
N LYS B 3 -21.95 -28.79 1.03
CA LYS B 3 -22.26 -28.65 -0.41
C LYS B 3 -20.99 -28.54 -1.22
N THR B 4 -20.37 -27.38 -1.12
CA THR B 4 -19.17 -27.08 -1.89
C THR B 4 -17.94 -27.04 -1.00
N SER B 5 -16.80 -27.38 -1.58
CA SER B 5 -15.53 -27.24 -0.89
C SER B 5 -14.77 -26.08 -1.52
N VAL B 6 -13.73 -25.62 -0.88
CA VAL B 6 -12.97 -24.49 -1.40
C VAL B 6 -11.64 -24.99 -1.96
N ALA B 7 -11.23 -24.44 -3.09
CA ALA B 7 -9.95 -24.78 -3.68
C ALA B 7 -8.94 -23.72 -3.28
N THR B 8 -7.75 -24.15 -2.89
CA THR B 8 -6.75 -23.23 -2.40
C THR B 8 -5.95 -22.63 -3.55
N GLN B 9 -5.69 -21.34 -3.47
CA GLN B 9 -4.89 -20.67 -4.49
C GLN B 9 -3.51 -20.40 -3.95
N CYS B 10 -2.59 -20.09 -4.84
CA CYS B 10 -1.23 -19.81 -4.47
C CYS B 10 -1.00 -18.32 -4.39
N ASP B 11 -0.27 -17.90 -3.37
CA ASP B 11 0.05 -16.50 -3.20
C ASP B 11 1.45 -16.27 -3.73
N PRO B 12 1.71 -15.11 -4.32
CA PRO B 12 3.05 -14.73 -4.73
C PRO B 12 3.87 -14.31 -3.52
N GLU B 13 4.93 -13.55 -3.73
CA GLU B 13 5.68 -13.04 -2.61
C GLU B 13 4.97 -11.82 -2.06
N GLU B 14 4.80 -11.79 -0.75
CA GLU B 14 3.96 -10.77 -0.15
C GLU B 14 4.76 -9.60 0.40
N ILE B 15 4.17 -8.43 0.25
CA ILE B 15 4.72 -7.20 0.76
C ILE B 15 3.92 -6.79 1.99
N ILE B 16 4.60 -6.28 3.01
CA ILE B 16 3.92 -5.86 4.22
C ILE B 16 3.52 -4.39 4.10
N VAL B 17 2.69 -3.92 5.01
CA VAL B 17 2.32 -2.52 5.01
C VAL B 17 2.94 -1.79 6.19
N LEU B 18 3.18 -0.52 5.99
CA LEU B 18 3.71 0.36 7.00
C LEU B 18 2.63 0.83 7.95
N SER B 19 3.03 1.52 9.01
CA SER B 19 2.11 1.90 10.06
C SER B 19 1.41 3.21 9.71
N ASP B 20 0.47 3.62 10.55
CA ASP B 20 -0.41 4.73 10.25
C ASP B 20 0.31 6.07 10.32
N SER B 21 -0.13 6.97 9.46
CA SER B 21 0.34 8.34 9.46
C SER B 21 -0.77 9.24 9.97
N ASP B 22 -0.47 10.53 10.18
CA ASP B 22 -1.48 11.51 10.57
C ASP B 22 -1.97 11.24 11.98
N MET A 3 -26.41 7.50 28.97
CA MET A 3 -26.43 6.87 27.62
C MET A 3 -25.77 5.49 27.62
N SER A 4 -25.18 5.10 28.75
CA SER A 4 -24.38 3.88 28.80
C SER A 4 -25.27 2.62 28.78
N ASP A 5 -26.58 2.81 28.88
CA ASP A 5 -27.51 1.68 28.86
C ASP A 5 -27.72 1.22 27.42
N GLN A 6 -27.53 2.14 26.50
CA GLN A 6 -27.70 1.85 25.08
C GLN A 6 -26.35 1.67 24.40
N GLU A 7 -25.29 1.74 25.20
CA GLU A 7 -23.94 1.61 24.68
C GLU A 7 -23.27 0.34 25.20
N ALA A 8 -24.03 -0.74 25.31
CA ALA A 8 -23.49 -2.01 25.76
C ALA A 8 -22.55 -2.60 24.71
N LYS A 9 -21.27 -2.30 24.86
CA LYS A 9 -20.26 -2.77 23.92
C LYS A 9 -20.03 -4.27 24.02
N PRO A 10 -20.22 -5.00 22.91
CA PRO A 10 -19.93 -6.41 22.82
C PRO A 10 -18.58 -6.67 22.18
N SER A 11 -17.60 -5.86 22.57
CA SER A 11 -16.27 -5.93 21.99
C SER A 11 -15.35 -6.83 22.80
N THR A 12 -15.94 -7.61 23.70
CA THR A 12 -15.18 -8.50 24.58
C THR A 12 -14.30 -9.46 23.79
N GLU A 13 -14.85 -10.00 22.71
CA GLU A 13 -14.09 -10.89 21.83
C GLU A 13 -14.01 -10.28 20.43
N ASP A 14 -14.28 -8.98 20.37
CA ASP A 14 -14.28 -8.26 19.11
C ASP A 14 -13.41 -7.02 19.23
N LEU A 15 -12.37 -7.13 20.04
CA LEU A 15 -11.50 -6.00 20.35
C LEU A 15 -10.54 -5.72 19.20
N GLY A 16 -9.94 -4.54 19.23
CA GLY A 16 -9.04 -4.14 18.16
C GLY A 16 -9.73 -3.20 17.20
N ASP A 17 -10.50 -2.28 17.75
CA ASP A 17 -11.32 -1.36 16.98
C ASP A 17 -10.76 0.05 17.03
N LYS A 18 -10.19 0.41 18.17
CA LYS A 18 -9.78 1.78 18.42
C LYS A 18 -8.27 1.88 18.53
N LYS A 19 -7.56 0.81 18.16
CA LYS A 19 -6.09 0.81 18.17
C LYS A 19 -5.53 2.02 17.44
N GLU A 20 -5.49 1.93 16.13
CA GLU A 20 -5.17 3.06 15.28
C GLU A 20 -6.44 3.53 14.59
N GLY A 21 -6.43 4.75 14.07
CA GLY A 21 -7.61 5.30 13.43
C GLY A 21 -8.04 4.53 12.20
N GLU A 22 -9.27 4.78 11.76
CA GLU A 22 -9.83 4.14 10.57
C GLU A 22 -8.97 4.46 9.34
N TYR A 23 -8.56 3.43 8.64
CA TYR A 23 -7.65 3.57 7.51
C TYR A 23 -8.19 2.87 6.27
N ILE A 24 -7.44 3.02 5.18
CA ILE A 24 -7.87 2.55 3.88
C ILE A 24 -6.81 1.66 3.23
N LYS A 25 -7.27 0.66 2.50
CA LYS A 25 -6.40 -0.33 1.89
C LYS A 25 -6.24 -0.06 0.41
N LEU A 26 -5.04 -0.17 -0.12
CA LEU A 26 -4.87 -0.07 -1.55
C LEU A 26 -4.46 -1.41 -2.12
N LYS A 27 -4.83 -1.63 -3.37
CA LYS A 27 -4.44 -2.80 -4.13
C LYS A 27 -3.25 -2.45 -5.00
N VAL A 28 -2.07 -2.92 -4.64
CA VAL A 28 -0.89 -2.58 -5.40
C VAL A 28 -0.58 -3.68 -6.42
N ILE A 29 -0.52 -3.29 -7.67
CA ILE A 29 -0.20 -4.21 -8.75
C ILE A 29 1.27 -4.09 -9.10
N GLY A 30 2.01 -5.16 -8.95
CA GLY A 30 3.41 -5.11 -9.33
C GLY A 30 3.58 -5.43 -10.79
N GLN A 31 4.66 -4.91 -11.39
CA GLN A 31 4.99 -5.26 -12.78
C GLN A 31 5.41 -6.72 -12.83
N ASP A 32 5.82 -7.23 -11.67
CA ASP A 32 6.17 -8.63 -11.51
C ASP A 32 4.90 -9.47 -11.29
N SER A 33 3.75 -8.79 -11.30
CA SER A 33 2.44 -9.43 -11.18
C SER A 33 2.16 -9.91 -9.74
N SER A 34 3.08 -9.67 -8.83
CA SER A 34 2.77 -9.81 -7.41
C SER A 34 1.92 -8.63 -6.95
N GLU A 35 0.76 -8.92 -6.39
CA GLU A 35 -0.18 -7.87 -6.00
C GLU A 35 -0.28 -7.86 -4.47
N ILE A 36 -0.29 -6.68 -3.87
CA ILE A 36 -0.26 -6.59 -2.42
C ILE A 36 -1.34 -5.64 -1.90
N HIS A 37 -1.93 -5.99 -0.78
CA HIS A 37 -2.86 -5.12 -0.10
C HIS A 37 -2.08 -4.22 0.86
N PHE A 38 -2.49 -2.97 1.00
CA PHE A 38 -1.74 -2.01 1.81
C PHE A 38 -2.72 -1.23 2.67
N LYS A 39 -2.50 -1.19 3.98
CA LYS A 39 -3.36 -0.41 4.86
C LYS A 39 -2.68 0.87 5.30
N VAL A 40 -2.99 1.96 4.61
CA VAL A 40 -2.46 3.27 4.94
C VAL A 40 -3.61 4.17 5.40
N LYS A 41 -3.31 5.21 6.13
CA LYS A 41 -4.33 6.15 6.57
C LYS A 41 -4.71 7.06 5.41
N MET A 42 -5.95 7.56 5.43
CA MET A 42 -6.44 8.42 4.35
C MET A 42 -5.42 9.46 3.93
N THR A 43 -4.75 10.08 4.89
CA THR A 43 -3.82 11.15 4.61
C THR A 43 -2.36 10.68 4.78
N THR A 44 -2.10 9.46 4.36
CA THR A 44 -0.76 8.87 4.46
C THR A 44 0.04 9.13 3.20
N HIS A 45 1.29 9.56 3.36
CA HIS A 45 2.18 9.75 2.21
C HIS A 45 2.29 8.46 1.44
N LEU A 46 1.89 8.50 0.19
CA LEU A 46 1.91 7.31 -0.62
C LEU A 46 3.32 6.91 -0.98
N LYS A 47 4.32 7.75 -0.70
CA LYS A 47 5.70 7.40 -0.98
C LYS A 47 6.08 6.20 -0.15
N LYS A 48 5.62 6.22 1.09
CA LYS A 48 5.91 5.15 2.01
C LYS A 48 5.39 3.85 1.46
N LEU A 49 4.14 3.89 0.97
CA LEU A 49 3.55 2.76 0.27
C LEU A 49 4.42 2.32 -0.90
N LYS A 50 4.88 3.29 -1.67
CA LYS A 50 5.70 3.02 -2.83
C LYS A 50 7.00 2.36 -2.40
N GLU A 51 7.61 2.92 -1.37
CA GLU A 51 8.89 2.43 -0.89
C GLU A 51 8.75 1.04 -0.30
N SER A 52 7.68 0.79 0.45
CA SER A 52 7.49 -0.52 1.07
C SER A 52 7.57 -1.62 0.00
N TYR A 53 6.79 -1.47 -1.08
CA TYR A 53 6.83 -2.43 -2.18
C TYR A 53 8.24 -2.50 -2.77
N CYS A 54 8.72 -1.36 -3.21
CA CYS A 54 9.95 -1.25 -3.99
C CYS A 54 11.17 -1.71 -3.18
N GLN A 55 11.23 -1.26 -1.94
CA GLN A 55 12.34 -1.56 -1.04
C GLN A 55 12.48 -3.06 -0.79
N ARG A 56 11.40 -3.70 -0.37
CA ARG A 56 11.48 -5.10 0.03
C ARG A 56 11.78 -5.96 -1.20
N GLN A 57 11.27 -5.52 -2.33
CA GLN A 57 11.34 -6.30 -3.56
C GLN A 57 12.66 -6.10 -4.29
N GLY A 58 13.56 -5.33 -3.67
CA GLY A 58 14.87 -5.11 -4.25
C GLY A 58 14.83 -4.23 -5.48
N VAL A 59 14.02 -3.19 -5.43
CA VAL A 59 13.86 -2.28 -6.54
C VAL A 59 14.31 -0.88 -6.11
N PRO A 60 14.93 -0.10 -7.00
CA PRO A 60 15.24 1.30 -6.72
C PRO A 60 14.02 2.18 -6.98
N MET A 61 13.78 3.11 -6.07
CA MET A 61 12.59 3.94 -6.13
C MET A 61 12.56 4.76 -7.42
N ASN A 62 13.73 5.01 -7.99
CA ASN A 62 13.84 5.82 -9.20
C ASN A 62 13.43 5.06 -10.44
N SER A 63 13.17 3.77 -10.31
CA SER A 63 12.84 2.95 -11.46
C SER A 63 11.38 2.52 -11.41
N LEU A 64 10.69 2.79 -10.31
CA LEU A 64 9.29 2.35 -10.18
C LEU A 64 8.38 3.46 -9.71
N ARG A 65 7.27 3.57 -10.41
CA ARG A 65 6.24 4.54 -10.07
C ARG A 65 4.94 3.84 -9.69
N PHE A 66 4.27 4.38 -8.69
CA PHE A 66 2.99 3.87 -8.25
C PHE A 66 1.90 4.84 -8.65
N LEU A 67 0.83 4.32 -9.22
CA LEU A 67 -0.24 5.15 -9.73
C LEU A 67 -1.61 4.66 -9.30
N PHE A 68 -2.55 5.57 -9.18
CA PHE A 68 -3.93 5.22 -8.89
C PHE A 68 -4.70 5.15 -10.21
N GLU A 69 -4.85 3.91 -10.69
CA GLU A 69 -5.47 3.63 -11.98
C GLU A 69 -4.80 4.44 -13.11
N GLY A 70 -3.50 4.64 -13.00
CA GLY A 70 -2.78 5.37 -14.03
C GLY A 70 -2.47 6.80 -13.65
N GLN A 71 -2.82 7.19 -12.43
CA GLN A 71 -2.53 8.53 -11.94
C GLN A 71 -1.21 8.54 -11.17
N ARG A 72 -0.22 9.24 -11.71
CA ARG A 72 1.13 9.27 -11.13
C ARG A 72 1.09 9.75 -9.69
N ILE A 73 1.35 8.85 -8.75
CA ILE A 73 1.34 9.18 -7.34
C ILE A 73 2.59 9.96 -6.96
N ALA A 74 2.37 11.14 -6.39
CA ALA A 74 3.47 11.93 -5.88
C ALA A 74 3.79 11.46 -4.47
N ASP A 75 5.06 11.54 -4.13
CA ASP A 75 5.59 10.99 -2.91
C ASP A 75 4.94 11.62 -1.67
N ASN A 76 4.59 12.89 -1.77
CA ASN A 76 3.95 13.59 -0.66
C ASN A 76 2.43 13.55 -0.77
N HIS A 77 1.92 12.76 -1.70
CA HIS A 77 0.48 12.69 -1.94
C HIS A 77 -0.13 11.50 -1.24
N THR A 78 -1.40 11.65 -0.88
CA THR A 78 -2.12 10.60 -0.16
C THR A 78 -3.41 10.26 -0.90
N PRO A 79 -4.03 9.10 -0.64
CA PRO A 79 -5.30 8.74 -1.29
C PRO A 79 -6.37 9.79 -1.07
N LYS A 80 -6.33 10.43 0.10
CA LYS A 80 -7.27 11.49 0.45
C LYS A 80 -7.17 12.63 -0.56
N GLU A 81 -5.94 13.01 -0.86
CA GLU A 81 -5.68 14.13 -1.76
C GLU A 81 -6.03 13.75 -3.19
N LEU A 82 -5.65 12.54 -3.55
CA LEU A 82 -5.81 12.07 -4.91
C LEU A 82 -7.27 11.74 -5.24
N GLY A 83 -8.10 11.69 -4.19
CA GLY A 83 -9.53 11.51 -4.39
C GLY A 83 -9.94 10.06 -4.46
N MET A 84 -9.23 9.21 -3.73
CA MET A 84 -9.57 7.79 -3.71
C MET A 84 -10.12 7.43 -2.33
N GLU A 85 -10.49 6.17 -2.16
CA GLU A 85 -11.11 5.72 -0.92
C GLU A 85 -10.55 4.36 -0.54
N GLU A 86 -11.05 3.78 0.54
CA GLU A 86 -10.61 2.45 0.96
C GLU A 86 -10.74 1.45 -0.18
N GLU A 87 -9.70 0.65 -0.32
CA GLU A 87 -9.65 -0.45 -1.28
C GLU A 87 -9.41 0.03 -2.71
N ASP A 88 -8.87 1.23 -2.86
CA ASP A 88 -8.57 1.74 -4.20
C ASP A 88 -7.36 1.01 -4.77
N VAL A 89 -7.14 1.13 -6.07
CA VAL A 89 -6.15 0.31 -6.75
C VAL A 89 -4.99 1.16 -7.28
N ILE A 90 -3.78 0.67 -7.03
CA ILE A 90 -2.56 1.33 -7.46
C ILE A 90 -1.74 0.38 -8.33
N GLU A 91 -1.34 0.86 -9.49
CA GLU A 91 -0.59 0.06 -10.43
C GLU A 91 0.87 0.52 -10.46
N VAL A 92 1.79 -0.40 -10.67
CA VAL A 92 3.19 -0.07 -10.75
C VAL A 92 3.65 0.01 -12.19
N TYR A 93 4.40 1.05 -12.48
CA TYR A 93 4.96 1.28 -13.80
C TYR A 93 6.42 1.66 -13.65
N GLN A 94 7.18 1.59 -14.73
CA GLN A 94 8.59 1.89 -14.68
C GLN A 94 8.83 3.39 -14.78
N GLU A 95 9.51 3.94 -13.78
CA GLU A 95 9.86 5.35 -13.73
C GLU A 95 10.91 5.68 -14.78
N GLN A 96 11.88 4.80 -14.91
CA GLN A 96 12.96 4.95 -15.88
C GLN A 96 13.58 3.58 -16.18
N THR A 97 14.79 3.57 -16.70
CA THR A 97 15.50 2.32 -16.97
C THR A 97 15.60 1.47 -15.70
N GLY A 98 15.75 0.15 -15.87
CA GLY A 98 15.86 -0.75 -14.74
C GLY A 98 17.06 -0.46 -13.86
N GLY A 99 17.00 -0.91 -12.62
CA GLY A 99 18.03 -0.60 -11.66
C GLY A 99 18.61 -1.84 -11.03
N LYS B 3 24.74 -30.58 -17.32
CA LYS B 3 25.25 -29.50 -18.19
C LYS B 3 24.19 -28.44 -18.42
N THR B 4 22.95 -28.80 -18.20
CA THR B 4 21.83 -27.90 -18.45
C THR B 4 21.73 -26.85 -17.35
N SER B 5 21.57 -25.60 -17.76
CA SER B 5 21.58 -24.49 -16.84
C SER B 5 20.26 -24.29 -16.13
N VAL B 6 20.37 -23.92 -14.86
CA VAL B 6 19.23 -23.62 -14.03
C VAL B 6 18.77 -22.19 -14.28
N ALA B 7 17.45 -21.99 -14.25
CA ALA B 7 16.87 -20.68 -14.52
C ALA B 7 16.14 -20.16 -13.28
N THR B 8 15.80 -18.88 -13.29
CA THR B 8 15.17 -18.27 -12.14
C THR B 8 13.67 -18.17 -12.38
N GLN B 9 12.88 -18.44 -11.35
CA GLN B 9 11.43 -18.40 -11.46
C GLN B 9 10.90 -17.08 -10.92
N CYS B 10 9.62 -16.84 -11.13
CA CYS B 10 8.98 -15.68 -10.54
C CYS B 10 8.45 -16.05 -9.16
N ASP B 11 8.70 -15.18 -8.20
CA ASP B 11 8.31 -15.47 -6.82
C ASP B 11 7.06 -14.72 -6.43
N PRO B 12 6.05 -15.43 -5.93
CA PRO B 12 4.86 -14.81 -5.34
C PRO B 12 5.18 -14.26 -3.96
N GLU B 13 6.06 -13.30 -3.96
CA GLU B 13 6.60 -12.72 -2.75
C GLU B 13 5.58 -11.80 -2.11
N GLU B 14 5.63 -11.69 -0.80
CA GLU B 14 4.73 -10.81 -0.09
C GLU B 14 5.43 -9.53 0.30
N ILE B 15 4.73 -8.44 0.09
CA ILE B 15 5.20 -7.14 0.51
C ILE B 15 4.39 -6.75 1.74
N ILE B 16 5.02 -6.21 2.77
CA ILE B 16 4.30 -5.83 3.96
C ILE B 16 3.83 -4.38 3.86
N VAL B 17 2.98 -3.96 4.78
CA VAL B 17 2.57 -2.57 4.82
C VAL B 17 3.15 -1.89 6.05
N LEU B 18 3.31 -0.59 5.92
CA LEU B 18 3.79 0.26 6.98
C LEU B 18 2.65 0.63 7.91
N SER B 19 2.99 1.27 9.02
CA SER B 19 2.01 1.64 10.01
C SER B 19 1.38 2.96 9.59
N ASP B 20 0.10 3.12 9.92
CA ASP B 20 -0.70 4.22 9.39
C ASP B 20 -0.32 5.54 10.01
N SER B 21 -0.50 6.59 9.21
CA SER B 21 -0.24 7.95 9.63
C SER B 21 -1.52 8.56 10.19
N ASP B 22 -1.46 9.84 10.54
CA ASP B 22 -2.64 10.60 10.97
C ASP B 22 -3.34 9.93 12.16
N MET A 3 -5.73 9.40 26.02
CA MET A 3 -6.14 9.93 27.34
C MET A 3 -7.32 9.15 27.91
N SER A 4 -7.03 8.12 28.69
CA SER A 4 -8.06 7.31 29.30
C SER A 4 -8.71 8.05 30.48
N ASP A 5 -8.06 8.03 31.63
CA ASP A 5 -8.57 8.75 32.79
C ASP A 5 -7.48 9.62 33.40
N GLN A 6 -6.72 9.02 34.32
CA GLN A 6 -5.65 9.75 35.01
C GLN A 6 -4.33 9.02 34.84
N GLU A 7 -4.10 8.03 35.70
CA GLU A 7 -2.91 7.20 35.62
C GLU A 7 -3.28 5.80 35.16
N ALA A 8 -4.16 5.75 34.18
CA ALA A 8 -4.64 4.49 33.63
C ALA A 8 -3.48 3.68 33.07
N LYS A 9 -3.72 2.39 32.85
CA LYS A 9 -2.68 1.47 32.38
C LYS A 9 -2.03 1.97 31.10
N PRO A 10 -0.73 2.27 31.16
CA PRO A 10 0.05 2.69 30.02
C PRO A 10 0.57 1.47 29.29
N SER A 11 -0.22 0.98 28.36
CA SER A 11 0.08 -0.26 27.67
C SER A 11 -0.20 -0.08 26.19
N THR A 12 0.03 1.13 25.72
CA THR A 12 -0.21 1.48 24.32
C THR A 12 1.10 1.83 23.63
N GLU A 13 2.18 1.47 24.28
CA GLU A 13 3.52 1.65 23.73
C GLU A 13 3.84 0.52 22.78
N ASP A 14 3.57 -0.71 23.21
CA ASP A 14 3.79 -1.89 22.38
C ASP A 14 2.75 -1.96 21.28
N LEU A 15 1.50 -2.12 21.68
CA LEU A 15 0.40 -2.16 20.74
C LEU A 15 -0.43 -0.88 20.85
N GLY A 16 -1.09 -0.54 19.78
CA GLY A 16 -1.88 0.68 19.74
C GLY A 16 -1.67 1.42 18.44
N ASP A 17 -1.21 0.68 17.45
CA ASP A 17 -1.13 1.15 16.07
C ASP A 17 -2.55 1.44 15.57
N LYS A 18 -3.53 0.78 16.19
CA LYS A 18 -4.95 1.00 15.92
C LYS A 18 -5.43 2.33 16.50
N LYS A 19 -4.46 3.16 16.89
CA LYS A 19 -4.67 4.52 17.41
C LYS A 19 -5.94 5.20 16.88
N GLU A 20 -6.01 5.36 15.57
CA GLU A 20 -7.11 6.08 14.95
C GLU A 20 -8.16 5.13 14.38
N GLY A 21 -9.14 5.69 13.70
CA GLY A 21 -10.15 4.90 13.04
C GLY A 21 -9.57 3.98 11.99
N GLU A 22 -10.42 3.21 11.32
CA GLU A 22 -9.97 2.27 10.32
C GLU A 22 -9.39 3.00 9.12
N TYR A 23 -8.27 2.48 8.63
CA TYR A 23 -7.54 3.12 7.55
C TYR A 23 -7.99 2.52 6.23
N ILE A 24 -7.25 2.78 5.18
CA ILE A 24 -7.64 2.32 3.86
C ILE A 24 -6.50 1.54 3.22
N LYS A 25 -6.88 0.53 2.48
CA LYS A 25 -5.92 -0.36 1.85
C LYS A 25 -5.91 -0.14 0.37
N LEU A 26 -4.74 -0.10 -0.23
CA LEU A 26 -4.67 0.01 -1.67
C LEU A 26 -4.18 -1.30 -2.25
N LYS A 27 -4.60 -1.56 -3.46
CA LYS A 27 -4.24 -2.79 -4.14
C LYS A 27 -3.11 -2.49 -5.11
N VAL A 28 -1.91 -2.90 -4.77
CA VAL A 28 -0.76 -2.59 -5.60
C VAL A 28 -0.55 -3.69 -6.63
N ILE A 29 -0.44 -3.29 -7.88
CA ILE A 29 -0.11 -4.21 -8.95
C ILE A 29 1.36 -4.07 -9.30
N GLY A 30 2.14 -5.09 -9.04
CA GLY A 30 3.56 -5.01 -9.30
C GLY A 30 3.89 -5.38 -10.73
N GLN A 31 5.07 -4.97 -11.21
CA GLN A 31 5.50 -5.32 -12.55
C GLN A 31 5.96 -6.78 -12.61
N ASP A 32 5.72 -7.49 -11.52
CA ASP A 32 5.95 -8.92 -11.45
C ASP A 32 4.62 -9.65 -11.24
N SER A 33 3.54 -8.91 -11.47
CA SER A 33 2.16 -9.43 -11.42
C SER A 33 1.66 -9.67 -10.00
N SER A 34 2.58 -9.68 -9.04
CA SER A 34 2.21 -9.75 -7.63
C SER A 34 1.35 -8.56 -7.25
N GLU A 35 0.27 -8.81 -6.53
CA GLU A 35 -0.62 -7.76 -6.08
C GLU A 35 -0.67 -7.76 -4.57
N ILE A 36 -0.36 -6.62 -3.96
CA ILE A 36 -0.25 -6.55 -2.51
C ILE A 36 -1.22 -5.54 -1.94
N HIS A 37 -1.76 -5.87 -0.78
CA HIS A 37 -2.71 -5.01 -0.09
C HIS A 37 -2.01 -4.21 1.01
N PHE A 38 -2.01 -2.89 0.89
CA PHE A 38 -1.37 -2.03 1.89
C PHE A 38 -2.38 -1.17 2.61
N LYS A 39 -2.37 -1.22 3.94
CA LYS A 39 -3.25 -0.39 4.75
C LYS A 39 -2.54 0.87 5.24
N VAL A 40 -2.74 1.95 4.49
CA VAL A 40 -2.21 3.24 4.86
C VAL A 40 -3.34 4.14 5.33
N LYS A 41 -2.97 5.14 6.08
CA LYS A 41 -3.92 6.05 6.68
C LYS A 41 -4.37 7.06 5.65
N MET A 42 -5.58 7.60 5.81
CA MET A 42 -6.19 8.47 4.81
C MET A 42 -5.20 9.50 4.27
N THR A 43 -4.39 10.08 5.14
CA THR A 43 -3.52 11.16 4.74
C THR A 43 -2.06 10.69 4.77
N THR A 44 -1.86 9.45 4.37
CA THR A 44 -0.54 8.84 4.41
C THR A 44 0.21 9.10 3.11
N HIS A 45 1.47 9.54 3.22
CA HIS A 45 2.29 9.80 2.05
C HIS A 45 2.39 8.54 1.24
N LEU A 46 1.84 8.57 0.05
CA LEU A 46 1.78 7.37 -0.77
C LEU A 46 3.17 6.95 -1.19
N LYS A 47 4.17 7.78 -0.89
CA LYS A 47 5.54 7.42 -1.15
C LYS A 47 5.93 6.22 -0.33
N LYS A 48 5.45 6.19 0.90
CA LYS A 48 5.78 5.12 1.80
C LYS A 48 5.19 3.83 1.29
N LEU A 49 3.98 3.92 0.77
CA LEU A 49 3.37 2.82 0.04
C LEU A 49 4.28 2.36 -1.10
N LYS A 50 4.78 3.32 -1.87
CA LYS A 50 5.66 3.02 -2.99
C LYS A 50 6.89 2.33 -2.46
N GLU A 51 7.41 2.84 -1.36
CA GLU A 51 8.63 2.33 -0.77
C GLU A 51 8.43 0.93 -0.20
N SER A 52 7.30 0.67 0.46
CA SER A 52 7.06 -0.67 1.01
C SER A 52 7.26 -1.74 -0.06
N TYR A 53 6.55 -1.59 -1.20
CA TYR A 53 6.70 -2.55 -2.27
C TYR A 53 8.12 -2.54 -2.82
N CYS A 54 8.57 -1.36 -3.21
CA CYS A 54 9.80 -1.19 -3.96
C CYS A 54 11.00 -1.63 -3.14
N GLN A 55 11.03 -1.18 -1.91
CA GLN A 55 12.12 -1.46 -0.99
C GLN A 55 12.28 -2.97 -0.77
N ARG A 56 11.20 -3.63 -0.34
CA ARG A 56 11.33 -5.02 0.06
C ARG A 56 11.45 -5.93 -1.16
N GLN A 57 10.97 -5.45 -2.29
CA GLN A 57 11.04 -6.22 -3.52
C GLN A 57 12.36 -5.98 -4.26
N GLY A 58 13.28 -5.29 -3.60
CA GLY A 58 14.61 -5.08 -4.18
C GLY A 58 14.58 -4.20 -5.41
N VAL A 59 13.83 -3.12 -5.32
CA VAL A 59 13.72 -2.17 -6.41
C VAL A 59 14.21 -0.80 -5.93
N PRO A 60 14.88 -0.01 -6.80
CA PRO A 60 15.21 1.37 -6.47
C PRO A 60 14.02 2.29 -6.69
N MET A 61 13.74 3.13 -5.70
CA MET A 61 12.51 3.92 -5.68
C MET A 61 12.35 4.80 -6.91
N ASN A 62 13.46 5.18 -7.53
CA ASN A 62 13.44 6.10 -8.66
C ASN A 62 13.11 5.37 -9.96
N SER A 63 13.04 4.07 -9.89
CA SER A 63 12.79 3.26 -11.06
C SER A 63 11.36 2.74 -11.08
N LEU A 64 10.58 3.01 -10.05
CA LEU A 64 9.23 2.51 -9.99
C LEU A 64 8.24 3.60 -9.61
N ARG A 65 7.14 3.63 -10.36
CA ARG A 65 6.09 4.60 -10.13
C ARG A 65 4.81 3.87 -9.76
N PHE A 66 4.11 4.41 -8.80
CA PHE A 66 2.84 3.86 -8.38
C PHE A 66 1.76 4.82 -8.80
N LEU A 67 0.73 4.31 -9.45
CA LEU A 67 -0.30 5.18 -9.99
C LEU A 67 -1.70 4.68 -9.66
N PHE A 68 -2.62 5.61 -9.55
CA PHE A 68 -4.01 5.29 -9.31
C PHE A 68 -4.77 5.35 -10.64
N GLU A 69 -4.93 4.18 -11.25
CA GLU A 69 -5.63 4.04 -12.52
C GLU A 69 -5.02 4.95 -13.59
N GLY A 70 -3.69 5.03 -13.57
CA GLY A 70 -2.99 5.84 -14.56
C GLY A 70 -2.60 7.21 -14.03
N GLN A 71 -2.90 7.46 -12.76
CA GLN A 71 -2.61 8.75 -12.16
C GLN A 71 -1.30 8.67 -11.41
N ARG A 72 -0.29 9.40 -11.89
CA ARG A 72 1.03 9.41 -11.27
C ARG A 72 0.94 9.83 -9.81
N ILE A 73 1.18 8.87 -8.91
CA ILE A 73 1.20 9.19 -7.49
C ILE A 73 2.43 10.00 -7.19
N ALA A 74 2.24 11.14 -6.55
CA ALA A 74 3.35 11.96 -6.16
C ALA A 74 3.81 11.48 -4.80
N ASP A 75 5.11 11.59 -4.57
CA ASP A 75 5.73 11.05 -3.38
C ASP A 75 5.21 11.76 -2.13
N ASN A 76 4.73 12.98 -2.29
CA ASN A 76 4.14 13.70 -1.16
C ASN A 76 2.60 13.65 -1.18
N HIS A 77 2.04 12.82 -2.06
CA HIS A 77 0.57 12.72 -2.19
C HIS A 77 0.02 11.53 -1.41
N THR A 78 -1.24 11.61 -1.01
CA THR A 78 -1.89 10.53 -0.27
C THR A 78 -3.26 10.20 -0.89
N PRO A 79 -3.88 9.06 -0.54
CA PRO A 79 -5.21 8.69 -1.05
C PRO A 79 -6.25 9.77 -0.79
N LYS A 80 -6.17 10.37 0.39
CA LYS A 80 -7.08 11.45 0.78
C LYS A 80 -7.04 12.57 -0.25
N GLU A 81 -5.83 12.91 -0.64
CA GLU A 81 -5.61 13.98 -1.60
C GLU A 81 -6.04 13.57 -3.01
N LEU A 82 -5.70 12.33 -3.38
CA LEU A 82 -5.94 11.86 -4.74
C LEU A 82 -7.39 11.44 -4.96
N GLY A 83 -8.18 11.51 -3.90
CA GLY A 83 -9.59 11.19 -3.99
C GLY A 83 -9.82 9.69 -4.08
N MET A 84 -8.91 8.91 -3.52
CA MET A 84 -9.08 7.47 -3.47
C MET A 84 -9.63 7.07 -2.12
N GLU A 85 -10.17 5.86 -2.06
CA GLU A 85 -10.82 5.36 -0.87
C GLU A 85 -10.22 4.01 -0.51
N GLU A 86 -10.72 3.41 0.56
CA GLU A 86 -10.29 2.07 0.93
C GLU A 86 -10.48 1.11 -0.23
N GLU A 87 -9.45 0.31 -0.46
CA GLU A 87 -9.46 -0.78 -1.42
C GLU A 87 -9.31 -0.29 -2.86
N ASP A 88 -8.83 0.94 -3.03
CA ASP A 88 -8.54 1.44 -4.37
C ASP A 88 -7.31 0.76 -4.94
N VAL A 89 -7.18 0.80 -6.25
CA VAL A 89 -6.15 0.02 -6.94
C VAL A 89 -5.06 0.93 -7.49
N ILE A 90 -3.82 0.50 -7.31
CA ILE A 90 -2.66 1.25 -7.76
C ILE A 90 -1.75 0.35 -8.60
N GLU A 91 -1.32 0.83 -9.76
CA GLU A 91 -0.52 0.03 -10.67
C GLU A 91 0.92 0.51 -10.64
N VAL A 92 1.85 -0.43 -10.81
CA VAL A 92 3.26 -0.13 -10.84
C VAL A 92 3.79 -0.09 -12.26
N TYR A 93 4.55 0.94 -12.54
CA TYR A 93 5.22 1.13 -13.82
C TYR A 93 6.64 1.56 -13.54
N GLN A 94 7.46 1.61 -14.56
CA GLN A 94 8.85 1.99 -14.38
C GLN A 94 8.97 3.52 -14.44
N GLU A 95 9.57 4.11 -13.41
CA GLU A 95 9.71 5.56 -13.31
C GLU A 95 10.81 6.04 -14.24
N GLN A 96 12.02 5.55 -14.00
CA GLN A 96 13.14 5.80 -14.88
C GLN A 96 13.65 4.47 -15.41
N THR A 97 14.87 4.46 -15.92
CA THR A 97 15.52 3.22 -16.32
C THR A 97 15.44 2.17 -15.21
N GLY A 98 15.21 0.92 -15.60
CA GLY A 98 15.16 -0.17 -14.64
C GLY A 98 16.41 -0.27 -13.79
N GLY A 99 16.27 -0.85 -12.62
CA GLY A 99 17.37 -0.92 -11.69
C GLY A 99 17.73 -2.35 -11.35
N LYS B 3 1.34 -31.39 -27.29
CA LYS B 3 0.93 -30.05 -27.75
C LYS B 3 0.99 -29.05 -26.59
N THR B 4 -0.11 -28.34 -26.37
CA THR B 4 -0.17 -27.29 -25.37
C THR B 4 -0.31 -27.86 -23.97
N SER B 5 0.40 -27.27 -23.01
CA SER B 5 0.31 -27.68 -21.63
C SER B 5 -0.01 -26.47 -20.74
N VAL B 6 -0.76 -26.70 -19.67
CA VAL B 6 -1.09 -25.65 -18.73
C VAL B 6 -0.69 -26.06 -17.31
N ALA B 7 -0.14 -25.12 -16.56
CA ALA B 7 0.28 -25.40 -15.18
C ALA B 7 -0.57 -24.63 -14.18
N THR B 8 -0.36 -24.89 -12.90
CA THR B 8 -1.07 -24.17 -11.85
C THR B 8 -0.66 -22.70 -11.84
N GLN B 9 -1.29 -21.93 -10.97
CA GLN B 9 -1.05 -20.50 -10.89
C GLN B 9 -0.14 -20.17 -9.71
N CYS B 10 0.46 -19.00 -9.76
CA CYS B 10 1.38 -18.56 -8.73
C CYS B 10 0.70 -17.53 -7.84
N ASP B 11 1.28 -17.29 -6.67
CA ASP B 11 0.68 -16.39 -5.69
C ASP B 11 1.47 -15.10 -5.61
N PRO B 12 0.84 -14.02 -5.12
CA PRO B 12 1.47 -12.73 -4.99
C PRO B 12 2.29 -12.64 -3.72
N GLU B 13 3.56 -12.37 -3.90
CA GLU B 13 4.51 -12.29 -2.80
C GLU B 13 4.00 -11.40 -1.68
N GLU B 14 4.15 -11.88 -0.46
CA GLU B 14 3.68 -11.14 0.70
C GLU B 14 4.55 -9.93 0.94
N ILE B 15 3.93 -8.77 0.97
CA ILE B 15 4.61 -7.55 1.33
C ILE B 15 3.90 -6.93 2.51
N ILE B 16 4.65 -6.42 3.48
CA ILE B 16 4.07 -5.86 4.67
C ILE B 16 3.75 -4.39 4.47
N VAL B 17 3.00 -3.83 5.41
CA VAL B 17 2.65 -2.44 5.33
C VAL B 17 3.25 -1.69 6.52
N LEU B 18 3.33 -0.39 6.36
CA LEU B 18 3.93 0.51 7.32
C LEU B 18 2.95 0.90 8.43
N SER B 19 3.49 1.58 9.45
CA SER B 19 2.77 1.83 10.69
C SER B 19 1.83 3.03 10.59
N ASP B 20 1.29 3.45 11.73
CA ASP B 20 0.23 4.45 11.76
C ASP B 20 0.73 5.84 11.39
N SER B 21 0.07 6.43 10.42
CA SER B 21 0.27 7.82 10.05
C SER B 21 -0.98 8.61 10.46
N ASP B 22 -0.89 9.94 10.41
CA ASP B 22 -2.04 10.81 10.69
C ASP B 22 -2.36 10.77 12.18
N MET A 3 -32.91 5.19 18.43
CA MET A 3 -33.00 6.43 19.23
C MET A 3 -32.31 7.60 18.53
N SER A 4 -31.33 7.31 17.69
CA SER A 4 -30.62 8.36 16.96
C SER A 4 -30.69 8.09 15.46
N ASP A 5 -29.67 7.43 14.93
CA ASP A 5 -29.65 7.04 13.53
C ASP A 5 -30.01 5.56 13.41
N GLN A 6 -29.28 4.73 14.15
CA GLN A 6 -29.63 3.33 14.29
C GLN A 6 -30.00 3.05 15.74
N GLU A 7 -29.00 2.74 16.56
CA GLU A 7 -29.22 2.50 17.97
C GLU A 7 -28.20 3.27 18.82
N ALA A 8 -27.02 2.70 18.97
CA ALA A 8 -26.00 3.29 19.82
C ALA A 8 -24.70 3.49 19.04
N LYS A 9 -23.93 4.49 19.44
CA LYS A 9 -22.64 4.75 18.82
C LYS A 9 -21.58 3.82 19.39
N PRO A 10 -20.76 3.21 18.52
CA PRO A 10 -19.69 2.28 18.94
C PRO A 10 -18.48 3.02 19.47
N SER A 11 -18.67 4.28 19.75
CA SER A 11 -17.63 5.14 20.27
C SER A 11 -17.90 5.48 21.73
N THR A 12 -18.89 4.79 22.29
CA THR A 12 -19.29 5.01 23.68
C THR A 12 -18.35 4.26 24.62
N GLU A 13 -18.44 2.93 24.58
CA GLU A 13 -17.65 2.09 25.45
C GLU A 13 -16.82 1.10 24.63
N ASP A 14 -17.30 0.81 23.43
CA ASP A 14 -16.65 -0.17 22.56
C ASP A 14 -15.57 0.47 21.71
N LEU A 15 -15.20 1.71 22.05
CA LEU A 15 -14.16 2.41 21.33
C LEU A 15 -12.80 1.76 21.57
N GLY A 16 -11.94 1.81 20.57
CA GLY A 16 -10.67 1.14 20.67
C GLY A 16 -10.81 -0.34 20.38
N ASP A 17 -11.60 -0.65 19.36
CA ASP A 17 -11.87 -2.04 18.98
C ASP A 17 -10.58 -2.75 18.59
N LYS A 18 -9.73 -2.06 17.85
CA LYS A 18 -8.47 -2.62 17.40
C LYS A 18 -7.33 -1.88 18.07
N LYS A 19 -6.80 -0.88 17.39
CA LYS A 19 -5.98 0.14 18.03
C LYS A 19 -6.71 1.46 17.90
N GLU A 20 -7.02 1.79 16.66
CA GLU A 20 -7.86 2.92 16.33
C GLU A 20 -9.01 2.42 15.46
N GLY A 21 -9.70 3.34 14.80
CA GLY A 21 -10.82 2.96 13.94
C GLY A 21 -10.39 2.28 12.66
N GLU A 22 -10.75 2.86 11.54
CA GLU A 22 -10.53 2.23 10.24
C GLU A 22 -9.43 2.92 9.44
N TYR A 23 -8.65 2.11 8.74
CA TYR A 23 -7.71 2.61 7.74
C TYR A 23 -8.33 2.42 6.36
N ILE A 24 -7.56 2.70 5.32
CA ILE A 24 -8.00 2.41 3.96
C ILE A 24 -6.92 1.60 3.25
N LYS A 25 -7.35 0.65 2.45
CA LYS A 25 -6.44 -0.29 1.84
C LYS A 25 -6.32 -0.04 0.35
N LEU A 26 -5.13 -0.08 -0.17
CA LEU A 26 -4.97 0.02 -1.61
C LEU A 26 -4.50 -1.31 -2.16
N LYS A 27 -4.75 -1.52 -3.44
CA LYS A 27 -4.35 -2.73 -4.11
C LYS A 27 -3.18 -2.41 -5.02
N VAL A 28 -1.98 -2.81 -4.64
CA VAL A 28 -0.82 -2.49 -5.45
C VAL A 28 -0.56 -3.62 -6.43
N ILE A 29 -0.45 -3.24 -7.68
CA ILE A 29 -0.11 -4.16 -8.74
C ILE A 29 1.33 -3.92 -9.15
N GLY A 30 2.16 -4.93 -9.04
CA GLY A 30 3.54 -4.77 -9.41
C GLY A 30 3.78 -5.17 -10.85
N GLN A 31 4.87 -4.69 -11.43
CA GLN A 31 5.25 -5.10 -12.77
C GLN A 31 5.69 -6.56 -12.75
N ASP A 32 5.91 -7.06 -11.54
CA ASP A 32 6.22 -8.46 -11.31
C ASP A 32 4.93 -9.29 -11.26
N SER A 33 3.80 -8.59 -11.35
CA SER A 33 2.46 -9.18 -11.26
C SER A 33 2.12 -9.54 -9.81
N SER A 34 3.09 -9.35 -8.93
CA SER A 34 2.86 -9.47 -7.50
C SER A 34 1.92 -8.37 -7.03
N GLU A 35 0.81 -8.75 -6.41
CA GLU A 35 -0.16 -7.77 -5.92
C GLU A 35 -0.21 -7.86 -4.40
N ILE A 36 -0.20 -6.72 -3.74
CA ILE A 36 -0.20 -6.71 -2.28
C ILE A 36 -1.10 -5.64 -1.71
N HIS A 37 -1.73 -5.97 -0.58
CA HIS A 37 -2.72 -5.12 0.06
C HIS A 37 -2.04 -4.22 1.09
N PHE A 38 -2.21 -2.90 0.96
CA PHE A 38 -1.67 -1.98 1.96
C PHE A 38 -2.79 -1.25 2.70
N LYS A 39 -2.75 -1.30 4.02
CA LYS A 39 -3.67 -0.54 4.86
C LYS A 39 -2.99 0.72 5.40
N VAL A 40 -3.29 1.84 4.77
CA VAL A 40 -2.74 3.14 5.19
C VAL A 40 -3.87 4.05 5.64
N LYS A 41 -3.52 5.07 6.42
CA LYS A 41 -4.48 6.08 6.81
C LYS A 41 -4.81 6.98 5.64
N MET A 42 -6.00 7.57 5.66
CA MET A 42 -6.48 8.41 4.55
C MET A 42 -5.41 9.36 4.03
N THR A 43 -4.63 9.91 4.94
CA THR A 43 -3.71 10.97 4.61
C THR A 43 -2.26 10.49 4.76
N THR A 44 -2.02 9.24 4.37
CA THR A 44 -0.69 8.67 4.47
C THR A 44 0.12 8.95 3.20
N HIS A 45 1.36 9.42 3.38
CA HIS A 45 2.26 9.66 2.26
C HIS A 45 2.42 8.41 1.44
N LEU A 46 1.98 8.45 0.21
CA LEU A 46 2.03 7.28 -0.63
C LEU A 46 3.44 6.90 -1.02
N LYS A 47 4.43 7.77 -0.76
CA LYS A 47 5.82 7.42 -1.02
C LYS A 47 6.18 6.18 -0.25
N LYS A 48 5.78 6.16 1.02
CA LYS A 48 6.04 5.06 1.90
C LYS A 48 5.48 3.78 1.31
N LEU A 49 4.24 3.84 0.86
CA LEU A 49 3.62 2.73 0.14
C LEU A 49 4.48 2.30 -1.05
N LYS A 50 4.93 3.29 -1.82
CA LYS A 50 5.75 3.04 -2.98
C LYS A 50 7.04 2.35 -2.56
N GLU A 51 7.62 2.85 -1.49
CA GLU A 51 8.89 2.34 -1.00
C GLU A 51 8.71 0.95 -0.40
N SER A 52 7.62 0.72 0.33
CA SER A 52 7.39 -0.58 0.94
C SER A 52 7.52 -1.68 -0.12
N TYR A 53 6.80 -1.50 -1.24
CA TYR A 53 6.89 -2.45 -2.35
C TYR A 53 8.30 -2.45 -2.93
N CYS A 54 8.77 -1.28 -3.32
CA CYS A 54 9.99 -1.15 -4.10
C CYS A 54 11.20 -1.62 -3.30
N GLN A 55 11.26 -1.18 -2.07
CA GLN A 55 12.35 -1.50 -1.17
C GLN A 55 12.47 -3.00 -0.93
N ARG A 56 11.39 -3.64 -0.49
CA ARG A 56 11.48 -5.02 -0.07
C ARG A 56 11.59 -5.95 -1.26
N GLN A 57 11.06 -5.52 -2.40
CA GLN A 57 11.12 -6.31 -3.61
C GLN A 57 12.51 -6.25 -4.26
N GLY A 58 13.34 -5.33 -3.79
CA GLY A 58 14.67 -5.19 -4.34
C GLY A 58 14.70 -4.31 -5.57
N VAL A 59 13.93 -3.23 -5.52
CA VAL A 59 13.83 -2.31 -6.64
C VAL A 59 14.32 -0.93 -6.20
N PRO A 60 15.01 -0.19 -7.08
CA PRO A 60 15.39 1.19 -6.81
C PRO A 60 14.21 2.12 -7.05
N MET A 61 13.98 3.06 -6.13
CA MET A 61 12.81 3.92 -6.19
C MET A 61 12.82 4.82 -7.43
N ASN A 62 13.97 4.91 -8.09
CA ASN A 62 14.08 5.72 -9.31
C ASN A 62 13.52 4.96 -10.50
N SER A 63 13.31 3.67 -10.33
CA SER A 63 12.88 2.82 -11.42
C SER A 63 11.37 2.59 -11.40
N LEU A 64 10.70 3.00 -10.33
CA LEU A 64 9.29 2.65 -10.20
C LEU A 64 8.40 3.83 -9.83
N ARG A 65 7.25 3.86 -10.48
CA ARG A 65 6.20 4.83 -10.21
C ARG A 65 4.92 4.09 -9.85
N PHE A 66 4.30 4.50 -8.76
CA PHE A 66 3.04 3.92 -8.33
C PHE A 66 1.92 4.86 -8.72
N LEU A 67 0.86 4.31 -9.29
CA LEU A 67 -0.23 5.15 -9.78
C LEU A 67 -1.57 4.59 -9.34
N PHE A 68 -2.54 5.46 -9.20
CA PHE A 68 -3.89 5.03 -8.87
C PHE A 68 -4.67 4.83 -10.15
N GLU A 69 -4.56 3.60 -10.66
CA GLU A 69 -5.19 3.20 -11.91
C GLU A 69 -4.72 4.10 -13.05
N GLY A 70 -3.42 4.39 -13.06
CA GLY A 70 -2.86 5.23 -14.09
C GLY A 70 -2.62 6.65 -13.63
N GLN A 71 -3.02 6.96 -12.39
CA GLN A 71 -2.83 8.30 -11.86
C GLN A 71 -1.50 8.39 -11.10
N ARG A 72 -0.54 9.09 -11.69
CA ARG A 72 0.79 9.24 -11.10
C ARG A 72 0.74 9.69 -9.65
N ILE A 73 1.12 8.80 -8.75
CA ILE A 73 1.21 9.12 -7.34
C ILE A 73 2.48 9.90 -7.06
N ALA A 74 2.34 11.01 -6.34
CA ALA A 74 3.49 11.80 -5.95
C ALA A 74 3.91 11.39 -4.56
N ASP A 75 5.20 11.45 -4.27
CA ASP A 75 5.73 10.90 -3.03
C ASP A 75 5.02 11.46 -1.79
N ASN A 76 4.71 12.75 -1.82
CA ASN A 76 4.08 13.39 -0.67
C ASN A 76 2.56 13.41 -0.79
N HIS A 77 2.03 12.67 -1.76
CA HIS A 77 0.59 12.60 -1.99
C HIS A 77 -0.03 11.40 -1.31
N THR A 78 -1.28 11.54 -0.87
CA THR A 78 -1.97 10.47 -0.16
C THR A 78 -3.28 10.14 -0.88
N PRO A 79 -3.89 8.97 -0.62
CA PRO A 79 -5.17 8.61 -1.25
C PRO A 79 -6.23 9.67 -1.05
N LYS A 80 -6.22 10.28 0.14
CA LYS A 80 -7.17 11.33 0.48
C LYS A 80 -7.08 12.48 -0.52
N GLU A 81 -5.85 12.88 -0.81
CA GLU A 81 -5.60 14.02 -1.68
C GLU A 81 -5.94 13.69 -3.11
N LEU A 82 -5.66 12.44 -3.48
CA LEU A 82 -5.85 12.01 -4.86
C LEU A 82 -7.32 11.68 -5.14
N GLY A 83 -8.12 11.74 -4.08
CA GLY A 83 -9.55 11.53 -4.23
C GLY A 83 -9.93 10.06 -4.28
N MET A 84 -9.12 9.21 -3.66
CA MET A 84 -9.44 7.79 -3.60
C MET A 84 -9.91 7.46 -2.18
N GLU A 85 -10.23 6.20 -1.96
CA GLU A 85 -10.74 5.75 -0.68
C GLU A 85 -10.35 4.30 -0.44
N GLU A 86 -10.94 3.67 0.55
CA GLU A 86 -10.62 2.29 0.87
C GLU A 86 -10.81 1.39 -0.36
N GLU A 87 -9.79 0.59 -0.60
CA GLU A 87 -9.80 -0.46 -1.62
C GLU A 87 -9.58 0.09 -3.03
N ASP A 88 -9.03 1.30 -3.13
CA ASP A 88 -8.65 1.84 -4.44
C ASP A 88 -7.40 1.13 -4.96
N VAL A 89 -7.19 1.19 -6.27
CA VAL A 89 -6.18 0.35 -6.91
C VAL A 89 -4.99 1.16 -7.42
N ILE A 90 -3.80 0.62 -7.19
CA ILE A 90 -2.56 1.25 -7.60
C ILE A 90 -1.75 0.32 -8.50
N GLU A 91 -1.32 0.83 -9.64
CA GLU A 91 -0.54 0.05 -10.57
C GLU A 91 0.89 0.54 -10.57
N VAL A 92 1.82 -0.36 -10.79
CA VAL A 92 3.23 -0.03 -10.79
C VAL A 92 3.75 0.01 -12.22
N TYR A 93 4.46 1.08 -12.51
CA TYR A 93 5.05 1.28 -13.81
C TYR A 93 6.48 1.76 -13.62
N GLN A 94 7.27 1.70 -14.65
CA GLN A 94 8.67 2.05 -14.56
C GLN A 94 8.85 3.57 -14.68
N GLU A 95 9.53 4.15 -13.69
CA GLU A 95 9.81 5.57 -13.69
C GLU A 95 10.93 5.88 -14.66
N GLN A 96 12.09 5.30 -14.39
CA GLN A 96 13.20 5.30 -15.32
C GLN A 96 13.22 3.94 -16.01
N THR A 97 14.39 3.52 -16.51
CA THR A 97 14.51 2.17 -17.02
C THR A 97 14.53 1.18 -15.84
N GLY A 98 14.40 -0.11 -16.15
CA GLY A 98 14.40 -1.15 -15.13
C GLY A 98 15.63 -1.13 -14.24
N GLY A 99 15.50 -1.72 -13.07
CA GLY A 99 16.57 -1.72 -12.11
C GLY A 99 16.92 -3.14 -11.65
N LYS B 3 -21.01 -31.60 2.20
CA LYS B 3 -21.59 -30.42 1.53
C LYS B 3 -20.60 -29.83 0.54
N THR B 4 -20.88 -28.63 0.06
CA THR B 4 -19.96 -27.91 -0.81
C THR B 4 -18.62 -27.69 -0.11
N SER B 5 -17.54 -27.84 -0.87
CA SER B 5 -16.21 -27.64 -0.33
C SER B 5 -15.83 -26.18 -0.42
N VAL B 6 -15.02 -25.72 0.52
CA VAL B 6 -14.58 -24.34 0.52
C VAL B 6 -13.25 -24.24 -0.23
N ALA B 7 -13.11 -23.22 -1.05
CA ALA B 7 -11.91 -23.06 -1.85
C ALA B 7 -11.03 -21.94 -1.31
N THR B 8 -9.74 -22.19 -1.25
CA THR B 8 -8.78 -21.19 -0.86
C THR B 8 -8.35 -20.40 -2.09
N GLN B 9 -8.22 -19.09 -1.94
CA GLN B 9 -7.79 -18.25 -3.03
C GLN B 9 -6.27 -18.29 -3.11
N CYS B 10 -5.73 -17.96 -4.26
CA CYS B 10 -4.29 -17.97 -4.42
C CYS B 10 -3.76 -16.55 -4.34
N ASP B 11 -2.72 -16.37 -3.55
CA ASP B 11 -2.12 -15.07 -3.33
C ASP B 11 -0.66 -15.11 -3.73
N PRO B 12 -0.12 -13.98 -4.21
CA PRO B 12 1.29 -13.88 -4.53
C PRO B 12 2.13 -13.66 -3.28
N GLU B 13 3.38 -13.29 -3.47
CA GLU B 13 4.28 -13.05 -2.35
C GLU B 13 3.75 -11.94 -1.45
N GLU B 14 3.92 -12.11 -0.14
CA GLU B 14 3.41 -11.13 0.81
C GLU B 14 4.34 -9.94 0.97
N ILE B 15 3.74 -8.77 0.96
CA ILE B 15 4.43 -7.52 1.24
C ILE B 15 3.73 -6.83 2.40
N ILE B 16 4.50 -6.27 3.33
CA ILE B 16 3.93 -5.62 4.50
C ILE B 16 3.59 -4.16 4.24
N VAL B 17 2.88 -3.55 5.19
CA VAL B 17 2.47 -2.17 5.07
C VAL B 17 3.10 -1.33 6.17
N LEU B 18 3.14 -0.02 5.92
CA LEU B 18 3.64 0.96 6.86
C LEU B 18 2.60 1.33 7.92
N SER B 19 3.03 2.08 8.92
CA SER B 19 2.17 2.43 10.04
C SER B 19 1.34 3.68 9.72
N ASP B 20 0.38 3.97 10.59
CA ASP B 20 -0.66 4.96 10.31
C ASP B 20 -0.16 6.40 10.40
N SER B 21 -0.74 7.23 9.55
CA SER B 21 -0.46 8.66 9.50
C SER B 21 -1.65 9.46 10.05
N ASP B 22 -1.39 10.70 10.46
CA ASP B 22 -2.42 11.60 10.99
C ASP B 22 -2.91 11.15 12.37
#